data_4H8S
#
_entry.id   4H8S
#
_cell.length_a   97.960
_cell.length_b   208.013
_cell.length_c   218.359
_cell.angle_alpha   90.00
_cell.angle_beta   90.00
_cell.angle_gamma   90.00
#
_symmetry.space_group_name_H-M   'P 21 21 21'
#
_entity_poly.entity_id   1
_entity_poly.type   'polypeptide(L)'
_entity_poly.pdbx_seq_one_letter_code
;MHHHHHHSSGVDLGTENLYFQSNAPAVDKLLLEEALQDSPQTRSLLSVFEEDAGTLTDYTNQLLQAMQRVYGAQNEMCLA
TQQLSKQLLAYEKQNFALGKGDEEVISTLHYFSKVVDELNLLHTELAKQLADTMVLPIIQFREKDLTEVSTLKDLFGLAS
NEHDLSMAKYSRLPKKKENEKVKTEVGKEVAAARRKQHLSSLQYYCALNALQYRKQMAMMEPMIGFAHGQINFFKKGAEM
FSKRMDSFLSSVADMVQSIQVELEAEAEKMRVSQQELLSVDESVYTPDSDVAAPQINRNLIQKAGYLNLRNKTGLVTTTW
ERLYFFTQGGNLMCQPRGAVAGGLIQDLDNCSVMAVDCEDRRYCFQITTPNGKSGIILQAESRKENEEWICAINNISRQI
YLTDNPE
;
_entity_poly.pdbx_strand_id   A,B,C,D
#
# COMPACT_ATOMS: atom_id res chain seq x y z
N TYR A 19 64.67 39.52 -10.64
CA TYR A 19 63.47 38.73 -11.09
C TYR A 19 63.88 37.33 -11.52
N PHE A 20 62.87 36.56 -11.93
CA PHE A 20 63.07 35.16 -12.32
C PHE A 20 62.84 35.00 -13.81
N GLN A 21 63.70 34.23 -14.47
CA GLN A 21 63.59 33.97 -15.90
C GLN A 21 63.46 32.47 -16.17
N SER A 22 62.76 32.13 -17.26
CA SER A 22 62.50 30.74 -17.64
C SER A 22 63.74 29.84 -17.54
N ASN A 23 63.52 28.57 -17.20
CA ASN A 23 64.58 27.61 -17.02
C ASN A 23 64.40 26.37 -17.90
N ALA A 24 65.50 25.69 -18.19
CA ALA A 24 65.46 24.37 -18.80
C ALA A 24 65.09 23.33 -17.72
N PRO A 25 63.92 22.66 -17.85
CA PRO A 25 63.40 21.73 -16.83
C PRO A 25 64.37 20.64 -16.32
N ALA A 26 63.88 19.80 -15.42
CA ALA A 26 64.71 18.77 -14.82
C ALA A 26 63.90 17.75 -14.02
N VAL A 27 64.36 16.51 -14.04
CA VAL A 27 63.82 15.45 -13.20
C VAL A 27 65.01 14.76 -12.56
N ASP A 28 64.84 14.24 -11.34
CA ASP A 28 65.98 13.80 -10.56
C ASP A 28 66.36 12.34 -10.76
N LYS A 29 67.64 12.10 -11.08
CA LYS A 29 68.12 10.76 -11.42
C LYS A 29 69.52 10.51 -10.88
N LEU A 30 69.77 9.25 -10.52
CA LEU A 30 71.11 8.78 -10.18
C LEU A 30 71.75 8.26 -11.46
N LEU A 31 72.95 8.75 -11.76
CA LEU A 31 73.53 8.62 -13.09
C LEU A 31 73.86 7.21 -13.57
N LEU A 32 73.95 6.25 -12.65
CA LEU A 32 74.21 4.84 -13.01
C LEU A 32 75.66 4.56 -13.43
N GLU A 33 76.19 5.36 -14.35
CA GLU A 33 77.58 5.23 -14.78
C GLU A 33 78.56 5.37 -13.61
N GLU A 34 78.14 6.09 -12.57
CA GLU A 34 78.98 6.32 -11.39
C GLU A 34 78.48 5.52 -10.19
N ALA A 35 78.16 4.25 -10.45
CA ALA A 35 77.80 3.30 -9.41
C ALA A 35 78.99 2.41 -9.11
N LEU A 36 79.67 1.95 -10.15
CA LEU A 36 80.95 1.25 -10.02
C LEU A 36 81.94 2.12 -9.26
N GLN A 37 81.97 3.40 -9.58
CA GLN A 37 82.89 4.34 -8.93
C GLN A 37 82.56 4.49 -7.46
N ASP A 38 81.28 4.61 -7.16
CA ASP A 38 80.80 4.71 -5.78
C ASP A 38 81.52 5.83 -5.04
N SER A 39 81.59 7.00 -5.67
CA SER A 39 82.21 8.15 -5.03
C SER A 39 81.32 8.60 -3.89
N PRO A 40 81.92 9.15 -2.82
CA PRO A 40 81.12 9.53 -1.65
C PRO A 40 80.13 10.63 -2.00
N GLN A 41 80.48 11.42 -3.02
CA GLN A 41 79.63 12.51 -3.50
C GLN A 41 78.42 11.96 -4.26
N THR A 42 78.55 10.77 -4.85
CA THR A 42 77.41 10.07 -5.40
C THR A 42 76.54 9.58 -4.26
N ARG A 43 77.19 9.00 -3.26
CA ARG A 43 76.48 8.40 -2.15
C ARG A 43 75.78 9.45 -1.29
N SER A 44 76.19 10.71 -1.41
CA SER A 44 75.51 11.80 -0.72
C SER A 44 74.13 12.08 -1.33
N LEU A 45 74.08 12.16 -2.65
CA LEU A 45 72.82 12.30 -3.36
C LEU A 45 71.91 11.10 -3.06
N LEU A 46 72.51 9.93 -2.90
CA LEU A 46 71.74 8.74 -2.59
C LEU A 46 71.02 8.91 -1.25
N SER A 47 71.69 9.54 -0.30
CA SER A 47 71.13 9.76 1.03
C SER A 47 69.92 10.69 0.99
N VAL A 48 69.95 11.68 0.10
CA VAL A 48 68.83 12.62 0.02
C VAL A 48 67.68 11.90 -0.65
N PHE A 49 68.00 11.08 -1.66
CA PHE A 49 67.01 10.28 -2.36
C PHE A 49 66.23 9.41 -1.39
N GLU A 50 66.97 8.81 -0.44
CA GLU A 50 66.38 7.97 0.59
C GLU A 50 65.47 8.79 1.50
N GLU A 51 65.94 9.96 1.89
CA GLU A 51 65.20 10.82 2.80
C GLU A 51 63.87 11.27 2.18
N ASP A 52 63.90 11.53 0.87
CA ASP A 52 62.70 11.87 0.13
C ASP A 52 61.72 10.70 0.18
N ALA A 53 62.22 9.53 -0.19
CA ALA A 53 61.42 8.31 -0.13
C ALA A 53 60.86 8.14 1.28
N GLY A 54 61.64 8.55 2.28
CA GLY A 54 61.24 8.44 3.67
C GLY A 54 59.93 9.16 3.97
N THR A 55 59.95 10.47 3.84
CA THR A 55 58.77 11.27 4.13
C THR A 55 57.59 10.86 3.24
N LEU A 56 57.89 10.35 2.05
CA LEU A 56 56.86 9.89 1.14
C LEU A 56 56.11 8.68 1.68
N THR A 57 56.85 7.63 2.07
CA THR A 57 56.24 6.44 2.68
C THR A 57 55.43 6.82 3.91
N ASP A 58 55.92 7.80 4.66
CA ASP A 58 55.17 8.30 5.81
C ASP A 58 53.84 8.87 5.36
N TYR A 59 53.86 9.63 4.26
CA TYR A 59 52.66 10.29 3.77
C TYR A 59 51.65 9.32 3.18
N THR A 60 52.11 8.43 2.31
CA THR A 60 51.22 7.48 1.64
C THR A 60 50.55 6.57 2.68
N ASN A 61 51.24 6.30 3.76
CA ASN A 61 50.62 5.62 4.89
C ASN A 61 49.50 6.49 5.44
N GLN A 62 49.84 7.74 5.74
CA GLN A 62 48.90 8.68 6.35
C GLN A 62 47.67 8.88 5.48
N LEU A 63 47.86 8.82 4.17
CA LEU A 63 46.79 9.07 3.21
C LEU A 63 45.98 7.81 2.98
N LEU A 64 46.68 6.69 2.79
CA LEU A 64 46.04 5.40 2.60
C LEU A 64 45.03 5.16 3.72
N GLN A 65 45.44 5.46 4.95
CA GLN A 65 44.57 5.36 6.11
C GLN A 65 43.27 6.12 5.88
N ALA A 66 43.38 7.35 5.38
CA ALA A 66 42.22 8.19 5.13
C ALA A 66 41.30 7.62 4.06
N MET A 67 41.90 7.11 2.98
CA MET A 67 41.13 6.58 1.87
C MET A 67 40.45 5.25 2.23
N GLN A 68 41.01 4.56 3.23
CA GLN A 68 40.37 3.34 3.71
C GLN A 68 39.22 3.65 4.68
N ARG A 69 39.24 4.85 5.26
CA ARG A 69 38.15 5.25 6.13
C ARG A 69 36.92 5.70 5.34
N VAL A 70 37.13 6.31 4.18
CA VAL A 70 35.98 6.65 3.33
C VAL A 70 35.41 5.38 2.73
N TYR A 71 36.27 4.42 2.40
CA TYR A 71 35.77 3.12 2.01
C TYR A 71 35.05 2.47 3.18
N GLY A 72 35.54 2.70 4.39
CA GLY A 72 34.85 2.26 5.59
C GLY A 72 33.44 2.80 5.64
N ALA A 73 33.32 4.13 5.68
CA ALA A 73 32.01 4.78 5.76
C ALA A 73 31.09 4.34 4.63
N GLN A 74 31.67 3.93 3.51
CA GLN A 74 30.88 3.48 2.36
C GLN A 74 30.37 2.06 2.56
N ASN A 75 31.32 1.14 2.80
CA ASN A 75 30.99 -0.26 3.04
C ASN A 75 30.04 -0.43 4.22
N GLU A 76 30.12 0.48 5.19
CA GLU A 76 29.24 0.41 6.35
C GLU A 76 27.84 0.86 5.95
N MET A 77 27.78 1.95 5.19
CA MET A 77 26.51 2.45 4.68
C MET A 77 25.77 1.35 3.89
N CYS A 78 26.52 0.51 3.19
CA CYS A 78 25.91 -0.60 2.44
C CYS A 78 25.12 -1.52 3.37
N LEU A 79 25.69 -1.79 4.54
CA LEU A 79 25.02 -2.64 5.52
C LEU A 79 23.88 -1.90 6.19
N ALA A 80 24.11 -0.62 6.48
CA ALA A 80 23.15 0.18 7.23
C ALA A 80 21.80 0.25 6.50
N THR A 81 21.87 0.39 5.18
CA THR A 81 20.66 0.39 4.36
C THR A 81 20.08 -1.01 4.26
N GLN A 82 20.96 -1.98 3.99
CA GLN A 82 20.58 -3.38 3.89
C GLN A 82 19.75 -3.81 5.09
N GLN A 83 20.12 -3.32 6.27
CA GLN A 83 19.44 -3.70 7.50
C GLN A 83 18.15 -2.92 7.67
N LEU A 84 18.15 -1.66 7.25
CA LEU A 84 16.97 -0.81 7.39
C LEU A 84 15.75 -1.41 6.72
N SER A 85 15.92 -1.85 5.48
CA SER A 85 14.80 -2.40 4.71
C SER A 85 14.27 -3.67 5.34
N LYS A 86 15.19 -4.51 5.83
CA LYS A 86 14.82 -5.74 6.51
C LYS A 86 13.85 -5.45 7.67
N GLN A 87 14.04 -4.30 8.31
CA GLN A 87 13.13 -3.86 9.37
C GLN A 87 11.85 -3.22 8.82
N LEU A 88 11.94 -2.52 7.68
CA LEU A 88 10.75 -2.03 7.01
C LEU A 88 9.86 -3.20 6.59
N LEU A 89 10.50 -4.32 6.27
CA LEU A 89 9.79 -5.52 5.82
C LEU A 89 9.36 -6.43 6.98
N ALA A 90 9.80 -6.11 8.18
CA ALA A 90 9.43 -6.90 9.35
C ALA A 90 8.12 -6.44 9.99
N TYR A 91 7.57 -5.32 9.51
CA TYR A 91 6.31 -4.82 10.05
C TYR A 91 5.17 -5.78 9.71
N GLU A 92 5.22 -6.36 8.52
CA GLU A 92 4.19 -7.29 8.08
C GLU A 92 4.29 -8.67 8.74
N LYS A 93 5.28 -8.87 9.61
CA LYS A 93 5.49 -10.17 10.26
C LYS A 93 5.11 -10.17 11.74
N GLN A 94 4.52 -9.08 12.23
CA GLN A 94 4.08 -9.00 13.61
C GLN A 94 2.55 -9.12 13.65
N ASN A 95 2.02 -9.83 14.64
CA ASN A 95 0.59 -9.91 14.83
C ASN A 95 0.00 -8.58 15.30
N PHE A 96 -1.11 -8.17 14.69
CA PHE A 96 -1.76 -6.91 15.05
C PHE A 96 -3.30 -7.01 15.00
N ALA A 97 -3.98 -5.92 15.36
CA ALA A 97 -5.43 -5.87 15.31
C ALA A 97 -5.95 -5.91 13.87
N ASP A 102 -3.64 -0.68 9.44
CA ASP A 102 -2.32 -0.64 8.81
C ASP A 102 -2.38 -1.15 7.38
N GLU A 103 -3.49 -0.88 6.70
CA GLU A 103 -3.73 -1.43 5.38
C GLU A 103 -2.79 -0.78 4.37
N GLU A 104 -2.89 0.55 4.28
CA GLU A 104 -2.05 1.33 3.38
C GLU A 104 -0.64 1.50 3.93
N VAL A 105 -0.44 1.23 5.22
CA VAL A 105 0.89 1.33 5.81
C VAL A 105 1.85 0.30 5.20
N ILE A 106 1.37 -0.93 5.07
CA ILE A 106 2.18 -2.00 4.51
C ILE A 106 2.54 -1.68 3.05
N SER A 107 1.56 -1.20 2.29
CA SER A 107 1.76 -0.94 0.86
C SER A 107 2.84 0.11 0.61
N THR A 108 3.05 1.01 1.57
CA THR A 108 4.09 2.03 1.46
C THR A 108 5.43 1.51 1.96
N LEU A 109 5.43 0.87 3.13
CA LEU A 109 6.66 0.28 3.66
C LEU A 109 7.37 -0.63 2.66
N HIS A 110 6.60 -1.28 1.80
CA HIS A 110 7.18 -2.07 0.71
C HIS A 110 7.83 -1.15 -0.32
N TYR A 111 7.15 -0.05 -0.64
CA TYR A 111 7.70 0.93 -1.57
C TYR A 111 9.00 1.51 -1.02
N PHE A 112 8.95 2.02 0.20
CA PHE A 112 10.12 2.61 0.81
C PHE A 112 11.22 1.59 1.03
N SER A 113 10.86 0.31 1.13
CA SER A 113 11.86 -0.74 1.16
C SER A 113 12.54 -0.86 -0.20
N LYS A 114 11.76 -0.89 -1.28
CA LYS A 114 12.33 -0.96 -2.62
C LYS A 114 13.35 0.14 -2.81
N VAL A 115 13.02 1.35 -2.36
CA VAL A 115 13.90 2.49 -2.52
C VAL A 115 15.22 2.27 -1.79
N VAL A 116 15.15 1.59 -0.63
CA VAL A 116 16.33 1.35 0.20
C VAL A 116 17.20 0.19 -0.32
N ASP A 117 16.57 -0.89 -0.77
CA ASP A 117 17.30 -2.01 -1.37
C ASP A 117 17.95 -1.55 -2.66
N GLU A 118 17.26 -0.66 -3.36
CA GLU A 118 17.74 -0.15 -4.63
C GLU A 118 18.87 0.82 -4.37
N LEU A 119 18.71 1.67 -3.36
CA LEU A 119 19.76 2.61 -2.98
C LEU A 119 21.01 1.84 -2.57
N ASN A 120 20.82 0.87 -1.69
CA ASN A 120 21.90 -0.01 -1.25
C ASN A 120 22.76 -0.48 -2.41
N LEU A 121 22.10 -0.99 -3.45
CA LEU A 121 22.80 -1.48 -4.62
C LEU A 121 23.76 -0.42 -5.17
N LEU A 122 23.36 0.84 -5.12
CA LEU A 122 24.21 1.93 -5.60
C LEU A 122 25.43 2.12 -4.71
N HIS A 123 25.19 2.17 -3.40
CA HIS A 123 26.29 2.30 -2.45
C HIS A 123 27.23 1.11 -2.53
N THR A 124 26.69 -0.06 -2.89
CA THR A 124 27.49 -1.25 -3.05
C THR A 124 28.28 -1.18 -4.35
N GLU A 125 27.65 -0.67 -5.40
CA GLU A 125 28.33 -0.55 -6.69
C GLU A 125 29.43 0.49 -6.54
N LEU A 126 29.20 1.50 -5.71
CA LEU A 126 30.23 2.51 -5.48
C LEU A 126 31.38 1.90 -4.71
N ALA A 127 31.09 1.42 -3.50
CA ALA A 127 32.08 0.81 -2.62
C ALA A 127 33.05 -0.05 -3.43
N LYS A 128 32.51 -0.96 -4.22
CA LYS A 128 33.31 -1.81 -5.09
C LYS A 128 34.28 -1.00 -5.93
N GLN A 129 33.76 -0.07 -6.72
CA GLN A 129 34.58 0.70 -7.65
C GLN A 129 35.58 1.57 -6.89
N LEU A 130 35.10 2.22 -5.84
CA LEU A 130 35.95 2.93 -4.89
C LEU A 130 37.20 2.13 -4.56
N ALA A 131 37.02 0.87 -4.17
CA ALA A 131 38.15 0.05 -3.73
C ALA A 131 39.08 -0.33 -4.88
N ASP A 132 38.51 -0.64 -6.04
CA ASP A 132 39.30 -1.10 -7.19
C ASP A 132 40.03 0.03 -7.93
N THR A 133 39.47 1.22 -7.91
CA THR A 133 39.98 2.33 -8.72
C THR A 133 40.65 3.44 -7.91
N MET A 134 40.62 3.35 -6.58
CA MET A 134 41.17 4.40 -5.73
C MET A 134 42.01 3.88 -4.56
N VAL A 135 41.46 2.95 -3.77
CA VAL A 135 42.24 2.37 -2.69
C VAL A 135 43.34 1.47 -3.23
N LEU A 136 43.05 0.75 -4.32
CA LEU A 136 43.99 -0.20 -4.89
C LEU A 136 45.31 0.44 -5.32
N PRO A 137 45.28 1.46 -6.20
CA PRO A 137 46.55 2.03 -6.69
C PRO A 137 47.50 2.55 -5.61
N ILE A 138 46.98 2.88 -4.42
CA ILE A 138 47.83 3.30 -3.31
C ILE A 138 48.39 2.09 -2.56
N ILE A 139 47.55 1.09 -2.31
CA ILE A 139 48.01 -0.11 -1.61
C ILE A 139 49.17 -0.74 -2.38
N GLN A 140 48.95 -1.03 -3.66
CA GLN A 140 49.98 -1.60 -4.51
C GLN A 140 51.23 -0.73 -4.49
N PHE A 141 51.03 0.58 -4.51
CA PHE A 141 52.13 1.53 -4.48
C PHE A 141 52.96 1.34 -3.20
N ARG A 142 52.28 1.29 -2.05
CA ARG A 142 52.97 1.14 -0.77
C ARG A 142 53.54 -0.26 -0.56
N GLU A 143 52.90 -1.26 -1.17
CA GLU A 143 53.24 -2.65 -0.89
C GLU A 143 54.11 -3.32 -1.96
N LYS A 144 54.28 -2.69 -3.11
CA LYS A 144 55.15 -3.22 -4.16
C LYS A 144 56.25 -2.23 -4.53
N ASP A 145 55.86 -1.00 -4.84
CA ASP A 145 56.82 0.00 -5.30
C ASP A 145 57.67 0.56 -4.15
N LEU A 146 57.03 1.01 -3.08
CA LEU A 146 57.77 1.53 -1.92
C LEU A 146 58.46 0.40 -1.17
N THR A 147 57.86 -0.78 -1.18
CA THR A 147 58.43 -1.93 -0.50
C THR A 147 59.69 -2.40 -1.21
N GLU A 148 59.64 -2.37 -2.54
CA GLU A 148 60.81 -2.76 -3.34
C GLU A 148 62.02 -1.89 -3.02
N VAL A 149 61.79 -0.61 -2.77
CA VAL A 149 62.87 0.29 -2.39
C VAL A 149 63.56 -0.22 -1.14
N SER A 150 62.79 -0.41 -0.08
CA SER A 150 63.36 -0.84 1.19
C SER A 150 64.06 -2.18 1.04
N THR A 151 63.50 -3.05 0.20
CA THR A 151 64.09 -4.34 -0.04
C THR A 151 65.48 -4.16 -0.63
N LEU A 152 65.57 -3.33 -1.67
CA LEU A 152 66.82 -3.11 -2.38
C LEU A 152 67.80 -2.28 -1.57
N LYS A 153 67.29 -1.46 -0.64
CA LYS A 153 68.15 -0.64 0.21
C LYS A 153 68.88 -1.54 1.21
N ASP A 154 68.11 -2.29 1.99
CA ASP A 154 68.68 -3.21 2.97
C ASP A 154 69.62 -4.20 2.30
N LEU A 155 69.25 -4.61 1.08
CA LEU A 155 70.06 -5.56 0.31
C LEU A 155 71.34 -4.88 -0.17
N PHE A 156 71.20 -3.65 -0.67
CA PHE A 156 72.33 -2.91 -1.21
C PHE A 156 73.38 -2.65 -0.13
N GLY A 157 72.95 -1.97 0.92
CA GLY A 157 73.83 -1.68 2.05
C GLY A 157 74.49 -2.93 2.60
N LEU A 158 73.80 -4.06 2.50
CA LEU A 158 74.37 -5.33 2.95
C LEU A 158 75.58 -5.68 2.10
N ALA A 159 75.40 -5.71 0.78
CA ALA A 159 76.48 -6.05 -0.14
C ALA A 159 77.64 -5.08 -0.02
N SER A 160 77.34 -3.83 0.32
CA SER A 160 78.38 -2.82 0.52
C SER A 160 79.16 -3.11 1.79
N ASN A 161 78.44 -3.48 2.85
CA ASN A 161 79.05 -3.89 4.11
C ASN A 161 79.97 -5.09 3.89
N GLU A 162 79.52 -6.02 3.04
CA GLU A 162 80.31 -7.19 2.69
C GLU A 162 81.59 -6.77 1.98
N HIS A 163 81.43 -5.86 1.02
CA HIS A 163 82.57 -5.38 0.25
C HIS A 163 83.60 -4.68 1.13
N ASP A 164 83.14 -3.95 2.14
CA ASP A 164 84.05 -3.24 3.04
C ASP A 164 84.94 -4.22 3.79
N LEU A 165 84.32 -5.26 4.35
CA LEU A 165 85.04 -6.29 5.10
C LEU A 165 85.92 -7.12 4.16
N SER A 166 85.60 -7.12 2.87
CA SER A 166 86.40 -7.79 1.87
C SER A 166 87.68 -7.00 1.57
N MET A 167 87.57 -5.68 1.49
CA MET A 167 88.72 -4.82 1.27
C MET A 167 89.69 -4.95 2.45
N ALA A 168 89.14 -5.24 3.63
CA ALA A 168 89.96 -5.39 4.82
C ALA A 168 90.97 -6.53 4.64
N LYS A 169 90.47 -7.72 4.33
CA LYS A 169 91.33 -8.89 4.16
C LYS A 169 92.44 -8.64 3.14
N TYR A 170 92.05 -8.05 2.01
CA TYR A 170 93.01 -7.74 0.95
C TYR A 170 94.11 -6.80 1.44
N SER A 171 93.75 -5.88 2.33
CA SER A 171 94.68 -4.89 2.83
C SER A 171 95.69 -5.48 3.82
N ARG A 172 95.27 -6.52 4.55
CA ARG A 172 96.13 -7.16 5.54
C ARG A 172 97.21 -8.06 4.93
N LEU A 173 97.06 -8.40 3.65
CA LEU A 173 98.01 -9.30 2.99
C LEU A 173 99.44 -8.77 3.08
N PRO A 174 100.39 -9.66 3.40
CA PRO A 174 101.78 -9.22 3.61
C PRO A 174 102.50 -8.84 2.31
N LYS A 175 103.34 -7.81 2.40
CA LYS A 175 104.16 -7.41 1.27
C LYS A 175 105.29 -8.41 1.09
N LYS A 176 105.83 -8.91 2.20
CA LYS A 176 106.85 -9.95 2.15
C LYS A 176 106.66 -10.93 3.31
N LYS A 177 106.83 -12.24 3.09
CA LYS A 177 107.03 -12.85 1.78
C LYS A 177 105.66 -13.21 1.22
N GLU A 178 105.31 -12.65 0.06
CA GLU A 178 103.95 -12.78 -0.46
C GLU A 178 103.63 -14.20 -0.92
N ASN A 179 102.42 -14.65 -0.58
CA ASN A 179 101.92 -15.96 -1.00
C ASN A 179 101.09 -15.81 -2.27
N GLU A 180 101.66 -16.23 -3.40
CA GLU A 180 101.01 -16.02 -4.69
C GLU A 180 99.69 -16.79 -4.81
N LYS A 181 99.49 -17.81 -3.98
CA LYS A 181 98.25 -18.56 -3.99
C LYS A 181 97.20 -17.86 -3.13
N VAL A 182 97.59 -17.46 -1.93
CA VAL A 182 96.68 -16.77 -1.01
C VAL A 182 96.24 -15.44 -1.61
N LYS A 183 97.18 -14.79 -2.30
CA LYS A 183 96.94 -13.47 -2.89
C LYS A 183 95.89 -13.54 -3.99
N THR A 184 95.98 -14.58 -4.82
CA THR A 184 95.05 -14.73 -5.93
C THR A 184 93.67 -15.13 -5.41
N GLU A 185 93.64 -15.89 -4.33
CA GLU A 185 92.38 -16.31 -3.72
C GLU A 185 91.58 -15.12 -3.20
N VAL A 186 92.25 -14.21 -2.49
CA VAL A 186 91.57 -13.05 -1.90
C VAL A 186 91.18 -12.02 -2.96
N GLY A 187 91.99 -11.89 -4.01
CA GLY A 187 91.65 -11.02 -5.12
C GLY A 187 90.31 -11.43 -5.72
N LYS A 188 90.11 -12.74 -5.88
CA LYS A 188 88.86 -13.26 -6.40
C LYS A 188 87.70 -12.98 -5.44
N GLU A 189 87.97 -12.97 -4.14
CA GLU A 189 86.95 -12.61 -3.16
C GLU A 189 86.51 -11.16 -3.32
N VAL A 190 87.44 -10.29 -3.71
CA VAL A 190 87.15 -8.89 -3.96
C VAL A 190 86.39 -8.69 -5.27
N ALA A 191 86.64 -9.54 -6.26
CA ALA A 191 85.89 -9.49 -7.50
C ALA A 191 84.39 -9.61 -7.19
N ALA A 192 83.99 -10.72 -6.56
CA ALA A 192 82.63 -10.86 -6.06
C ALA A 192 82.48 -9.89 -4.90
N ALA A 193 81.26 -9.69 -4.42
CA ALA A 193 80.96 -8.68 -3.41
C ALA A 193 81.12 -7.25 -3.95
N ARG A 194 82.23 -6.97 -4.62
CA ARG A 194 82.36 -5.76 -5.43
C ARG A 194 81.40 -5.82 -6.62
N ARG A 195 81.35 -6.98 -7.27
CA ARG A 195 80.37 -7.21 -8.31
C ARG A 195 78.99 -7.16 -7.68
N LYS A 196 78.84 -7.84 -6.55
CA LYS A 196 77.56 -7.86 -5.84
C LYS A 196 77.11 -6.44 -5.50
N GLN A 197 78.05 -5.59 -5.08
CA GLN A 197 77.71 -4.22 -4.71
C GLN A 197 77.28 -3.46 -5.94
N HIS A 198 78.15 -3.46 -6.95
CA HIS A 198 77.89 -2.78 -8.20
C HIS A 198 76.53 -3.16 -8.76
N LEU A 199 76.22 -4.44 -8.69
CA LEU A 199 74.98 -4.97 -9.25
C LEU A 199 73.78 -4.52 -8.44
N SER A 200 73.86 -4.67 -7.13
CA SER A 200 72.74 -4.28 -6.26
C SER A 200 72.55 -2.77 -6.25
N SER A 201 73.61 -2.02 -6.57
CA SER A 201 73.55 -0.58 -6.57
C SER A 201 72.86 -0.07 -7.83
N LEU A 202 73.07 -0.76 -8.95
CA LEU A 202 72.42 -0.39 -10.20
C LEU A 202 70.92 -0.67 -10.08
N GLN A 203 70.59 -1.79 -9.44
CA GLN A 203 69.20 -2.18 -9.24
C GLN A 203 68.51 -1.24 -8.25
N TYR A 204 69.25 -0.79 -7.24
CA TYR A 204 68.69 0.08 -6.23
C TYR A 204 68.48 1.49 -6.78
N TYR A 205 69.40 1.94 -7.62
CA TYR A 205 69.30 3.27 -8.21
C TYR A 205 68.15 3.30 -9.20
N CYS A 206 68.20 2.41 -10.19
CA CYS A 206 67.16 2.30 -11.21
C CYS A 206 65.77 2.34 -10.58
N ALA A 207 65.65 1.69 -9.43
CA ALA A 207 64.38 1.68 -8.71
C ALA A 207 64.03 3.10 -8.29
N LEU A 208 64.94 3.77 -7.61
CA LEU A 208 64.68 5.10 -7.08
C LEU A 208 64.37 6.10 -8.19
N ASN A 209 65.05 5.97 -9.32
CA ASN A 209 64.79 6.85 -10.45
C ASN A 209 63.38 6.66 -10.97
N ALA A 210 63.01 5.40 -11.14
CA ALA A 210 61.67 5.05 -11.60
C ALA A 210 60.62 5.59 -10.63
N LEU A 211 60.94 5.55 -9.34
CA LEU A 211 59.99 5.96 -8.31
C LEU A 211 59.60 7.43 -8.44
N GLN A 212 60.52 8.24 -8.95
CA GLN A 212 60.22 9.65 -9.12
C GLN A 212 58.98 9.82 -10.01
N TYR A 213 58.84 8.94 -11.00
CA TYR A 213 57.71 9.00 -11.92
C TYR A 213 56.47 8.30 -11.34
N ARG A 214 56.67 7.14 -10.73
CA ARG A 214 55.56 6.41 -10.10
C ARG A 214 54.87 7.26 -9.04
N LYS A 215 55.66 8.06 -8.33
CA LYS A 215 55.11 8.92 -7.29
C LYS A 215 53.98 9.77 -7.84
N GLN A 216 54.26 10.52 -8.89
CA GLN A 216 53.31 11.46 -9.46
C GLN A 216 52.03 10.73 -9.85
N MET A 217 52.17 9.68 -10.65
CA MET A 217 51.02 8.92 -11.15
C MET A 217 50.20 8.39 -9.99
N ALA A 218 50.87 7.74 -9.04
CA ALA A 218 50.19 7.10 -7.93
C ALA A 218 49.68 8.08 -6.87
N MET A 219 49.75 9.38 -7.16
CA MET A 219 49.16 10.39 -6.28
C MET A 219 47.86 10.96 -6.84
N MET A 220 47.84 11.14 -8.15
CA MET A 220 46.73 11.81 -8.82
C MET A 220 45.77 10.77 -9.43
N GLU A 221 46.33 9.68 -9.95
CA GLU A 221 45.53 8.59 -10.51
C GLU A 221 44.55 7.96 -9.50
N PRO A 222 44.99 7.70 -8.27
CA PRO A 222 44.08 7.10 -7.28
C PRO A 222 42.80 7.91 -7.12
N MET A 223 42.93 9.23 -7.14
CA MET A 223 41.80 10.10 -6.93
C MET A 223 40.86 10.19 -8.14
N ILE A 224 41.39 9.98 -9.34
CA ILE A 224 40.57 9.97 -10.54
C ILE A 224 39.47 8.91 -10.45
N GLY A 225 39.87 7.67 -10.18
CA GLY A 225 38.93 6.57 -10.10
C GLY A 225 37.80 6.84 -9.13
N PHE A 226 38.13 7.50 -8.03
CA PHE A 226 37.14 7.87 -7.02
C PHE A 226 36.14 8.89 -7.54
N ALA A 227 36.61 9.83 -8.34
CA ALA A 227 35.71 10.80 -8.96
C ALA A 227 34.77 10.11 -9.94
N HIS A 228 35.32 9.17 -10.71
CA HIS A 228 34.52 8.42 -11.69
C HIS A 228 33.40 7.65 -11.02
N GLY A 229 33.73 6.95 -9.94
CA GLY A 229 32.72 6.22 -9.17
C GLY A 229 31.63 7.16 -8.68
N GLN A 230 32.02 8.36 -8.28
CA GLN A 230 31.08 9.34 -7.74
C GLN A 230 30.26 10.04 -8.82
N ILE A 231 30.68 9.97 -10.08
CA ILE A 231 29.85 10.49 -11.16
C ILE A 231 28.77 9.46 -11.48
N ASN A 232 29.18 8.22 -11.72
CA ASN A 232 28.24 7.13 -11.99
C ASN A 232 27.26 6.94 -10.84
N PHE A 233 27.72 7.21 -9.62
CA PHE A 233 26.90 7.04 -8.43
C PHE A 233 25.79 8.08 -8.38
N PHE A 234 26.12 9.34 -8.68
CA PHE A 234 25.15 10.43 -8.65
C PHE A 234 24.29 10.45 -9.92
N LYS A 235 24.86 10.01 -11.03
CA LYS A 235 24.15 10.01 -12.31
C LYS A 235 23.10 8.91 -12.31
N LYS A 236 23.49 7.72 -11.89
CA LYS A 236 22.59 6.59 -11.79
C LYS A 236 21.58 6.79 -10.66
N GLY A 237 21.95 7.59 -9.65
CA GLY A 237 21.08 7.83 -8.51
C GLY A 237 20.15 9.03 -8.68
N ALA A 238 20.51 9.95 -9.56
CA ALA A 238 19.65 11.11 -9.82
C ALA A 238 18.42 10.71 -10.63
N GLU A 239 18.61 9.77 -11.56
CA GLU A 239 17.51 9.23 -12.35
C GLU A 239 16.53 8.53 -11.43
N MET A 240 17.08 7.60 -10.66
CA MET A 240 16.35 6.82 -9.66
C MET A 240 15.44 7.64 -8.77
N PHE A 241 15.98 8.70 -8.17
CA PHE A 241 15.23 9.58 -7.29
C PHE A 241 14.68 10.76 -8.10
N SER A 242 13.67 10.48 -8.92
CA SER A 242 13.16 11.42 -9.90
C SER A 242 12.02 12.28 -9.39
N LYS A 243 11.50 13.13 -10.26
CA LYS A 243 10.29 13.90 -9.96
C LYS A 243 9.02 13.04 -10.04
N ARG A 244 9.13 11.86 -10.63
CA ARG A 244 8.02 10.91 -10.61
C ARG A 244 7.84 10.39 -9.19
N MET A 245 8.96 10.04 -8.56
CA MET A 245 8.97 9.68 -7.15
C MET A 245 8.51 10.87 -6.31
N ASP A 246 8.93 12.07 -6.71
CA ASP A 246 8.58 13.28 -5.98
C ASP A 246 7.08 13.52 -5.95
N SER A 247 6.43 13.38 -7.11
CA SER A 247 4.99 13.58 -7.21
C SER A 247 4.22 12.44 -6.54
N PHE A 248 4.84 11.27 -6.46
CA PHE A 248 4.27 10.15 -5.72
C PHE A 248 4.31 10.40 -4.23
N LEU A 249 5.45 10.90 -3.74
CA LEU A 249 5.60 11.22 -2.33
C LEU A 249 4.54 12.23 -1.89
N SER A 250 4.13 13.10 -2.81
CA SER A 250 3.07 14.06 -2.53
C SER A 250 1.75 13.35 -2.21
N SER A 251 1.44 12.31 -2.97
CA SER A 251 0.19 11.57 -2.76
C SER A 251 0.23 10.80 -1.43
N VAL A 252 1.43 10.52 -0.95
CA VAL A 252 1.58 9.85 0.34
C VAL A 252 1.49 10.88 1.48
N ALA A 253 1.98 12.09 1.23
CA ALA A 253 1.81 13.19 2.17
C ALA A 253 0.32 13.48 2.34
N ASP A 254 -0.40 13.42 1.23
CA ASP A 254 -1.85 13.61 1.23
C ASP A 254 -2.50 12.47 2.00
N MET A 255 -2.02 11.25 1.76
CA MET A 255 -2.56 10.08 2.43
C MET A 255 -2.31 10.16 3.94
N VAL A 256 -1.25 10.88 4.35
CA VAL A 256 -0.96 11.08 5.76
C VAL A 256 -1.87 12.14 6.36
N GLN A 257 -2.15 13.19 5.59
CA GLN A 257 -3.04 14.24 6.06
C GLN A 257 -4.43 13.67 6.31
N SER A 258 -4.89 12.84 5.38
CA SER A 258 -6.21 12.21 5.49
C SER A 258 -6.34 11.35 6.75
N ILE A 259 -5.22 11.06 7.40
CA ILE A 259 -5.25 10.40 8.70
C ILE A 259 -5.25 11.42 9.84
N GLN A 260 -4.49 12.50 9.68
CA GLN A 260 -4.40 13.52 10.73
C GLN A 260 -5.77 14.14 10.97
N VAL A 261 -6.55 14.27 9.91
CA VAL A 261 -7.89 14.86 10.03
C VAL A 261 -8.87 13.89 10.68
N GLU A 262 -8.79 12.62 10.30
CA GLU A 262 -9.63 11.59 10.91
C GLU A 262 -9.27 11.37 12.37
N LEU A 263 -8.03 11.70 12.73
CA LEU A 263 -7.59 11.62 14.12
C LEU A 263 -8.20 12.77 14.89
N GLU A 264 -7.95 13.99 14.42
CA GLU A 264 -8.49 15.20 15.04
C GLU A 264 -10.01 15.10 15.19
N ALA A 265 -10.65 14.42 14.25
CA ALA A 265 -12.09 14.21 14.28
C ALA A 265 -12.49 13.30 15.43
N GLU A 266 -12.02 12.06 15.38
CA GLU A 266 -12.33 11.09 16.42
C GLU A 266 -11.73 11.49 17.77
N ALA A 267 -10.77 12.42 17.74
CA ALA A 267 -10.14 12.89 18.98
C ALA A 267 -11.07 13.87 19.68
N GLU A 268 -11.62 14.80 18.91
CA GLU A 268 -12.58 15.75 19.42
C GLU A 268 -13.81 15.02 19.95
N LYS A 269 -14.29 14.06 19.16
CA LYS A 269 -15.45 13.25 19.54
C LYS A 269 -15.25 12.61 20.92
N MET A 270 -14.05 12.09 21.16
CA MET A 270 -13.74 11.39 22.41
C MET A 270 -13.66 12.33 23.61
N ARG A 271 -13.06 13.51 23.43
CA ARG A 271 -12.96 14.47 24.51
C ARG A 271 -14.36 14.86 24.98
N VAL A 272 -15.26 15.05 24.03
CA VAL A 272 -16.65 15.38 24.33
C VAL A 272 -17.30 14.26 25.13
N SER A 273 -17.21 13.04 24.61
CA SER A 273 -17.82 11.89 25.23
C SER A 273 -17.30 11.71 26.65
N GLN A 274 -16.00 11.91 26.82
CA GLN A 274 -15.34 11.76 28.12
C GLN A 274 -15.90 12.77 29.12
N GLN A 275 -16.02 14.02 28.69
CA GLN A 275 -16.63 15.05 29.52
C GLN A 275 -17.99 14.59 30.03
N GLU A 276 -18.85 14.18 29.10
CA GLU A 276 -20.24 13.83 29.40
C GLU A 276 -20.34 12.70 30.41
N LEU A 277 -19.57 11.64 30.20
CA LEU A 277 -19.60 10.47 31.07
C LEU A 277 -19.16 10.77 32.50
N LEU A 278 -18.45 11.90 32.68
CA LEU A 278 -17.96 12.28 34.00
C LEU A 278 -18.86 13.32 34.69
N SER A 279 -19.79 13.91 33.95
CA SER A 279 -20.71 14.90 34.51
C SER A 279 -21.63 14.32 35.58
N VAL A 280 -21.75 13.00 35.60
CA VAL A 280 -22.55 12.28 36.58
C VAL A 280 -22.16 12.66 38.01
N ASP A 281 -23.14 12.67 38.92
CA ASP A 281 -22.89 12.98 40.33
C ASP A 281 -22.60 11.72 41.13
N GLU A 282 -21.94 11.88 42.28
CA GLU A 282 -21.36 10.74 43.00
C GLU A 282 -22.33 9.65 43.45
N SER A 283 -23.63 9.93 43.43
CA SER A 283 -24.63 8.93 43.80
C SER A 283 -24.62 7.72 42.86
N VAL A 284 -24.07 7.89 41.66
CA VAL A 284 -23.97 6.79 40.70
C VAL A 284 -22.82 5.85 41.03
N TYR A 285 -21.68 6.43 41.40
CA TYR A 285 -20.50 5.62 41.73
C TYR A 285 -20.66 4.89 43.06
N THR A 286 -21.56 5.38 43.91
CA THR A 286 -21.79 4.75 45.22
C THR A 286 -22.85 3.65 45.16
N PRO A 287 -22.53 2.45 45.69
CA PRO A 287 -23.62 1.50 45.95
C PRO A 287 -24.45 1.90 47.17
N ASP A 288 -23.83 2.76 47.99
CA ASP A 288 -24.45 3.37 49.16
C ASP A 288 -25.89 3.82 48.93
N SER A 289 -26.23 4.20 47.70
CA SER A 289 -27.57 4.70 47.37
C SER A 289 -28.64 3.97 48.15
N ASP A 290 -29.50 4.75 48.79
CA ASP A 290 -30.45 4.24 49.78
C ASP A 290 -31.23 3.03 49.27
N VAL A 291 -31.33 2.02 50.14
CA VAL A 291 -32.23 0.91 49.90
C VAL A 291 -33.60 1.52 49.73
N ALA A 292 -33.96 2.38 50.68
CA ALA A 292 -35.18 3.16 50.58
C ALA A 292 -35.16 3.89 49.24
N ALA A 293 -36.26 3.79 48.51
CA ALA A 293 -36.37 4.31 47.14
C ALA A 293 -35.39 3.62 46.18
N PRO A 294 -35.49 2.29 46.05
CA PRO A 294 -34.64 1.57 45.09
C PRO A 294 -35.37 1.37 43.76
N GLN A 295 -34.75 1.77 42.65
CA GLN A 295 -35.39 1.64 41.35
C GLN A 295 -35.18 0.24 40.81
N ILE A 296 -36.04 -0.67 41.25
CA ILE A 296 -35.91 -2.09 40.95
C ILE A 296 -36.73 -2.48 39.74
N ASN A 297 -36.06 -2.98 38.70
CA ASN A 297 -36.73 -3.54 37.55
C ASN A 297 -36.99 -5.03 37.74
N ARG A 298 -38.18 -5.34 38.25
CA ARG A 298 -38.52 -6.71 38.60
C ARG A 298 -38.95 -7.56 37.40
N ASN A 299 -38.92 -6.98 36.19
CA ASN A 299 -39.42 -7.67 35.02
C ASN A 299 -38.48 -7.62 33.82
N LEU A 300 -37.41 -8.41 33.87
CA LEU A 300 -36.46 -8.50 32.77
C LEU A 300 -35.99 -9.93 32.51
N ILE A 301 -35.27 -10.10 31.39
CA ILE A 301 -34.82 -11.42 30.93
C ILE A 301 -33.29 -11.49 30.73
N GLN A 302 -32.56 -10.47 31.17
CA GLN A 302 -31.10 -10.46 31.00
C GLN A 302 -30.39 -9.68 32.10
N LYS A 303 -29.38 -10.31 32.69
CA LYS A 303 -28.42 -9.62 33.53
C LYS A 303 -27.03 -10.11 33.09
N ALA A 304 -25.89 -9.43 33.27
CA ALA A 304 -25.61 -7.96 33.30
C ALA A 304 -24.47 -7.51 34.23
N GLY A 305 -24.12 -8.29 35.26
CA GLY A 305 -23.28 -7.76 36.33
C GLY A 305 -22.16 -8.60 36.92
N TYR A 306 -21.39 -7.96 37.81
CA TYR A 306 -20.42 -8.65 38.64
C TYR A 306 -21.05 -9.00 39.97
N LEU A 307 -20.82 -10.24 40.42
CA LEU A 307 -21.20 -10.65 41.76
C LEU A 307 -20.07 -11.49 42.36
N ASN A 308 -20.10 -11.65 43.68
CA ASN A 308 -19.13 -12.48 44.39
C ASN A 308 -19.66 -13.88 44.54
N LEU A 309 -18.80 -14.87 44.35
CA LEU A 309 -19.19 -16.27 44.38
C LEU A 309 -18.57 -17.01 45.57
N ARG A 310 -19.40 -17.36 46.55
CA ARG A 310 -18.98 -18.19 47.66
C ARG A 310 -18.34 -19.44 47.09
N ASN A 311 -17.23 -19.85 47.70
CA ASN A 311 -16.42 -20.94 47.17
C ASN A 311 -15.78 -21.71 48.31
N LYS A 312 -16.11 -22.99 48.43
CA LYS A 312 -15.53 -23.82 49.48
C LYS A 312 -14.07 -24.09 49.16
N THR A 313 -13.20 -23.86 50.14
CA THR A 313 -11.77 -24.06 49.98
C THR A 313 -11.24 -24.94 51.10
N GLY A 314 -11.89 -26.09 51.29
CA GLY A 314 -11.65 -26.95 52.42
C GLY A 314 -12.91 -26.99 53.26
N LEU A 315 -13.06 -28.04 54.07
CA LEU A 315 -14.29 -28.28 54.80
C LEU A 315 -14.76 -27.09 55.64
N VAL A 316 -13.82 -26.32 56.16
CA VAL A 316 -14.15 -25.16 57.01
C VAL A 316 -14.09 -23.86 56.21
N THR A 317 -12.91 -23.56 55.67
CA THR A 317 -12.64 -22.26 55.06
C THR A 317 -13.38 -22.04 53.74
N THR A 318 -13.70 -20.78 53.47
CA THR A 318 -14.37 -20.39 52.22
C THR A 318 -13.86 -19.02 51.74
N THR A 319 -14.15 -18.70 50.49
CA THR A 319 -13.75 -17.42 49.90
C THR A 319 -14.75 -16.93 48.85
N TRP A 320 -14.76 -15.62 48.63
CA TRP A 320 -15.70 -14.97 47.71
C TRP A 320 -14.94 -14.24 46.63
N GLU A 321 -15.24 -14.54 45.38
CA GLU A 321 -14.53 -13.96 44.24
C GLU A 321 -15.45 -13.17 43.30
N ARG A 322 -15.10 -11.90 43.08
CA ARG A 322 -15.74 -11.07 42.06
C ARG A 322 -15.63 -11.73 40.69
N LEU A 323 -16.78 -11.96 40.07
CA LEU A 323 -16.84 -12.61 38.77
C LEU A 323 -18.05 -12.08 38.02
N TYR A 324 -17.87 -11.83 36.73
CA TYR A 324 -19.00 -11.39 35.91
C TYR A 324 -19.99 -12.53 35.84
N PHE A 325 -21.22 -12.19 35.55
CA PHE A 325 -22.27 -13.20 35.40
C PHE A 325 -23.21 -12.65 34.36
N PHE A 326 -23.61 -13.50 33.42
CA PHE A 326 -24.58 -13.08 32.43
C PHE A 326 -25.47 -14.24 31.99
N THR A 327 -26.77 -13.98 31.93
CA THR A 327 -27.72 -14.99 31.51
C THR A 327 -27.78 -14.99 29.99
N GLN A 328 -27.92 -16.18 29.39
CA GLN A 328 -27.92 -16.29 27.94
C GLN A 328 -29.10 -17.15 27.46
N GLY A 329 -28.87 -18.40 27.04
CA GLY A 329 -29.95 -19.20 26.47
C GLY A 329 -30.68 -19.97 27.55
N GLY A 330 -31.18 -19.25 28.55
CA GLY A 330 -31.71 -19.87 29.75
C GLY A 330 -30.63 -20.25 30.74
N ASN A 331 -29.37 -20.18 30.31
CA ASN A 331 -28.25 -20.58 31.14
C ASN A 331 -27.63 -19.37 31.82
N LEU A 332 -27.24 -19.53 33.09
CA LEU A 332 -26.42 -18.52 33.73
C LEU A 332 -24.96 -18.78 33.36
N MET A 333 -24.27 -17.75 32.89
CA MET A 333 -22.86 -17.88 32.51
C MET A 333 -21.98 -17.19 33.53
N CYS A 334 -20.67 -17.46 33.49
CA CYS A 334 -19.74 -16.89 34.45
C CYS A 334 -18.72 -15.94 33.82
N GLN A 335 -17.63 -16.47 33.26
CA GLN A 335 -16.58 -15.63 32.67
C GLN A 335 -15.92 -14.69 33.68
N PRO A 336 -14.83 -15.15 34.30
CA PRO A 336 -13.98 -14.26 35.12
C PRO A 336 -13.33 -13.21 34.25
N ARG A 337 -13.03 -12.06 34.82
CA ARG A 337 -12.44 -10.96 34.06
C ARG A 337 -11.09 -11.38 33.49
N GLY A 338 -10.89 -11.08 32.20
CA GLY A 338 -9.65 -11.44 31.52
C GLY A 338 -9.68 -12.83 30.90
N ALA A 339 -10.76 -13.58 31.12
CA ALA A 339 -10.93 -14.88 30.49
C ALA A 339 -11.26 -14.68 29.03
N VAL A 340 -10.86 -15.64 28.19
CA VAL A 340 -11.15 -15.60 26.77
C VAL A 340 -12.66 -15.44 26.62
N ALA A 341 -13.38 -16.40 27.18
CA ALA A 341 -14.82 -16.34 27.31
C ALA A 341 -15.16 -17.23 28.50
N GLY A 342 -16.46 -17.48 28.70
CA GLY A 342 -16.90 -18.38 29.73
C GLY A 342 -18.41 -18.48 29.59
N GLY A 343 -19.09 -19.06 30.57
CA GLY A 343 -18.51 -19.85 31.65
C GLY A 343 -19.36 -21.06 31.97
N LEU A 344 -20.68 -20.90 31.88
CA LEU A 344 -21.63 -22.00 31.94
C LEU A 344 -21.62 -22.64 33.32
N ILE A 345 -22.32 -22.03 34.27
CA ILE A 345 -22.23 -22.41 35.68
C ILE A 345 -23.45 -23.15 36.26
N GLN A 346 -24.66 -22.79 35.83
CA GLN A 346 -25.88 -23.41 36.37
C GLN A 346 -27.07 -23.22 35.41
N ASP A 347 -28.17 -23.96 35.65
CA ASP A 347 -29.39 -23.89 34.83
C ASP A 347 -29.03 -24.77 33.60
N LEU A 348 -29.69 -24.73 32.44
CA LEU A 348 -30.81 -23.86 32.04
C LEU A 348 -32.16 -24.08 32.71
N ASP A 349 -32.49 -25.31 33.08
CA ASP A 349 -33.88 -25.63 33.36
C ASP A 349 -34.42 -25.13 34.72
N ASN A 350 -34.74 -26.04 35.65
CA ASN A 350 -35.56 -25.65 36.80
C ASN A 350 -34.73 -25.32 38.03
N CYS A 351 -34.93 -24.11 38.53
CA CYS A 351 -34.28 -23.66 39.73
C CYS A 351 -35.22 -22.71 40.45
N SER A 352 -34.89 -22.39 41.70
CA SER A 352 -35.61 -21.37 42.44
C SER A 352 -34.58 -20.54 43.17
N VAL A 353 -34.77 -19.23 43.12
CA VAL A 353 -33.81 -18.29 43.66
C VAL A 353 -34.47 -17.53 44.79
N MET A 354 -33.70 -17.23 45.82
CA MET A 354 -34.21 -16.57 47.01
C MET A 354 -33.07 -15.89 47.74
N ALA A 355 -33.37 -14.85 48.51
CA ALA A 355 -32.35 -14.19 49.31
C ALA A 355 -31.90 -15.12 50.44
N VAL A 356 -30.67 -14.93 50.91
CA VAL A 356 -30.07 -15.82 51.91
C VAL A 356 -29.22 -15.06 52.93
N ASP A 357 -29.28 -15.50 54.18
CA ASP A 357 -28.35 -15.06 55.21
C ASP A 357 -27.16 -16.02 55.21
N CYS A 358 -26.01 -15.52 54.79
CA CYS A 358 -24.82 -16.34 54.64
C CYS A 358 -23.59 -15.57 55.14
N GLU A 359 -22.94 -16.12 56.16
CA GLU A 359 -21.74 -15.52 56.74
C GLU A 359 -21.94 -14.06 57.19
N ASP A 360 -23.14 -13.73 57.63
CA ASP A 360 -23.45 -12.36 58.06
C ASP A 360 -23.13 -11.34 56.97
N ARG A 361 -23.06 -11.79 55.72
CA ARG A 361 -22.82 -10.89 54.62
C ARG A 361 -24.16 -10.33 54.21
N ARG A 362 -24.13 -9.23 53.47
CA ARG A 362 -25.34 -8.50 53.13
C ARG A 362 -25.60 -8.59 51.63
N TYR A 363 -26.85 -8.86 51.29
CA TYR A 363 -27.30 -8.95 49.90
C TYR A 363 -26.82 -10.22 49.22
N CYS A 364 -26.88 -11.36 49.91
CA CYS A 364 -26.57 -12.65 49.28
C CYS A 364 -27.84 -13.35 48.83
N PHE A 365 -27.75 -14.14 47.76
CA PHE A 365 -28.89 -14.92 47.31
C PHE A 365 -28.44 -16.27 46.74
N GLN A 366 -29.29 -17.29 46.87
CA GLN A 366 -28.92 -18.64 46.47
C GLN A 366 -29.84 -19.23 45.39
N ILE A 367 -29.22 -19.68 44.30
CA ILE A 367 -29.94 -20.32 43.22
C ILE A 367 -29.86 -21.84 43.43
N THR A 368 -31.00 -22.44 43.75
CA THR A 368 -31.04 -23.84 44.16
C THR A 368 -31.32 -24.69 42.92
N THR A 369 -30.74 -25.88 42.90
CA THR A 369 -30.80 -26.73 41.71
C THR A 369 -32.21 -27.34 41.65
N PRO A 370 -32.53 -28.10 40.58
CA PRO A 370 -33.91 -28.60 40.61
C PRO A 370 -34.11 -29.66 41.67
N ASN A 371 -33.03 -30.29 42.14
CA ASN A 371 -33.14 -31.33 43.15
C ASN A 371 -33.85 -30.86 44.42
N GLY A 372 -33.79 -29.56 44.68
CA GLY A 372 -34.35 -28.99 45.89
C GLY A 372 -33.31 -28.81 46.97
N LYS A 373 -32.04 -29.03 46.63
CA LYS A 373 -30.94 -28.84 47.58
C LYS A 373 -29.68 -28.38 46.86
N SER A 374 -28.74 -27.84 47.62
CA SER A 374 -27.41 -27.54 47.12
C SER A 374 -27.38 -26.54 45.96
N GLY A 375 -27.57 -25.26 46.27
CA GLY A 375 -27.45 -24.19 45.28
C GLY A 375 -26.20 -23.35 45.42
N ILE A 376 -25.77 -22.70 44.35
CA ILE A 376 -24.65 -21.75 44.45
C ILE A 376 -25.10 -20.51 45.22
N ILE A 377 -24.17 -19.88 45.94
CA ILE A 377 -24.46 -18.67 46.70
C ILE A 377 -23.73 -17.48 46.08
N LEU A 378 -24.47 -16.43 45.71
CA LEU A 378 -23.89 -15.22 45.13
C LEU A 378 -24.11 -14.01 46.04
N GLN A 379 -23.47 -12.90 45.70
CA GLN A 379 -23.62 -11.67 46.49
C GLN A 379 -23.65 -10.42 45.61
N ALA A 380 -24.70 -9.62 45.80
CA ALA A 380 -24.85 -8.38 45.08
C ALA A 380 -24.37 -7.22 45.96
N GLU A 381 -24.57 -6.00 45.48
CA GLU A 381 -23.91 -4.84 46.02
C GLU A 381 -24.84 -3.79 46.61
N SER A 382 -26.08 -3.71 46.11
CA SER A 382 -26.92 -2.54 46.39
C SER A 382 -28.35 -2.81 46.85
N ARG A 383 -28.78 -4.07 46.90
CA ARG A 383 -30.18 -4.44 47.13
C ARG A 383 -31.08 -4.13 45.92
N LYS A 384 -30.98 -2.92 45.38
CA LYS A 384 -31.50 -2.66 44.03
C LYS A 384 -31.03 -3.76 43.10
N GLU A 385 -29.75 -4.12 43.23
CA GLU A 385 -29.16 -5.15 42.38
C GLU A 385 -29.65 -6.53 42.78
N ASN A 386 -29.57 -6.83 44.07
CA ASN A 386 -30.01 -8.13 44.58
C ASN A 386 -31.40 -8.48 44.08
N GLU A 387 -32.34 -7.59 44.32
CA GLU A 387 -33.73 -7.83 43.95
C GLU A 387 -33.82 -8.07 42.46
N GLU A 388 -33.16 -7.21 41.66
CA GLU A 388 -33.23 -7.34 40.20
C GLU A 388 -32.71 -8.68 39.74
N TRP A 389 -31.65 -9.17 40.38
CA TRP A 389 -31.07 -10.46 40.00
C TRP A 389 -32.06 -11.58 40.28
N ILE A 390 -32.61 -11.58 41.49
CA ILE A 390 -33.56 -12.59 41.90
C ILE A 390 -34.72 -12.66 40.92
N CYS A 391 -35.48 -11.57 40.84
CA CYS A 391 -36.66 -11.50 39.99
C CYS A 391 -36.33 -11.95 38.57
N ALA A 392 -35.17 -11.53 38.08
CA ALA A 392 -34.74 -11.88 36.73
C ALA A 392 -34.66 -13.38 36.56
N ILE A 393 -33.87 -14.01 37.42
CA ILE A 393 -33.67 -15.46 37.39
C ILE A 393 -35.03 -16.16 37.39
N ASN A 394 -35.91 -15.77 38.30
CA ASN A 394 -37.26 -16.32 38.34
C ASN A 394 -37.98 -16.16 37.00
N ASN A 395 -37.85 -15.00 36.39
CA ASN A 395 -38.50 -14.77 35.10
C ASN A 395 -37.91 -15.66 34.01
N ILE A 396 -36.62 -15.97 34.11
CA ILE A 396 -36.01 -16.90 33.18
C ILE A 396 -36.56 -18.30 33.46
N SER A 397 -36.70 -18.62 34.74
CA SER A 397 -37.10 -19.96 35.16
C SER A 397 -38.49 -20.30 34.62
N ARG A 398 -39.24 -19.25 34.28
CA ARG A 398 -40.45 -19.39 33.49
C ARG A 398 -40.19 -18.87 32.08
N GLN A 399 -39.54 -19.68 31.25
CA GLN A 399 -39.45 -19.36 29.83
C GLN A 399 -39.82 -20.58 29.04
N ILE A 400 -41.11 -20.64 28.73
CA ILE A 400 -41.74 -21.76 28.10
C ILE A 400 -42.93 -21.23 27.30
N ASP B 28 -13.01 -3.61 16.05
CA ASP B 28 -11.86 -3.16 16.82
C ASP B 28 -11.99 -1.67 17.17
N LYS B 29 -13.12 -1.34 17.78
CA LYS B 29 -13.45 0.04 18.12
C LYS B 29 -12.82 0.48 19.43
N LEU B 30 -13.00 -0.32 20.48
CA LEU B 30 -12.63 0.05 21.85
C LEU B 30 -13.43 1.30 22.26
N LEU B 31 -14.75 1.12 22.29
CA LEU B 31 -15.69 2.21 22.48
C LEU B 31 -15.72 2.69 23.93
N LEU B 32 -15.37 3.94 24.16
CA LEU B 32 -15.20 4.45 25.52
C LEU B 32 -16.53 4.68 26.23
N GLU B 33 -17.58 5.00 25.49
CA GLU B 33 -18.86 5.32 26.13
C GLU B 33 -19.42 4.15 26.94
N GLU B 34 -18.84 2.97 26.81
CA GLU B 34 -19.24 1.84 27.63
C GLU B 34 -18.04 0.96 28.01
N ALA B 35 -17.55 1.06 29.25
CA ALA B 35 -18.23 1.80 30.31
C ALA B 35 -17.43 1.96 31.60
N LEU B 36 -18.10 2.57 32.56
CA LEU B 36 -17.89 2.32 33.98
C LEU B 36 -18.20 0.83 34.15
N GLN B 37 -17.78 0.24 35.27
CA GLN B 37 -18.03 -1.19 35.54
C GLN B 37 -17.87 -2.03 34.26
N ASP B 38 -16.64 -2.01 33.76
CA ASP B 38 -16.26 -2.68 32.53
C ASP B 38 -16.70 -4.13 32.46
N SER B 39 -17.20 -4.54 31.31
CA SER B 39 -17.53 -5.94 31.11
C SER B 39 -16.19 -6.67 31.04
N PRO B 40 -16.20 -7.99 31.25
CA PRO B 40 -14.94 -8.70 31.05
C PRO B 40 -14.65 -8.86 29.55
N GLN B 41 -15.69 -8.71 28.72
CA GLN B 41 -15.51 -8.76 27.27
C GLN B 41 -14.81 -7.50 26.79
N THR B 42 -15.12 -6.38 27.41
CA THR B 42 -14.43 -5.13 27.15
C THR B 42 -12.95 -5.29 27.46
N ARG B 43 -12.67 -5.89 28.62
CA ARG B 43 -11.29 -6.11 29.03
C ARG B 43 -10.55 -7.00 28.04
N SER B 44 -11.15 -8.12 27.67
CA SER B 44 -10.49 -9.06 26.78
C SER B 44 -10.19 -8.45 25.41
N LEU B 45 -10.83 -7.32 25.09
CA LEU B 45 -10.46 -6.54 23.91
C LEU B 45 -9.32 -5.60 24.27
N LEU B 46 -9.46 -4.94 25.42
CA LEU B 46 -8.45 -4.03 25.91
C LEU B 46 -7.09 -4.73 26.00
N SER B 47 -7.10 -6.04 26.24
CA SER B 47 -5.86 -6.81 26.30
C SER B 47 -5.25 -7.01 24.91
N VAL B 48 -6.11 -7.07 23.89
CA VAL B 48 -5.65 -7.14 22.50
C VAL B 48 -4.96 -5.83 22.13
N PHE B 49 -5.43 -4.73 22.70
CA PHE B 49 -4.76 -3.45 22.50
C PHE B 49 -3.41 -3.44 23.22
N GLU B 50 -3.42 -3.86 24.49
CA GLU B 50 -2.21 -3.95 25.28
C GLU B 50 -1.18 -4.85 24.59
N GLU B 51 -1.66 -5.92 23.99
CA GLU B 51 -0.82 -6.88 23.26
C GLU B 51 -0.12 -6.18 22.09
N ASP B 52 -0.93 -5.69 21.16
CA ASP B 52 -0.42 -5.05 19.95
C ASP B 52 0.48 -3.87 20.30
N ALA B 53 0.18 -3.18 21.38
CA ALA B 53 1.00 -2.06 21.84
C ALA B 53 2.39 -2.59 22.17
N GLY B 54 2.44 -3.63 23.00
CA GLY B 54 3.70 -4.23 23.40
C GLY B 54 4.57 -4.61 22.22
N THR B 55 3.98 -5.30 21.25
CA THR B 55 4.75 -5.77 20.11
C THR B 55 5.11 -4.60 19.19
N LEU B 56 4.33 -3.52 19.25
CA LEU B 56 4.64 -2.32 18.49
C LEU B 56 5.86 -1.63 19.07
N THR B 57 5.83 -1.36 20.38
CA THR B 57 6.95 -0.69 21.03
C THR B 57 8.24 -1.46 20.83
N ASP B 58 8.15 -2.79 20.86
CA ASP B 58 9.30 -3.63 20.59
C ASP B 58 9.84 -3.34 19.19
N TYR B 59 8.97 -3.44 18.20
CA TYR B 59 9.38 -3.27 16.82
C TYR B 59 9.93 -1.87 16.54
N THR B 60 9.35 -0.84 17.16
CA THR B 60 9.80 0.53 16.88
C THR B 60 11.23 0.75 17.40
N ASN B 61 11.61 0.04 18.45
CA ASN B 61 12.99 0.09 18.93
C ASN B 61 13.91 -0.55 17.90
N GLN B 62 13.47 -1.67 17.33
CA GLN B 62 14.24 -2.38 16.32
C GLN B 62 14.43 -1.51 15.07
N LEU B 63 13.44 -0.66 14.79
CA LEU B 63 13.48 0.20 13.62
C LEU B 63 14.23 1.50 13.93
N LEU B 64 14.07 1.98 15.16
CA LEU B 64 14.77 3.17 15.63
C LEU B 64 16.26 2.95 15.43
N GLN B 65 16.76 1.86 16.00
CA GLN B 65 18.18 1.53 15.91
C GLN B 65 18.66 1.54 14.48
N ALA B 66 17.93 0.83 13.61
CA ALA B 66 18.32 0.71 12.21
C ALA B 66 18.47 2.06 11.54
N MET B 67 17.59 2.99 11.89
CA MET B 67 17.58 4.32 11.28
C MET B 67 18.70 5.19 11.86
N GLN B 68 19.05 4.95 13.11
CA GLN B 68 20.16 5.68 13.72
C GLN B 68 21.49 5.11 13.24
N ARG B 69 21.46 3.88 12.71
CA ARG B 69 22.65 3.26 12.16
C ARG B 69 22.94 3.79 10.76
N VAL B 70 21.90 4.13 9.99
CA VAL B 70 22.13 4.77 8.70
C VAL B 70 22.54 6.22 8.94
N TYR B 71 21.92 6.86 9.92
CA TYR B 71 22.32 8.22 10.25
C TYR B 71 23.77 8.24 10.70
N GLY B 72 24.15 7.24 11.49
CA GLY B 72 25.51 7.13 11.96
C GLY B 72 26.46 7.09 10.78
N ALA B 73 26.23 6.13 9.89
CA ALA B 73 27.06 5.94 8.71
C ALA B 73 27.09 7.20 7.87
N GLN B 74 26.01 7.97 7.93
CA GLN B 74 25.95 9.22 7.20
C GLN B 74 26.92 10.22 7.82
N ASN B 75 26.85 10.36 9.14
CA ASN B 75 27.75 11.25 9.85
C ASN B 75 29.19 10.78 9.70
N GLU B 76 29.38 9.46 9.63
CA GLU B 76 30.71 8.88 9.51
C GLU B 76 31.30 9.26 8.15
N MET B 77 30.46 9.23 7.13
CA MET B 77 30.88 9.63 5.79
C MET B 77 31.37 11.07 5.79
N CYS B 78 30.72 11.92 6.58
CA CYS B 78 31.11 13.32 6.66
C CYS B 78 32.52 13.49 7.24
N LEU B 79 32.85 12.70 8.25
CA LEU B 79 34.17 12.79 8.87
C LEU B 79 35.27 12.23 7.97
N ALA B 80 34.97 11.13 7.29
CA ALA B 80 35.94 10.47 6.43
C ALA B 80 36.35 11.36 5.25
N THR B 81 35.37 12.02 4.64
CA THR B 81 35.63 13.00 3.59
C THR B 81 36.42 14.17 4.15
N GLN B 82 35.95 14.69 5.28
CA GLN B 82 36.60 15.81 5.95
C GLN B 82 38.08 15.53 6.18
N GLN B 83 38.41 14.26 6.42
CA GLN B 83 39.79 13.84 6.62
C GLN B 83 40.59 13.85 5.32
N LEU B 84 39.94 13.51 4.21
CA LEU B 84 40.61 13.50 2.91
C LEU B 84 41.02 14.90 2.45
N SER B 85 40.18 15.89 2.73
CA SER B 85 40.54 17.27 2.44
C SER B 85 41.89 17.56 3.10
N LYS B 86 41.93 17.36 4.41
CA LYS B 86 43.14 17.62 5.19
C LYS B 86 44.36 16.91 4.60
N GLN B 87 44.22 15.63 4.27
CA GLN B 87 45.35 14.84 3.80
C GLN B 87 45.81 15.17 2.40
N LEU B 88 44.88 15.54 1.53
CA LEU B 88 45.23 15.95 0.18
C LEU B 88 46.01 17.27 0.21
N LEU B 89 45.60 18.16 1.09
CA LEU B 89 46.28 19.44 1.27
C LEU B 89 47.62 19.23 1.96
N ALA B 90 47.68 18.22 2.82
CA ALA B 90 48.90 17.93 3.58
C ALA B 90 50.10 17.58 2.70
N TYR B 91 49.85 17.19 1.44
CA TYR B 91 50.95 16.90 0.52
C TYR B 91 51.91 18.10 0.43
N GLU B 92 51.37 19.25 0.05
CA GLU B 92 52.16 20.45 -0.10
C GLU B 92 52.83 20.87 1.22
N LYS B 93 52.32 20.36 2.34
CA LYS B 93 52.90 20.65 3.65
C LYS B 93 54.04 19.69 4.02
N GLN B 94 53.98 18.46 3.51
CA GLN B 94 55.05 17.49 3.73
C GLN B 94 56.32 17.99 3.04
N ASN B 95 57.45 17.88 3.72
CA ASN B 95 58.72 18.36 3.16
C ASN B 95 59.70 17.25 2.79
N PHE B 96 59.99 17.14 1.49
CA PHE B 96 60.82 16.08 0.97
C PHE B 96 62.20 16.68 0.70
N ALA B 97 63.08 15.88 0.10
CA ALA B 97 64.36 16.37 -0.42
C ALA B 97 64.26 16.64 -1.92
N LEU B 98 63.23 16.11 -2.56
CA LEU B 98 62.96 16.39 -3.97
C LEU B 98 61.46 16.63 -4.11
N GLY B 99 60.91 16.48 -5.32
CA GLY B 99 59.47 16.51 -5.52
C GLY B 99 58.63 17.55 -4.79
N LYS B 100 59.24 18.67 -4.39
CA LYS B 100 58.46 19.77 -3.83
C LYS B 100 58.04 20.66 -4.97
N GLY B 101 57.10 21.56 -4.68
CA GLY B 101 56.58 22.44 -5.70
C GLY B 101 56.25 21.63 -6.93
N ASP B 102 55.54 20.53 -6.72
CA ASP B 102 55.17 19.65 -7.82
C ASP B 102 54.12 20.32 -8.71
N GLU B 103 53.60 21.46 -8.25
CA GLU B 103 52.81 22.35 -9.11
C GLU B 103 51.61 21.65 -9.70
N GLU B 104 51.84 20.90 -10.78
CA GLU B 104 50.75 20.24 -11.48
C GLU B 104 50.15 19.12 -10.62
N VAL B 105 51.00 18.33 -9.99
CA VAL B 105 50.51 17.32 -9.05
C VAL B 105 49.87 17.97 -7.83
N ILE B 106 50.45 19.05 -7.34
CA ILE B 106 49.85 19.82 -6.25
C ILE B 106 48.49 20.38 -6.66
N SER B 107 48.37 20.79 -7.92
CA SER B 107 47.15 21.42 -8.41
C SER B 107 46.02 20.43 -8.43
N THR B 108 46.29 19.23 -8.93
CA THR B 108 45.24 18.22 -9.01
C THR B 108 44.80 17.82 -7.61
N LEU B 109 45.75 17.45 -6.76
CA LEU B 109 45.43 17.12 -5.36
C LEU B 109 44.63 18.24 -4.68
N HIS B 110 44.90 19.48 -5.08
CA HIS B 110 44.18 20.62 -4.51
C HIS B 110 42.77 20.68 -5.07
N TYR B 111 42.61 20.34 -6.34
CA TYR B 111 41.29 20.31 -6.96
C TYR B 111 40.47 19.19 -6.36
N PHE B 112 41.01 17.98 -6.41
CA PHE B 112 40.37 16.82 -5.81
C PHE B 112 40.03 17.06 -4.33
N SER B 113 40.73 17.98 -3.69
CA SER B 113 40.38 18.36 -2.32
C SER B 113 39.12 19.21 -2.30
N LYS B 114 39.13 20.28 -3.08
CA LYS B 114 37.98 21.18 -3.17
C LYS B 114 36.71 20.39 -3.51
N VAL B 115 36.85 19.28 -4.24
CA VAL B 115 35.73 18.42 -4.55
C VAL B 115 35.17 17.76 -3.31
N VAL B 116 36.02 17.03 -2.61
CA VAL B 116 35.63 16.31 -1.41
C VAL B 116 35.02 17.25 -0.37
N ASP B 117 35.51 18.49 -0.34
CA ASP B 117 34.98 19.50 0.56
C ASP B 117 33.49 19.76 0.32
N GLU B 118 33.11 19.85 -0.95
CA GLU B 118 31.72 20.10 -1.29
C GLU B 118 30.88 18.84 -1.15
N LEU B 119 31.52 17.68 -1.33
CA LEU B 119 30.86 16.41 -1.11
C LEU B 119 30.59 16.21 0.39
N ASN B 120 31.46 16.75 1.24
CA ASN B 120 31.26 16.72 2.68
C ASN B 120 29.98 17.46 3.07
N LEU B 121 29.66 18.53 2.35
CA LEU B 121 28.49 19.32 2.64
C LEU B 121 27.20 18.66 2.17
N LEU B 122 27.29 17.82 1.13
CA LEU B 122 26.13 17.07 0.66
C LEU B 122 25.77 15.94 1.63
N HIS B 123 26.78 15.22 2.11
CA HIS B 123 26.58 14.21 3.13
C HIS B 123 26.23 14.83 4.47
N THR B 124 26.71 16.06 4.70
CA THR B 124 26.34 16.79 5.90
C THR B 124 24.88 17.22 5.84
N GLU B 125 24.42 17.68 4.68
CA GLU B 125 23.04 18.12 4.53
C GLU B 125 22.08 16.94 4.61
N LEU B 126 22.50 15.80 4.06
CA LEU B 126 21.73 14.58 4.19
C LEU B 126 21.71 14.12 5.65
N ALA B 127 22.83 14.27 6.34
CA ALA B 127 22.91 13.91 7.75
C ALA B 127 21.91 14.73 8.56
N LYS B 128 21.91 16.04 8.33
CA LYS B 128 20.98 16.95 8.97
C LYS B 128 19.54 16.50 8.70
N GLN B 129 19.27 16.15 7.45
CA GLN B 129 17.93 15.74 7.03
C GLN B 129 17.45 14.50 7.79
N LEU B 130 18.23 13.43 7.70
CA LEU B 130 17.86 12.16 8.30
C LEU B 130 17.66 12.29 9.82
N ALA B 131 18.30 13.29 10.43
CA ALA B 131 18.21 13.47 11.88
C ALA B 131 16.94 14.18 12.34
N ASP B 132 16.27 14.86 11.41
CA ASP B 132 15.10 15.68 11.74
C ASP B 132 13.80 15.21 11.08
N THR B 133 13.89 14.72 9.85
CA THR B 133 12.71 14.33 9.08
C THR B 133 12.51 12.80 9.05
N MET B 134 13.53 12.05 9.44
CA MET B 134 13.48 10.59 9.44
C MET B 134 13.59 10.01 10.85
N VAL B 135 14.67 10.34 11.55
CA VAL B 135 14.94 9.75 12.85
C VAL B 135 14.13 10.42 13.97
N LEU B 136 14.04 11.74 13.93
CA LEU B 136 13.35 12.50 14.99
C LEU B 136 11.90 12.08 15.18
N PRO B 137 11.14 11.88 14.09
CA PRO B 137 9.77 11.39 14.24
C PRO B 137 9.65 10.14 15.11
N ILE B 138 10.44 9.11 14.82
CA ILE B 138 10.34 7.85 15.53
C ILE B 138 10.69 8.02 17.00
N ILE B 139 11.63 8.90 17.31
CA ILE B 139 12.00 9.12 18.69
C ILE B 139 10.85 9.76 19.44
N GLN B 140 10.24 10.77 18.82
CA GLN B 140 9.11 11.45 19.43
C GLN B 140 7.97 10.48 19.69
N PHE B 141 7.72 9.59 18.74
CA PHE B 141 6.69 8.57 18.89
C PHE B 141 7.01 7.70 20.10
N ARG B 142 8.22 7.16 20.14
CA ARG B 142 8.63 6.24 21.19
C ARG B 142 8.73 6.93 22.55
N GLU B 143 9.11 8.21 22.55
CA GLU B 143 9.40 8.91 23.78
C GLU B 143 8.16 9.60 24.35
N LYS B 144 7.20 9.91 23.49
CA LYS B 144 6.01 10.66 23.91
C LYS B 144 4.73 9.85 23.80
N ASP B 145 4.46 9.29 22.61
CA ASP B 145 3.22 8.58 22.38
C ASP B 145 3.21 7.23 23.08
N LEU B 146 4.01 6.29 22.56
CA LEU B 146 4.07 4.95 23.13
C LEU B 146 4.33 5.04 24.63
N THR B 147 5.11 6.04 25.02
CA THR B 147 5.38 6.30 26.43
C THR B 147 4.12 6.68 27.21
N GLU B 148 3.39 7.67 26.70
CA GLU B 148 2.18 8.15 27.35
C GLU B 148 1.20 7.01 27.58
N VAL B 149 1.14 6.09 26.62
CA VAL B 149 0.23 4.96 26.69
C VAL B 149 0.65 4.01 27.80
N SER B 150 1.92 3.60 27.79
CA SER B 150 2.42 2.66 28.77
C SER B 150 2.33 3.19 30.21
N THR B 151 2.22 4.51 30.36
CA THR B 151 2.09 5.11 31.68
C THR B 151 0.63 5.21 32.11
N LEU B 152 -0.25 5.54 31.17
CA LEU B 152 -1.68 5.57 31.47
C LEU B 152 -2.16 4.17 31.82
N LYS B 153 -1.54 3.18 31.18
CA LYS B 153 -1.79 1.78 31.47
C LYS B 153 -1.54 1.51 32.94
N ASP B 154 -0.32 1.81 33.40
CA ASP B 154 0.05 1.57 34.79
C ASP B 154 -0.89 2.26 35.75
N LEU B 155 -1.26 3.50 35.45
CA LEU B 155 -2.15 4.26 36.33
C LEU B 155 -3.53 3.63 36.38
N PHE B 156 -3.99 3.13 35.23
CA PHE B 156 -5.27 2.46 35.14
C PHE B 156 -5.24 1.14 35.90
N GLY B 157 -4.12 0.43 35.80
CA GLY B 157 -3.97 -0.84 36.50
C GLY B 157 -4.04 -0.65 38.01
N LEU B 158 -3.25 0.29 38.52
CA LEU B 158 -3.23 0.58 39.94
C LEU B 158 -4.62 1.05 40.36
N ALA B 159 -5.15 2.00 39.60
CA ALA B 159 -6.48 2.52 39.86
C ALA B 159 -7.51 1.41 39.99
N SER B 160 -7.42 0.41 39.12
CA SER B 160 -8.35 -0.72 39.12
C SER B 160 -8.20 -1.52 40.40
N ASN B 161 -6.99 -1.98 40.68
CA ASN B 161 -6.72 -2.77 41.87
C ASN B 161 -7.20 -2.09 43.15
N GLU B 162 -6.97 -0.79 43.25
CA GLU B 162 -7.43 -0.03 44.40
C GLU B 162 -8.93 -0.21 44.61
N HIS B 163 -9.67 -0.18 43.50
CA HIS B 163 -11.11 -0.36 43.53
C HIS B 163 -11.43 -1.80 43.91
N ASP B 164 -10.87 -2.74 43.16
CA ASP B 164 -11.12 -4.17 43.38
C ASP B 164 -11.04 -4.53 44.85
N LEU B 165 -10.10 -3.91 45.56
CA LEU B 165 -9.91 -4.19 46.97
C LEU B 165 -10.94 -3.49 47.83
N SER B 166 -11.28 -2.25 47.48
CA SER B 166 -12.31 -1.55 48.22
C SER B 166 -13.65 -2.30 48.09
N MET B 167 -13.84 -3.01 46.98
CA MET B 167 -15.06 -3.77 46.75
C MET B 167 -15.14 -4.93 47.74
N ALA B 168 -14.04 -5.66 47.84
CA ALA B 168 -13.93 -6.78 48.77
C ALA B 168 -14.20 -6.31 50.20
N LYS B 169 -13.60 -5.18 50.57
CA LYS B 169 -13.83 -4.60 51.88
C LYS B 169 -15.31 -4.36 52.09
N TYR B 170 -15.93 -3.70 51.11
CA TYR B 170 -17.34 -3.33 51.20
C TYR B 170 -18.24 -4.56 51.36
N SER B 171 -17.81 -5.68 50.78
CA SER B 171 -18.61 -6.90 50.83
C SER B 171 -18.61 -7.51 52.22
N ARG B 172 -17.47 -7.44 52.90
CA ARG B 172 -17.35 -8.02 54.24
C ARG B 172 -18.12 -7.23 55.30
N LEU B 173 -18.75 -6.11 54.92
CA LEU B 173 -19.61 -5.39 55.85
C LEU B 173 -20.68 -6.33 56.41
N PRO B 174 -20.97 -6.22 57.72
CA PRO B 174 -21.94 -7.12 58.34
C PRO B 174 -23.37 -6.65 58.09
N LYS B 175 -24.32 -7.59 58.02
CA LYS B 175 -25.70 -7.22 57.76
C LYS B 175 -26.45 -6.88 59.05
N LYS B 176 -26.30 -7.73 60.08
CA LYS B 176 -26.89 -7.45 61.38
C LYS B 176 -25.88 -7.72 62.48
N LYS B 177 -25.55 -6.76 63.34
CA LYS B 177 -26.04 -5.39 63.33
C LYS B 177 -24.91 -4.47 62.93
N GLU B 178 -25.22 -3.47 62.11
CA GLU B 178 -24.22 -2.47 61.74
C GLU B 178 -24.66 -1.08 62.17
N ASN B 179 -23.69 -0.18 62.26
CA ASN B 179 -23.98 1.24 62.36
C ASN B 179 -24.06 1.81 60.96
N GLU B 180 -25.18 2.44 60.64
CA GLU B 180 -25.43 2.95 59.31
C GLU B 180 -24.27 3.85 58.89
N LYS B 181 -23.80 4.67 59.83
CA LYS B 181 -22.81 5.69 59.54
C LYS B 181 -21.48 5.06 59.12
N VAL B 182 -21.21 3.84 59.56
CA VAL B 182 -20.02 3.12 59.15
C VAL B 182 -20.18 2.54 57.76
N LYS B 183 -21.26 1.79 57.56
CA LYS B 183 -21.59 1.23 56.25
C LYS B 183 -21.45 2.30 55.18
N THR B 184 -22.06 3.46 55.46
CA THR B 184 -22.15 4.55 54.49
C THR B 184 -20.77 5.01 54.07
N GLU B 185 -19.90 5.20 55.07
CA GLU B 185 -18.55 5.71 54.83
C GLU B 185 -17.70 4.75 53.98
N VAL B 186 -17.85 3.46 54.24
CA VAL B 186 -17.16 2.45 53.44
C VAL B 186 -17.67 2.51 52.00
N GLY B 187 -18.95 2.77 51.81
CA GLY B 187 -19.51 2.91 50.48
C GLY B 187 -18.85 4.07 49.75
N LYS B 188 -18.69 5.18 50.45
CA LYS B 188 -18.08 6.36 49.86
C LYS B 188 -16.67 6.05 49.39
N GLU B 189 -15.97 5.22 50.18
CA GLU B 189 -14.63 4.76 49.84
C GLU B 189 -14.65 3.97 48.54
N VAL B 190 -15.62 3.05 48.42
CA VAL B 190 -15.79 2.25 47.22
C VAL B 190 -15.99 3.13 45.99
N ALA B 191 -16.73 4.22 46.17
CA ALA B 191 -17.12 5.09 45.06
C ALA B 191 -15.96 5.94 44.59
N ALA B 192 -15.24 6.53 45.55
CA ALA B 192 -14.06 7.33 45.24
C ALA B 192 -13.11 6.53 44.36
N ALA B 193 -12.98 5.24 44.68
CA ALA B 193 -12.13 4.35 43.91
C ALA B 193 -12.75 4.05 42.55
N ARG B 194 -14.07 3.81 42.53
CA ARG B 194 -14.74 3.42 41.30
C ARG B 194 -14.65 4.51 40.25
N ARG B 195 -14.76 5.77 40.70
CA ARG B 195 -14.70 6.89 39.78
C ARG B 195 -13.26 7.10 39.31
N LYS B 196 -12.30 6.82 40.18
CA LYS B 196 -10.90 6.91 39.80
C LYS B 196 -10.62 5.93 38.65
N GLN B 197 -11.11 4.70 38.80
CA GLN B 197 -10.96 3.69 37.75
C GLN B 197 -11.61 4.17 36.46
N HIS B 198 -12.80 4.78 36.61
CA HIS B 198 -13.53 5.33 35.46
C HIS B 198 -12.70 6.38 34.74
N LEU B 199 -12.09 7.28 35.50
CA LEU B 199 -11.34 8.39 34.95
C LEU B 199 -10.09 7.88 34.23
N SER B 200 -9.30 7.09 34.93
CA SER B 200 -8.07 6.55 34.36
C SER B 200 -8.34 5.63 33.17
N SER B 201 -9.49 4.97 33.18
CA SER B 201 -9.83 4.03 32.10
C SER B 201 -10.28 4.77 30.85
N LEU B 202 -11.00 5.88 31.04
CA LEU B 202 -11.39 6.72 29.92
C LEU B 202 -10.18 7.33 29.23
N GLN B 203 -9.26 7.87 30.03
CA GLN B 203 -8.02 8.44 29.52
C GLN B 203 -7.22 7.38 28.78
N TYR B 204 -7.04 6.24 29.44
CA TYR B 204 -6.21 5.17 28.92
C TYR B 204 -6.77 4.59 27.62
N TYR B 205 -8.09 4.70 27.43
CA TYR B 205 -8.72 4.19 26.21
C TYR B 205 -8.50 5.17 25.06
N CYS B 206 -8.85 6.43 25.30
CA CYS B 206 -8.63 7.49 24.31
C CYS B 206 -7.21 7.43 23.81
N ALA B 207 -6.29 7.19 24.75
CA ALA B 207 -4.87 7.07 24.45
C ALA B 207 -4.63 5.98 23.41
N LEU B 208 -5.19 4.80 23.66
CA LEU B 208 -4.96 3.64 22.82
C LEU B 208 -5.64 3.73 21.46
N ASN B 209 -6.77 4.43 21.40
CA ASN B 209 -7.44 4.62 20.13
C ASN B 209 -6.67 5.59 19.25
N ALA B 210 -6.29 6.71 19.83
CA ALA B 210 -5.52 7.72 19.13
C ALA B 210 -4.26 7.09 18.57
N LEU B 211 -3.63 6.23 19.37
CA LEU B 211 -2.43 5.54 18.97
C LEU B 211 -2.59 4.80 17.63
N GLN B 212 -3.81 4.33 17.35
CA GLN B 212 -4.07 3.59 16.12
C GLN B 212 -3.85 4.46 14.88
N TYR B 213 -4.16 5.75 15.01
CA TYR B 213 -3.95 6.68 13.91
C TYR B 213 -2.51 7.17 13.93
N ARG B 214 -1.98 7.43 15.12
CA ARG B 214 -0.64 7.96 15.27
C ARG B 214 0.41 7.03 14.65
N LYS B 215 0.25 5.72 14.85
CA LYS B 215 1.21 4.75 14.34
C LYS B 215 1.28 4.80 12.81
N GLN B 216 0.12 4.87 12.15
CA GLN B 216 0.06 4.84 10.70
C GLN B 216 0.83 5.99 10.08
N MET B 217 0.81 7.13 10.75
CA MET B 217 1.54 8.30 10.30
C MET B 217 3.00 8.21 10.73
N ALA B 218 3.23 7.70 11.93
CA ALA B 218 4.57 7.57 12.48
C ALA B 218 5.40 6.53 11.74
N MET B 219 4.77 5.70 10.93
CA MET B 219 5.48 4.72 10.13
C MET B 219 5.68 5.17 8.68
N MET B 220 4.92 6.18 8.26
CA MET B 220 5.01 6.70 6.90
C MET B 220 5.88 7.96 6.84
N GLU B 221 5.51 8.97 7.62
CA GLU B 221 6.24 10.25 7.67
C GLU B 221 7.77 10.12 7.75
N PRO B 222 8.29 9.25 8.63
CA PRO B 222 9.75 9.14 8.76
C PRO B 222 10.42 8.77 7.45
N MET B 223 9.76 7.91 6.69
CA MET B 223 10.32 7.39 5.46
C MET B 223 10.09 8.34 4.29
N ILE B 224 9.08 9.21 4.39
CA ILE B 224 8.91 10.28 3.42
C ILE B 224 10.07 11.27 3.56
N GLY B 225 10.43 11.57 4.81
CA GLY B 225 11.54 12.47 5.08
C GLY B 225 12.82 11.97 4.47
N PHE B 226 13.07 10.67 4.62
CA PHE B 226 14.22 9.99 4.02
C PHE B 226 14.32 10.25 2.52
N ALA B 227 13.26 9.89 1.80
CA ALA B 227 13.22 10.05 0.35
C ALA B 227 13.44 11.49 -0.09
N HIS B 228 12.93 12.44 0.68
CA HIS B 228 13.05 13.86 0.34
C HIS B 228 14.49 14.34 0.46
N GLY B 229 15.07 14.15 1.65
CA GLY B 229 16.45 14.56 1.88
C GLY B 229 17.42 14.00 0.85
N GLN B 230 17.06 12.87 0.25
CA GLN B 230 17.90 12.24 -0.75
C GLN B 230 17.76 12.88 -2.13
N ILE B 231 16.55 13.34 -2.47
CA ILE B 231 16.36 14.07 -3.72
C ILE B 231 17.33 15.24 -3.79
N ASN B 232 17.43 15.98 -2.68
CA ASN B 232 18.36 17.10 -2.59
C ASN B 232 19.79 16.62 -2.72
N PHE B 233 20.09 15.49 -2.08
CA PHE B 233 21.43 14.91 -2.11
C PHE B 233 21.86 14.56 -3.53
N PHE B 234 20.94 14.02 -4.32
CA PHE B 234 21.25 13.63 -5.69
C PHE B 234 21.03 14.76 -6.68
N LYS B 235 20.28 15.79 -6.29
CA LYS B 235 20.02 16.92 -7.17
C LYS B 235 21.24 17.83 -7.20
N LYS B 236 21.52 18.49 -6.08
CA LYS B 236 22.70 19.34 -5.97
C LYS B 236 23.94 18.57 -6.40
N GLY B 237 23.95 17.29 -6.06
CA GLY B 237 25.10 16.43 -6.30
C GLY B 237 25.36 16.13 -7.76
N ALA B 238 24.35 15.63 -8.46
CA ALA B 238 24.51 15.31 -9.88
C ALA B 238 24.79 16.57 -10.69
N GLU B 239 24.28 17.71 -10.23
CA GLU B 239 24.60 18.99 -10.84
C GLU B 239 26.10 19.26 -10.72
N MET B 240 26.62 19.04 -9.51
CA MET B 240 28.03 19.30 -9.22
C MET B 240 28.96 18.35 -9.98
N PHE B 241 28.52 17.10 -10.15
CA PHE B 241 29.34 16.09 -10.81
C PHE B 241 28.88 15.94 -12.26
N SER B 242 28.76 17.07 -12.95
CA SER B 242 28.24 17.12 -14.31
C SER B 242 29.19 16.47 -15.30
N LYS B 243 28.75 16.38 -16.55
CA LYS B 243 29.60 15.92 -17.63
C LYS B 243 30.73 16.92 -17.86
N ARG B 244 30.51 18.18 -17.47
CA ARG B 244 31.48 19.23 -17.68
C ARG B 244 32.71 19.06 -16.79
N MET B 245 32.50 18.65 -15.54
CA MET B 245 33.61 18.28 -14.68
C MET B 245 34.43 17.18 -15.34
N ASP B 246 33.73 16.28 -16.02
CA ASP B 246 34.37 15.13 -16.67
C ASP B 246 35.44 15.55 -17.68
N SER B 247 35.38 16.80 -18.16
CA SER B 247 36.37 17.28 -19.12
C SER B 247 37.72 17.51 -18.47
N PHE B 248 37.72 17.91 -17.20
CA PHE B 248 38.97 18.12 -16.48
C PHE B 248 39.57 16.79 -16.08
N LEU B 249 38.72 15.85 -15.65
CA LEU B 249 39.20 14.55 -15.23
C LEU B 249 40.00 13.89 -16.34
N SER B 250 39.44 13.90 -17.54
CA SER B 250 40.09 13.29 -18.69
C SER B 250 41.46 13.91 -18.98
N SER B 251 41.64 15.19 -18.66
CA SER B 251 42.91 15.87 -18.92
C SER B 251 43.95 15.51 -17.86
N VAL B 252 43.50 15.17 -16.65
CA VAL B 252 44.42 14.70 -15.62
C VAL B 252 44.94 13.33 -16.02
N ALA B 253 44.04 12.49 -16.52
CA ALA B 253 44.38 11.15 -16.98
C ALA B 253 45.42 11.19 -18.09
N ASP B 254 45.31 12.16 -18.98
CA ASP B 254 46.29 12.33 -20.05
C ASP B 254 47.63 12.77 -19.48
N MET B 255 47.62 13.53 -18.39
CA MET B 255 48.87 13.89 -17.76
C MET B 255 49.52 12.66 -17.16
N VAL B 256 48.71 11.74 -16.63
CA VAL B 256 49.24 10.51 -16.07
C VAL B 256 49.80 9.63 -17.19
N GLN B 257 49.10 9.60 -18.32
CA GLN B 257 49.53 8.81 -19.47
C GLN B 257 50.87 9.32 -19.98
N SER B 258 51.03 10.64 -20.04
CA SER B 258 52.26 11.24 -20.53
C SER B 258 53.44 10.98 -19.58
N ILE B 259 53.15 10.63 -18.33
CA ILE B 259 54.21 10.25 -17.40
C ILE B 259 54.60 8.80 -17.58
N GLN B 260 53.61 7.94 -17.81
CA GLN B 260 53.89 6.52 -17.98
C GLN B 260 54.80 6.29 -19.17
N VAL B 261 54.59 7.04 -20.25
CA VAL B 261 55.45 6.90 -21.42
C VAL B 261 56.87 7.36 -21.12
N GLU B 262 57.01 8.46 -20.39
CA GLU B 262 58.32 8.94 -19.98
C GLU B 262 59.00 7.83 -19.18
N LEU B 263 58.33 7.42 -18.09
CA LEU B 263 58.81 6.36 -17.21
C LEU B 263 59.24 5.14 -18.00
N GLU B 264 58.39 4.71 -18.93
CA GLU B 264 58.61 3.45 -19.63
C GLU B 264 59.87 3.52 -20.48
N ALA B 265 60.04 4.61 -21.22
CA ALA B 265 61.22 4.76 -22.07
C ALA B 265 62.45 5.01 -21.21
N GLU B 266 62.26 5.67 -20.07
CA GLU B 266 63.35 5.95 -19.15
C GLU B 266 63.80 4.63 -18.52
N ALA B 267 62.83 3.76 -18.23
CA ALA B 267 63.12 2.47 -17.63
C ALA B 267 63.93 1.65 -18.61
N GLU B 268 63.59 1.77 -19.89
CA GLU B 268 64.30 1.06 -20.95
C GLU B 268 65.72 1.62 -21.11
N LYS B 269 65.87 2.94 -20.99
CA LYS B 269 67.19 3.53 -21.09
C LYS B 269 68.08 2.98 -19.98
N MET B 270 67.53 2.90 -18.79
CA MET B 270 68.27 2.40 -17.63
C MET B 270 68.51 0.90 -17.73
N ARG B 271 67.54 0.18 -18.29
CA ARG B 271 67.65 -1.25 -18.48
C ARG B 271 68.86 -1.57 -19.37
N VAL B 272 69.00 -0.82 -20.46
CA VAL B 272 70.13 -1.00 -21.37
C VAL B 272 71.42 -0.55 -20.70
N SER B 273 71.41 0.66 -20.17
CA SER B 273 72.59 1.24 -19.51
C SER B 273 73.15 0.27 -18.49
N GLN B 274 72.26 -0.38 -17.74
CA GLN B 274 72.68 -1.33 -16.73
C GLN B 274 73.43 -2.52 -17.34
N GLN B 275 72.82 -3.13 -18.34
CA GLN B 275 73.40 -4.29 -19.01
C GLN B 275 74.80 -4.01 -19.54
N GLU B 276 75.00 -2.83 -20.12
CA GLU B 276 76.29 -2.47 -20.71
C GLU B 276 77.37 -2.37 -19.64
N LEU B 277 77.03 -1.79 -18.50
CA LEU B 277 77.99 -1.63 -17.41
C LEU B 277 78.26 -2.96 -16.70
N LEU B 278 77.34 -3.91 -16.82
CA LEU B 278 77.49 -5.22 -16.21
C LEU B 278 78.16 -6.26 -17.12
N SER B 279 78.33 -5.93 -18.40
CA SER B 279 78.99 -6.83 -19.33
C SER B 279 80.52 -6.79 -19.18
N VAL B 280 81.01 -5.94 -18.28
CA VAL B 280 82.43 -5.81 -18.02
C VAL B 280 83.02 -7.13 -17.53
N ASP B 281 84.24 -7.43 -17.93
CA ASP B 281 84.89 -8.69 -17.56
C ASP B 281 85.44 -8.64 -16.13
N GLU B 282 85.74 -9.81 -15.57
CA GLU B 282 86.08 -9.93 -14.16
C GLU B 282 87.35 -9.17 -13.76
N SER B 283 88.25 -8.93 -14.71
CA SER B 283 89.54 -8.29 -14.39
C SER B 283 89.38 -6.89 -13.81
N VAL B 284 88.22 -6.28 -14.06
CA VAL B 284 87.95 -4.91 -13.63
C VAL B 284 87.54 -4.82 -12.16
N TYR B 285 86.97 -5.90 -11.63
CA TYR B 285 86.55 -5.95 -10.23
C TYR B 285 87.68 -6.46 -9.34
N THR B 286 88.58 -7.23 -9.92
CA THR B 286 89.78 -7.69 -9.21
C THR B 286 90.75 -6.53 -9.05
N PRO B 287 91.29 -6.33 -7.83
CA PRO B 287 92.25 -5.26 -7.53
C PRO B 287 93.36 -5.06 -8.58
N ASP B 288 94.14 -6.10 -8.87
CA ASP B 288 95.11 -6.05 -9.97
C ASP B 288 94.50 -6.87 -11.12
N SER B 289 94.70 -6.56 -12.41
CA SER B 289 95.73 -5.69 -13.00
C SER B 289 97.08 -6.36 -12.88
N ASP B 290 98.11 -5.65 -13.34
CA ASP B 290 99.47 -6.17 -13.29
C ASP B 290 100.45 -5.03 -13.26
N VAL B 291 101.57 -5.24 -12.58
CA VAL B 291 102.61 -4.20 -12.45
C VAL B 291 103.08 -3.80 -13.84
N ALA B 292 103.09 -2.50 -14.10
CA ALA B 292 103.54 -1.93 -15.37
C ALA B 292 102.68 -2.31 -16.59
N ALA B 293 101.63 -3.11 -16.41
CA ALA B 293 100.84 -3.54 -17.56
C ALA B 293 99.92 -2.43 -18.06
N PRO B 294 99.16 -1.79 -17.14
CA PRO B 294 98.50 -0.56 -17.57
C PRO B 294 99.46 0.60 -17.33
N GLN B 295 99.63 1.46 -18.33
CA GLN B 295 100.50 2.61 -18.17
C GLN B 295 99.98 3.50 -17.05
N ILE B 296 100.90 4.25 -16.44
CA ILE B 296 100.57 5.09 -15.30
C ILE B 296 101.08 6.50 -15.56
N ASN B 297 100.16 7.42 -15.81
CA ASN B 297 100.54 8.82 -15.98
C ASN B 297 101.28 9.28 -14.75
N ARG B 298 102.49 9.78 -14.94
CA ARG B 298 103.37 10.16 -13.85
C ARG B 298 103.28 11.66 -13.55
N ASN B 299 102.67 12.42 -14.47
CA ASN B 299 102.55 13.86 -14.33
C ASN B 299 101.09 14.32 -14.31
N LEU B 300 100.44 14.21 -13.16
CA LEU B 300 99.07 14.70 -13.02
C LEU B 300 98.85 15.40 -11.67
N ILE B 301 97.68 16.03 -11.55
CA ILE B 301 97.21 16.61 -10.30
C ILE B 301 95.79 16.12 -9.91
N GLN B 302 95.08 15.53 -10.87
CA GLN B 302 93.64 15.31 -10.77
C GLN B 302 93.21 14.26 -9.75
N LYS B 303 94.12 13.35 -9.40
CA LYS B 303 93.72 12.08 -8.83
C LYS B 303 92.96 12.11 -7.50
N ALA B 304 91.92 11.28 -7.43
CA ALA B 304 91.13 11.07 -6.23
C ALA B 304 90.61 9.64 -6.21
N GLY B 305 90.35 9.11 -5.03
CA GLY B 305 89.87 7.74 -4.89
C GLY B 305 89.95 7.25 -3.45
N TYR B 306 89.48 6.03 -3.21
CA TYR B 306 89.53 5.45 -1.87
C TYR B 306 90.94 5.00 -1.48
N LEU B 307 91.29 5.20 -0.20
CA LEU B 307 92.50 4.65 0.37
C LEU B 307 92.27 4.37 1.85
N ASN B 308 93.18 3.61 2.45
CA ASN B 308 93.10 3.32 3.88
C ASN B 308 94.05 4.26 4.60
N LEU B 309 93.62 4.77 5.76
CA LEU B 309 94.45 5.70 6.53
C LEU B 309 94.80 5.16 7.91
N ARG B 310 96.10 4.98 8.13
CA ARG B 310 96.61 4.63 9.45
C ARG B 310 96.19 5.70 10.43
N ASN B 311 95.83 5.29 11.64
CA ASN B 311 95.37 6.22 12.65
C ASN B 311 95.64 5.68 14.05
N LYS B 312 96.65 6.24 14.71
CA LYS B 312 96.99 5.84 16.06
C LYS B 312 95.78 6.09 16.97
N THR B 313 94.91 5.07 17.08
CA THR B 313 93.67 5.17 17.83
C THR B 313 93.95 5.31 19.32
N GLY B 314 94.84 4.44 19.81
CA GLY B 314 95.34 4.51 21.16
C GLY B 314 96.82 4.31 21.08
N LEU B 315 97.54 4.56 22.17
CA LEU B 315 98.97 4.26 22.19
C LEU B 315 99.19 2.85 21.67
N VAL B 316 100.13 2.70 20.74
CA VAL B 316 100.42 1.42 20.08
C VAL B 316 99.34 0.91 19.10
N THR B 317 98.07 0.98 19.46
CA THR B 317 97.01 0.47 18.59
C THR B 317 96.87 1.32 17.34
N THR B 318 96.35 0.72 16.27
CA THR B 318 96.04 1.43 15.04
C THR B 318 94.74 0.93 14.42
N THR B 319 94.08 1.80 13.65
CA THR B 319 92.98 1.40 12.79
C THR B 319 93.28 1.88 11.37
N TRP B 320 92.82 1.11 10.39
CA TRP B 320 93.00 1.45 8.98
C TRP B 320 91.64 1.68 8.34
N GLU B 321 91.21 2.94 8.31
CA GLU B 321 89.87 3.28 7.83
C GLU B 321 89.89 3.62 6.34
N ARG B 322 89.04 2.96 5.57
CA ARG B 322 88.82 3.32 4.18
C ARG B 322 88.12 4.67 4.14
N LEU B 323 88.69 5.61 3.40
CA LEU B 323 88.08 6.92 3.21
C LEU B 323 88.44 7.44 1.82
N TYR B 324 87.59 8.32 1.28
CA TYR B 324 87.81 8.85 -0.06
C TYR B 324 88.71 10.07 0.02
N PHE B 325 89.79 10.06 -0.74
CA PHE B 325 90.72 11.18 -0.81
C PHE B 325 90.66 11.86 -2.16
N PHE B 326 90.84 13.18 -2.16
CA PHE B 326 90.89 13.95 -3.40
C PHE B 326 91.71 15.22 -3.18
N THR B 327 92.19 15.81 -4.26
CA THR B 327 93.05 16.99 -4.19
C THR B 327 92.41 18.22 -4.84
N GLN B 328 92.66 19.39 -4.25
CA GLN B 328 92.16 20.65 -4.80
C GLN B 328 93.30 21.66 -4.97
N GLY B 329 93.30 22.73 -4.17
CA GLY B 329 94.25 23.82 -4.37
C GLY B 329 95.57 23.55 -3.70
N GLY B 330 96.25 22.48 -4.13
CA GLY B 330 97.46 22.05 -3.50
C GLY B 330 97.21 21.32 -2.19
N ASN B 331 95.93 21.20 -1.80
CA ASN B 331 95.54 20.55 -0.55
C ASN B 331 94.99 19.17 -0.81
N LEU B 332 95.21 18.25 0.14
CA LEU B 332 94.54 16.97 0.12
C LEU B 332 93.29 17.06 0.99
N MET B 333 92.28 16.25 0.67
CA MET B 333 91.03 16.27 1.39
C MET B 333 90.62 14.84 1.65
N CYS B 334 89.63 14.64 2.52
CA CYS B 334 89.37 13.32 3.10
C CYS B 334 87.93 12.83 3.03
N GLN B 335 86.97 13.71 2.70
CA GLN B 335 85.53 13.39 2.70
C GLN B 335 85.18 11.95 3.06
N PRO B 336 84.79 11.72 4.33
CA PRO B 336 84.33 10.36 4.64
C PRO B 336 83.07 10.02 3.87
N ARG B 337 82.84 8.74 3.63
CA ARG B 337 81.69 8.30 2.85
C ARG B 337 80.38 8.83 3.44
N GLY B 338 79.40 9.06 2.57
CA GLY B 338 78.11 9.54 2.99
C GLY B 338 78.03 11.06 2.97
N ALA B 339 78.51 11.69 4.03
CA ALA B 339 78.40 13.15 4.20
C ALA B 339 79.02 13.92 3.03
N VAL B 340 78.53 15.14 2.81
CA VAL B 340 79.07 16.01 1.78
C VAL B 340 80.18 16.88 2.36
N ALA B 341 81.20 17.15 1.56
CA ALA B 341 82.28 18.04 1.97
C ALA B 341 83.06 17.55 3.20
N GLY B 342 83.94 18.39 3.72
CA GLY B 342 84.85 18.02 4.80
C GLY B 342 86.21 17.72 4.20
N GLY B 343 87.23 17.57 5.04
CA GLY B 343 88.55 17.19 4.56
C GLY B 343 89.70 18.02 5.06
N LEU B 344 89.86 18.10 6.38
CA LEU B 344 90.92 18.89 6.97
C LEU B 344 92.24 18.11 6.96
N ILE B 345 93.07 18.35 5.94
CA ILE B 345 94.37 17.69 5.83
C ILE B 345 95.51 18.70 5.58
N GLN B 346 96.70 18.32 6.04
CA GLN B 346 97.83 19.21 6.31
C GLN B 346 98.24 20.26 5.25
N ASP B 347 98.33 19.87 3.99
CA ASP B 347 98.72 20.81 2.92
C ASP B 347 97.87 22.10 2.98
N LEU B 348 98.30 23.20 2.35
CA LEU B 348 99.46 23.28 1.45
C LEU B 348 100.77 23.64 2.15
N ASP B 349 101.84 23.01 1.66
CA ASP B 349 103.21 23.28 2.11
C ASP B 349 104.17 22.35 1.36
N ASN B 350 105.44 22.45 1.69
CA ASN B 350 106.45 21.56 1.10
C ASN B 350 106.48 20.21 1.80
N CYS B 351 105.77 19.24 1.23
CA CYS B 351 105.78 17.87 1.74
C CYS B 351 106.44 16.97 0.72
N SER B 352 106.77 15.75 1.15
CA SER B 352 107.41 14.77 0.27
C SER B 352 106.80 13.40 0.52
N VAL B 353 106.55 12.68 -0.57
CA VAL B 353 105.88 11.38 -0.51
C VAL B 353 106.84 10.29 -0.95
N MET B 354 106.73 9.12 -0.32
CA MET B 354 107.52 7.97 -0.72
C MET B 354 106.89 6.68 -0.21
N ALA B 355 107.00 5.62 -0.99
CA ALA B 355 106.50 4.32 -0.58
C ALA B 355 107.23 3.86 0.68
N VAL B 356 106.51 3.23 1.60
CA VAL B 356 107.08 2.83 2.88
C VAL B 356 106.45 1.52 3.36
N ASP B 357 107.21 0.74 4.11
CA ASP B 357 106.70 -0.49 4.71
C ASP B 357 106.10 -0.18 6.07
N CYS B 358 104.93 -0.75 6.34
CA CYS B 358 104.25 -0.52 7.61
C CYS B 358 103.42 -1.75 8.00
N GLU B 359 103.59 -2.19 9.24
CA GLU B 359 102.87 -3.35 9.78
C GLU B 359 102.79 -4.49 8.77
N ASP B 360 103.86 -4.67 8.00
CA ASP B 360 103.91 -5.65 6.92
C ASP B 360 102.66 -5.55 6.06
N ARG B 361 102.45 -4.37 5.47
CA ARG B 361 101.34 -4.17 4.55
C ARG B 361 101.87 -3.84 3.17
N ARG B 362 101.03 -4.08 2.17
CA ARG B 362 101.44 -3.94 0.78
C ARG B 362 100.86 -2.66 0.15
N TYR B 363 101.71 -1.98 -0.61
CA TYR B 363 101.33 -0.76 -1.31
C TYR B 363 100.90 0.38 -0.38
N CYS B 364 101.57 0.54 0.76
CA CYS B 364 101.37 1.71 1.60
C CYS B 364 102.47 2.75 1.38
N PHE B 365 102.10 4.03 1.47
CA PHE B 365 103.03 5.13 1.23
C PHE B 365 102.79 6.26 2.25
N GLN B 366 103.76 7.14 2.41
CA GLN B 366 103.72 8.14 3.48
C GLN B 366 104.19 9.52 3.04
N ILE B 367 103.44 10.55 3.42
CA ILE B 367 103.86 11.94 3.24
C ILE B 367 104.47 12.44 4.54
N THR B 368 105.14 13.58 4.47
CA THR B 368 105.79 14.17 5.65
C THR B 368 105.72 15.68 5.62
N THR B 369 105.37 16.26 6.76
CA THR B 369 105.30 17.70 6.94
C THR B 369 106.66 18.33 6.65
N PRO B 370 106.72 19.68 6.50
CA PRO B 370 108.03 20.32 6.38
C PRO B 370 108.96 19.93 7.53
N ASN B 371 108.41 19.87 8.73
CA ASN B 371 109.16 19.46 9.91
C ASN B 371 109.76 18.07 9.75
N GLY B 372 108.92 17.15 9.27
CA GLY B 372 109.25 15.73 9.22
C GLY B 372 108.54 14.96 10.32
N LYS B 373 107.80 15.68 11.17
CA LYS B 373 107.09 15.07 12.28
C LYS B 373 105.69 14.63 11.87
N SER B 374 105.12 13.72 12.67
CA SER B 374 103.77 13.20 12.46
C SER B 374 103.36 13.06 11.00
N GLY B 375 104.19 12.37 10.23
CA GLY B 375 103.90 12.11 8.83
C GLY B 375 102.73 11.15 8.67
N ILE B 376 101.80 11.51 7.79
CA ILE B 376 100.62 10.69 7.55
C ILE B 376 100.94 9.58 6.56
N ILE B 377 100.32 8.42 6.74
CA ILE B 377 100.60 7.25 5.91
C ILE B 377 99.31 6.56 5.46
N LEU B 378 99.24 6.25 4.16
CA LEU B 378 98.03 5.73 3.53
C LEU B 378 98.32 4.44 2.75
N GLN B 379 97.28 3.82 2.19
CA GLN B 379 97.45 2.57 1.44
C GLN B 379 96.50 2.44 0.26
N ALA B 380 97.06 2.11 -0.90
CA ALA B 380 96.28 1.86 -2.11
C ALA B 380 96.25 0.37 -2.39
N GLU B 381 95.26 -0.07 -3.14
CA GLU B 381 95.06 -1.50 -3.39
C GLU B 381 95.77 -2.06 -4.63
N SER B 382 96.13 -1.21 -5.59
CA SER B 382 96.37 -1.66 -6.96
C SER B 382 97.83 -1.74 -7.42
N ARG B 383 98.72 -0.99 -6.77
CA ARG B 383 100.10 -0.82 -7.23
C ARG B 383 100.12 0.20 -8.36
N LYS B 384 99.36 -0.08 -9.41
CA LYS B 384 99.06 0.89 -10.45
C LYS B 384 98.69 2.19 -9.76
N GLU B 385 97.75 2.09 -8.83
CA GLU B 385 97.26 3.25 -8.10
C GLU B 385 98.32 3.77 -7.14
N ASN B 386 98.97 2.86 -6.43
CA ASN B 386 100.01 3.23 -5.47
C ASN B 386 101.03 4.20 -6.04
N GLU B 387 101.73 3.76 -7.09
CA GLU B 387 102.79 4.55 -7.69
C GLU B 387 102.24 5.85 -8.29
N GLU B 388 100.98 5.82 -8.69
CA GLU B 388 100.35 6.97 -9.34
C GLU B 388 100.06 8.08 -8.33
N TRP B 389 99.58 7.71 -7.15
CA TRP B 389 99.38 8.67 -6.07
C TRP B 389 100.70 9.33 -5.74
N ILE B 390 101.73 8.51 -5.53
CA ILE B 390 103.04 9.00 -5.11
C ILE B 390 103.60 9.95 -6.17
N CYS B 391 103.49 9.56 -7.44
CA CYS B 391 103.92 10.41 -8.54
C CYS B 391 103.10 11.69 -8.56
N ALA B 392 101.83 11.58 -8.16
CA ALA B 392 100.91 12.70 -8.19
C ALA B 392 101.01 13.63 -6.97
N ILE B 393 101.84 13.30 -5.98
CA ILE B 393 101.95 14.14 -4.78
C ILE B 393 103.33 14.81 -4.67
N ASN B 394 104.40 14.11 -5.07
CA ASN B 394 105.72 14.74 -5.10
C ASN B 394 105.84 15.72 -6.27
N ASN B 395 104.93 15.61 -7.24
CA ASN B 395 104.95 16.48 -8.41
C ASN B 395 103.90 17.61 -8.34
N ILE B 396 102.90 17.45 -7.47
CA ILE B 396 101.94 18.52 -7.21
C ILE B 396 102.55 19.55 -6.26
N SER B 397 103.45 19.09 -5.39
CA SER B 397 104.08 19.99 -4.42
C SER B 397 105.28 20.74 -5.03
N ARG B 398 105.58 20.48 -6.30
CA ARG B 398 106.63 21.21 -7.00
C ARG B 398 106.35 22.71 -7.06
N GLN B 399 105.07 23.09 -6.98
CA GLN B 399 104.68 24.48 -7.11
C GLN B 399 104.90 25.25 -5.81
N ILE B 400 106.15 25.62 -5.58
CA ILE B 400 106.56 26.34 -4.36
C ILE B 400 106.71 27.85 -4.61
N TYR B 401 106.84 28.24 -5.88
CA TYR B 401 107.04 29.63 -6.28
C TYR B 401 106.26 30.65 -5.44
N ASN C 17 -64.09 39.40 -8.00
CA ASN C 17 -65.33 40.17 -8.29
C ASN C 17 -66.56 39.39 -7.85
N LEU C 18 -67.27 39.92 -6.85
CA LEU C 18 -68.41 39.24 -6.20
C LEU C 18 -68.00 38.04 -5.34
N TYR C 19 -66.71 37.72 -5.30
CA TYR C 19 -66.26 36.48 -4.66
C TYR C 19 -65.65 36.71 -3.28
N PHE C 20 -66.14 35.95 -2.31
CA PHE C 20 -65.76 36.12 -0.91
C PHE C 20 -64.89 34.96 -0.41
N GLN C 21 -63.64 35.27 -0.08
CA GLN C 21 -62.73 34.28 0.47
C GLN C 21 -63.16 33.91 1.88
N SER C 22 -63.93 32.83 2.02
CA SER C 22 -64.35 32.36 3.34
C SER C 22 -64.05 30.89 3.54
N ASN C 23 -63.70 30.57 4.79
CA ASN C 23 -63.16 29.27 5.17
C ASN C 23 -63.90 28.08 4.59
N ALA C 24 -63.26 27.42 3.62
CA ALA C 24 -63.80 26.23 2.99
C ALA C 24 -63.09 24.99 3.54
N PRO C 25 -63.82 24.10 4.24
CA PRO C 25 -63.23 22.86 4.76
C PRO C 25 -62.50 22.00 3.72
N ALA C 26 -63.03 21.96 2.50
CA ALA C 26 -62.52 21.07 1.45
C ALA C 26 -62.80 19.62 1.82
N VAL C 27 -61.98 18.70 1.34
CA VAL C 27 -61.98 17.30 1.80
C VAL C 27 -63.34 16.59 1.87
N ASP C 28 -64.32 17.09 1.12
CA ASP C 28 -65.68 16.51 1.07
C ASP C 28 -66.08 15.61 2.25
N LYS C 29 -66.74 16.19 3.24
CA LYS C 29 -67.29 15.39 4.34
C LYS C 29 -68.38 14.50 3.78
N LEU C 30 -68.82 13.54 4.58
CA LEU C 30 -69.92 12.65 4.22
C LEU C 30 -70.82 12.43 5.43
N LEU C 31 -72.05 12.94 5.34
CA LEU C 31 -73.06 12.71 6.36
C LEU C 31 -72.73 13.45 7.69
N LEU C 32 -72.71 12.89 8.91
CA LEU C 32 -73.00 11.51 9.34
C LEU C 32 -74.46 11.28 9.74
N GLU C 33 -75.33 12.23 9.42
CA GLU C 33 -76.72 12.16 9.86
C GLU C 33 -77.61 11.31 8.94
N GLU C 34 -77.29 11.28 7.65
CA GLU C 34 -78.10 10.52 6.69
C GLU C 34 -77.76 9.02 6.74
N ALA C 35 -76.86 8.63 7.64
CA ALA C 35 -76.58 7.22 7.86
C ALA C 35 -77.78 6.64 8.58
N LEU C 36 -78.22 5.45 8.14
CA LEU C 36 -79.43 4.78 8.62
C LEU C 36 -80.69 5.24 7.87
N GLN C 37 -80.71 6.51 7.47
CA GLN C 37 -81.78 7.00 6.59
C GLN C 37 -81.67 6.20 5.29
N ASP C 38 -80.44 5.98 4.85
CA ASP C 38 -80.16 5.18 3.68
C ASP C 38 -80.81 5.79 2.45
N SER C 39 -80.77 7.12 2.40
CA SER C 39 -81.30 7.86 1.28
C SER C 39 -80.64 7.39 0.00
N PRO C 40 -81.39 7.29 -1.10
CA PRO C 40 -80.72 7.00 -2.37
C PRO C 40 -79.75 8.13 -2.76
N GLN C 41 -80.05 9.34 -2.31
CA GLN C 41 -79.18 10.48 -2.55
C GLN C 41 -77.88 10.40 -1.74
N THR C 42 -77.82 9.45 -0.81
CA THR C 42 -76.60 9.19 -0.04
C THR C 42 -75.77 8.10 -0.71
N ARG C 43 -76.43 6.99 -1.04
CA ARG C 43 -75.76 5.85 -1.65
C ARG C 43 -75.11 6.31 -2.93
N SER C 44 -75.84 7.10 -3.71
CA SER C 44 -75.24 7.88 -4.77
C SER C 44 -74.62 9.10 -4.12
N LEU C 45 -73.31 9.25 -4.30
CA LEU C 45 -72.41 10.14 -3.55
C LEU C 45 -71.39 9.26 -2.87
N LEU C 46 -71.88 8.26 -2.14
CA LEU C 46 -71.02 7.22 -1.61
C LEU C 46 -70.41 6.48 -2.79
N SER C 47 -71.24 6.23 -3.79
CA SER C 47 -70.79 5.61 -5.04
C SER C 47 -69.64 6.39 -5.66
N VAL C 48 -69.67 7.69 -5.46
CA VAL C 48 -68.66 8.58 -6.02
C VAL C 48 -67.39 8.53 -5.18
N PHE C 49 -67.54 8.44 -3.86
CA PHE C 49 -66.40 8.21 -2.97
C PHE C 49 -65.73 6.88 -3.28
N GLU C 50 -66.54 5.90 -3.68
CA GLU C 50 -66.02 4.59 -4.00
C GLU C 50 -65.19 4.63 -5.28
N GLU C 51 -65.60 5.46 -6.23
CA GLU C 51 -64.83 5.65 -7.45
C GLU C 51 -63.56 6.45 -7.16
N ASP C 52 -63.65 7.39 -6.22
CA ASP C 52 -62.48 8.12 -5.76
C ASP C 52 -61.42 7.13 -5.29
N ALA C 53 -61.77 6.40 -4.22
CA ALA C 53 -60.88 5.41 -3.64
C ALA C 53 -60.41 4.46 -4.73
N GLY C 54 -61.34 4.03 -5.59
CA GLY C 54 -61.03 3.09 -6.65
C GLY C 54 -59.82 3.50 -7.47
N THR C 55 -59.91 4.64 -8.14
CA THR C 55 -58.81 5.08 -8.98
C THR C 55 -57.65 5.64 -8.17
N LEU C 56 -57.86 5.91 -6.88
CA LEU C 56 -56.76 6.31 -6.02
C LEU C 56 -55.85 5.13 -5.69
N THR C 57 -56.44 4.01 -5.26
CA THR C 57 -55.66 2.81 -4.96
C THR C 57 -54.84 2.42 -6.18
N ASP C 58 -55.41 2.61 -7.36
CA ASP C 58 -54.69 2.36 -8.61
C ASP C 58 -53.46 3.23 -8.72
N TYR C 59 -53.61 4.54 -8.48
CA TYR C 59 -52.49 5.46 -8.60
C TYR C 59 -51.37 5.20 -7.60
N THR C 60 -51.73 4.99 -6.33
CA THR C 60 -50.73 4.68 -5.30
C THR C 60 -49.96 3.41 -5.64
N ASN C 61 -50.63 2.44 -6.26
CA ASN C 61 -49.95 1.25 -6.72
C ASN C 61 -48.94 1.59 -7.82
N GLN C 62 -49.31 2.50 -8.71
CA GLN C 62 -48.42 2.93 -9.78
C GLN C 62 -47.27 3.77 -9.21
N LEU C 63 -47.53 4.52 -8.15
CA LEU C 63 -46.51 5.37 -7.55
C LEU C 63 -45.53 4.55 -6.73
N LEU C 64 -46.08 3.72 -5.84
CA LEU C 64 -45.30 2.80 -5.02
C LEU C 64 -44.26 2.04 -5.83
N GLN C 65 -44.67 1.49 -6.98
CA GLN C 65 -43.74 0.78 -7.85
C GLN C 65 -42.66 1.70 -8.38
N ALA C 66 -43.05 2.91 -8.78
CA ALA C 66 -42.12 3.89 -9.32
C ALA C 66 -41.10 4.31 -8.26
N MET C 67 -41.56 4.39 -7.01
CA MET C 67 -40.68 4.78 -5.91
C MET C 67 -39.80 3.61 -5.50
N GLN C 68 -40.33 2.40 -5.64
CA GLN C 68 -39.57 1.21 -5.29
C GLN C 68 -38.48 0.91 -6.31
N ARG C 69 -38.71 1.29 -7.57
CA ARG C 69 -37.67 1.16 -8.58
C ARG C 69 -36.54 2.12 -8.25
N VAL C 70 -36.90 3.32 -7.79
CA VAL C 70 -35.91 4.31 -7.40
C VAL C 70 -35.07 3.83 -6.23
N TYR C 71 -35.71 3.21 -5.25
CA TYR C 71 -34.98 2.66 -4.11
C TYR C 71 -34.12 1.48 -4.53
N GLY C 72 -34.68 0.60 -5.35
CA GLY C 72 -33.95 -0.57 -5.81
C GLY C 72 -32.67 -0.17 -6.51
N ALA C 73 -32.76 0.87 -7.33
CA ALA C 73 -31.61 1.40 -8.05
C ALA C 73 -30.58 1.95 -7.07
N GLN C 74 -31.06 2.73 -6.12
CA GLN C 74 -30.20 3.29 -5.08
C GLN C 74 -29.50 2.19 -4.29
N ASN C 75 -30.20 1.09 -4.06
CA ASN C 75 -29.65 0.00 -3.30
C ASN C 75 -28.62 -0.77 -4.12
N GLU C 76 -28.94 -1.02 -5.39
CA GLU C 76 -28.02 -1.76 -6.25
C GLU C 76 -26.73 -0.95 -6.42
N MET C 77 -26.85 0.37 -6.33
CA MET C 77 -25.67 1.23 -6.38
C MET C 77 -24.75 0.97 -5.19
N CYS C 78 -25.33 0.67 -4.03
CA CYS C 78 -24.52 0.30 -2.87
C CYS C 78 -23.72 -0.96 -3.14
N LEU C 79 -24.34 -1.91 -3.84
CA LEU C 79 -23.70 -3.19 -4.12
C LEU C 79 -22.64 -3.08 -5.21
N ALA C 80 -22.90 -2.23 -6.21
CA ALA C 80 -21.98 -2.10 -7.33
C ALA C 80 -20.67 -1.50 -6.86
N THR C 81 -20.77 -0.44 -6.06
CA THR C 81 -19.59 0.21 -5.51
C THR C 81 -18.87 -0.75 -4.57
N GLN C 82 -19.64 -1.45 -3.73
CA GLN C 82 -19.07 -2.43 -2.82
C GLN C 82 -18.27 -3.48 -3.58
N GLN C 83 -18.83 -4.00 -4.67
CA GLN C 83 -18.19 -5.04 -5.46
C GLN C 83 -16.94 -4.52 -6.15
N LEU C 84 -16.98 -3.25 -6.55
CA LEU C 84 -15.85 -2.62 -7.20
C LEU C 84 -14.69 -2.41 -6.24
N SER C 85 -14.98 -1.85 -5.07
CA SER C 85 -13.97 -1.60 -4.05
C SER C 85 -13.16 -2.86 -3.79
N LYS C 86 -13.86 -3.98 -3.65
CA LYS C 86 -13.22 -5.27 -3.46
C LYS C 86 -12.25 -5.54 -4.61
N GLN C 87 -12.72 -5.30 -5.83
CA GLN C 87 -11.95 -5.64 -7.01
C GLN C 87 -10.69 -4.78 -7.16
N LEU C 88 -10.72 -3.56 -6.64
CA LEU C 88 -9.54 -2.71 -6.65
C LEU C 88 -8.46 -3.32 -5.77
N LEU C 89 -8.87 -3.73 -4.57
CA LEU C 89 -7.95 -4.35 -3.62
C LEU C 89 -7.38 -5.65 -4.16
N ALA C 90 -8.12 -6.31 -5.03
CA ALA C 90 -7.69 -7.60 -5.57
C ALA C 90 -6.47 -7.49 -6.50
N TYR C 91 -6.05 -6.27 -6.84
CA TYR C 91 -4.86 -6.09 -7.67
C TYR C 91 -3.62 -6.58 -6.94
N GLU C 92 -3.43 -6.09 -5.72
CA GLU C 92 -2.30 -6.50 -4.89
C GLU C 92 -2.32 -8.00 -4.56
N LYS C 93 -3.49 -8.62 -4.71
CA LYS C 93 -3.66 -10.03 -4.37
C LYS C 93 -3.41 -11.00 -5.54
N GLN C 94 -2.98 -10.52 -6.70
CA GLN C 94 -2.92 -11.41 -7.87
C GLN C 94 -1.80 -12.47 -7.82
N ASN C 95 -0.52 -12.10 -7.69
CA ASN C 95 -0.02 -10.75 -7.86
C ASN C 95 0.82 -10.76 -9.14
N PHE C 96 1.35 -9.59 -9.51
CA PHE C 96 2.24 -9.47 -10.63
C PHE C 96 3.63 -9.11 -10.13
N ALA C 97 4.66 -9.69 -10.73
CA ALA C 97 6.04 -9.49 -10.30
C ALA C 97 6.74 -8.45 -11.19
N LEU C 98 7.16 -7.31 -10.63
CA LEU C 98 6.88 -6.90 -9.26
C LEU C 98 7.06 -5.40 -9.11
N ASP C 102 5.46 -2.84 -8.87
CA ASP C 102 4.14 -2.21 -8.90
C ASP C 102 3.70 -1.77 -7.50
N GLU C 103 4.65 -1.52 -6.60
CA GLU C 103 4.32 -1.09 -5.22
C GLU C 103 3.65 0.27 -5.23
N GLU C 104 3.93 1.06 -6.28
CA GLU C 104 3.45 2.43 -6.36
C GLU C 104 2.15 2.53 -7.16
N VAL C 105 1.68 1.40 -7.69
CA VAL C 105 0.33 1.32 -8.24
C VAL C 105 -0.63 0.78 -7.18
N ILE C 106 -0.09 0.08 -6.18
CA ILE C 106 -0.93 -0.55 -5.17
C ILE C 106 -1.36 0.43 -4.10
N SER C 107 -0.40 1.13 -3.51
CA SER C 107 -0.71 2.07 -2.44
C SER C 107 -1.62 3.18 -2.95
N THR C 108 -1.52 3.50 -4.23
CA THR C 108 -2.41 4.48 -4.84
C THR C 108 -3.82 3.92 -4.99
N LEU C 109 -3.94 2.71 -5.53
CA LEU C 109 -5.25 2.07 -5.67
C LEU C 109 -5.91 1.86 -4.32
N HIS C 110 -5.09 1.69 -3.29
CA HIS C 110 -5.61 1.57 -1.92
C HIS C 110 -6.41 2.81 -1.55
N TYR C 111 -5.87 3.98 -1.89
CA TYR C 111 -6.55 5.24 -1.62
C TYR C 111 -7.91 5.27 -2.31
N PHE C 112 -7.92 5.00 -3.61
CA PHE C 112 -9.16 4.95 -4.38
C PHE C 112 -10.16 3.98 -3.77
N SER C 113 -9.68 2.85 -3.25
CA SER C 113 -10.54 1.88 -2.59
C SER C 113 -11.15 2.49 -1.33
N LYS C 114 -10.34 3.24 -0.60
CA LYS C 114 -10.81 3.93 0.60
C LYS C 114 -11.87 4.97 0.24
N VAL C 115 -11.76 5.56 -0.95
CA VAL C 115 -12.75 6.54 -1.41
C VAL C 115 -14.07 5.85 -1.69
N VAL C 116 -14.01 4.84 -2.54
CA VAL C 116 -15.21 4.10 -2.95
C VAL C 116 -15.96 3.59 -1.73
N ASP C 117 -15.23 3.25 -0.67
CA ASP C 117 -15.85 2.83 0.57
C ASP C 117 -16.64 3.97 1.19
N GLU C 118 -15.97 5.09 1.46
CA GLU C 118 -16.61 6.26 2.05
C GLU C 118 -17.86 6.64 1.28
N LEU C 119 -17.85 6.40 -0.03
CA LEU C 119 -19.03 6.66 -0.86
C LEU C 119 -20.13 5.65 -0.58
N ASN C 120 -19.80 4.37 -0.66
CA ASN C 120 -20.75 3.29 -0.39
C ASN C 120 -21.52 3.58 0.90
N LEU C 121 -20.83 4.11 1.90
CA LEU C 121 -21.45 4.42 3.18
C LEU C 121 -22.50 5.53 3.03
N LEU C 122 -22.25 6.47 2.12
CA LEU C 122 -23.24 7.51 1.83
C LEU C 122 -24.44 6.93 1.09
N HIS C 123 -24.18 6.21 0.00
CA HIS C 123 -25.24 5.56 -0.75
C HIS C 123 -26.06 4.62 0.13
N THR C 124 -25.40 4.03 1.13
CA THR C 124 -26.09 3.16 2.07
C THR C 124 -26.98 3.98 3.01
N GLU C 125 -26.40 5.01 3.62
CA GLU C 125 -27.13 5.84 4.57
C GLU C 125 -28.35 6.44 3.89
N LEU C 126 -28.21 6.82 2.63
CA LEU C 126 -29.33 7.35 1.87
C LEU C 126 -30.37 6.26 1.65
N ALA C 127 -29.92 5.11 1.13
CA ALA C 127 -30.79 3.99 0.83
C ALA C 127 -31.72 3.63 1.99
N LYS C 128 -31.15 3.49 3.19
CA LYS C 128 -31.96 3.18 4.35
C LYS C 128 -32.92 4.33 4.64
N GLN C 129 -32.39 5.55 4.66
CA GLN C 129 -33.21 6.74 4.87
C GLN C 129 -34.32 6.82 3.82
N LEU C 130 -34.03 6.31 2.63
CA LEU C 130 -34.95 6.38 1.51
C LEU C 130 -36.06 5.36 1.65
N ALA C 131 -35.75 4.19 2.18
CA ALA C 131 -36.76 3.15 2.36
C ALA C 131 -37.60 3.36 3.62
N ASP C 132 -37.14 4.23 4.51
CA ASP C 132 -37.83 4.47 5.77
C ASP C 132 -38.66 5.77 5.78
N THR C 133 -38.23 6.76 5.01
CA THR C 133 -38.91 8.06 4.98
C THR C 133 -39.77 8.27 3.72
N MET C 134 -39.59 7.41 2.72
CA MET C 134 -40.40 7.49 1.50
C MET C 134 -41.18 6.21 1.27
N VAL C 135 -40.48 5.15 0.87
CA VAL C 135 -41.15 3.91 0.48
C VAL C 135 -42.07 3.41 1.59
N LEU C 136 -41.67 3.63 2.84
CA LEU C 136 -42.42 3.09 3.97
C LEU C 136 -43.80 3.75 4.14
N PRO C 137 -43.86 5.10 4.23
CA PRO C 137 -45.16 5.77 4.31
C PRO C 137 -46.19 5.34 3.26
N ILE C 138 -45.75 5.12 2.02
CA ILE C 138 -46.68 4.77 0.95
C ILE C 138 -47.21 3.34 1.08
N ILE C 139 -46.34 2.42 1.49
CA ILE C 139 -46.76 1.03 1.68
C ILE C 139 -47.78 0.97 2.82
N GLN C 140 -47.49 1.67 3.91
CA GLN C 140 -48.38 1.71 5.05
C GLN C 140 -49.74 2.25 4.62
N PHE C 141 -49.71 3.29 3.78
CA PHE C 141 -50.93 3.89 3.28
C PHE C 141 -51.75 2.89 2.45
N ARG C 142 -51.08 2.08 1.66
CA ARG C 142 -51.76 1.10 0.82
C ARG C 142 -52.26 -0.12 1.62
N GLU C 143 -51.48 -0.53 2.61
CA GLU C 143 -51.73 -1.79 3.28
C GLU C 143 -52.56 -1.65 4.57
N LYS C 144 -52.59 -0.46 5.15
CA LYS C 144 -53.31 -0.23 6.41
C LYS C 144 -54.56 0.63 6.22
N ASP C 145 -54.46 1.68 5.41
CA ASP C 145 -55.55 2.63 5.24
C ASP C 145 -56.46 2.27 4.07
N LEU C 146 -55.90 2.23 2.86
CA LEU C 146 -56.67 1.86 1.69
C LEU C 146 -57.23 0.45 1.83
N THR C 147 -56.60 -0.34 2.69
CA THR C 147 -57.12 -1.65 3.06
C THR C 147 -58.34 -1.50 3.97
N GLU C 148 -58.15 -0.85 5.12
CA GLU C 148 -59.22 -0.64 6.10
C GLU C 148 -60.53 -0.21 5.45
N VAL C 149 -60.42 0.55 4.37
CA VAL C 149 -61.59 1.00 3.64
C VAL C 149 -62.24 -0.15 2.88
N SER C 150 -61.47 -0.80 2.02
CA SER C 150 -61.99 -1.87 1.20
C SER C 150 -62.56 -3.01 2.05
N THR C 151 -62.09 -3.11 3.29
CA THR C 151 -62.61 -4.10 4.22
C THR C 151 -63.98 -3.64 4.71
N LEU C 152 -64.05 -2.37 5.11
CA LEU C 152 -65.30 -1.80 5.62
C LEU C 152 -66.36 -1.69 4.54
N LYS C 153 -65.93 -1.57 3.29
CA LYS C 153 -66.84 -1.49 2.16
C LYS C 153 -67.54 -2.83 1.96
N ASP C 154 -66.74 -3.86 1.68
CA ASP C 154 -67.25 -5.21 1.53
C ASP C 154 -68.08 -5.60 2.75
N LEU C 155 -67.67 -5.12 3.92
CA LEU C 155 -68.35 -5.41 5.17
C LEU C 155 -69.72 -4.74 5.22
N PHE C 156 -69.77 -3.45 4.89
CA PHE C 156 -71.02 -2.70 4.93
C PHE C 156 -72.00 -3.25 3.90
N GLY C 157 -71.47 -3.65 2.75
CA GLY C 157 -72.28 -4.27 1.71
C GLY C 157 -72.91 -5.54 2.22
N LEU C 158 -72.18 -6.28 3.05
CA LEU C 158 -72.70 -7.51 3.63
C LEU C 158 -73.91 -7.20 4.50
N ALA C 159 -73.73 -6.30 5.46
CA ALA C 159 -74.79 -5.90 6.38
C ALA C 159 -76.02 -5.38 5.62
N SER C 160 -75.78 -4.78 4.47
CA SER C 160 -76.85 -4.23 3.64
C SER C 160 -77.75 -5.34 3.09
N ASN C 161 -77.13 -6.43 2.65
CA ASN C 161 -77.90 -7.55 2.11
C ASN C 161 -78.67 -8.26 3.22
N GLU C 162 -78.06 -8.37 4.39
CA GLU C 162 -78.72 -8.97 5.55
C GLU C 162 -79.96 -8.17 5.91
N HIS C 163 -79.89 -6.85 5.75
CA HIS C 163 -81.01 -5.97 6.02
C HIS C 163 -82.13 -6.16 5.01
N ASP C 164 -81.76 -6.19 3.73
CA ASP C 164 -82.74 -6.33 2.67
C ASP C 164 -83.59 -7.58 2.84
N LEU C 165 -82.98 -8.63 3.36
CA LEU C 165 -83.67 -9.92 3.52
C LEU C 165 -84.57 -9.92 4.75
N SER C 166 -84.11 -9.33 5.84
CA SER C 166 -84.94 -9.20 7.04
C SER C 166 -86.14 -8.30 6.77
N MET C 167 -86.00 -7.40 5.80
CA MET C 167 -87.11 -6.58 5.37
C MET C 167 -88.02 -7.39 4.47
N ALA C 168 -87.43 -8.17 3.58
CA ALA C 168 -88.18 -9.02 2.67
C ALA C 168 -89.05 -10.00 3.46
N LYS C 169 -88.56 -10.44 4.61
CA LYS C 169 -89.29 -11.36 5.47
C LYS C 169 -90.42 -10.62 6.21
N TYR C 170 -90.05 -9.57 6.94
CA TYR C 170 -91.00 -8.80 7.73
C TYR C 170 -92.17 -8.29 6.90
N SER C 171 -91.91 -7.99 5.64
CA SER C 171 -92.96 -7.50 4.75
C SER C 171 -94.04 -8.56 4.63
N ARG C 172 -93.64 -9.79 4.37
CA ARG C 172 -94.61 -10.87 4.14
C ARG C 172 -95.09 -11.50 5.44
N LEU C 173 -95.77 -10.69 6.26
CA LEU C 173 -96.37 -11.17 7.49
C LEU C 173 -97.88 -11.05 7.37
N PRO C 174 -98.62 -12.11 7.78
CA PRO C 174 -100.07 -12.16 7.57
C PRO C 174 -100.84 -11.02 8.23
N LYS C 175 -101.87 -10.53 7.54
CA LYS C 175 -102.77 -9.53 8.09
C LYS C 175 -103.87 -10.22 8.90
N LYS C 176 -104.29 -11.41 8.45
CA LYS C 176 -105.24 -12.22 9.19
C LYS C 176 -104.78 -13.70 9.14
N LYS C 177 -104.47 -14.33 10.28
CA LYS C 177 -104.32 -13.72 11.60
C LYS C 177 -102.91 -14.00 12.11
N GLU C 178 -102.23 -12.93 12.51
CA GLU C 178 -100.81 -12.99 12.82
C GLU C 178 -100.49 -13.57 14.20
N ASN C 179 -99.48 -14.44 14.24
CA ASN C 179 -98.89 -14.87 15.49
C ASN C 179 -98.14 -13.69 16.08
N GLU C 180 -98.32 -13.45 17.38
CA GLU C 180 -97.60 -12.39 18.05
C GLU C 180 -96.21 -12.87 18.48
N LYS C 181 -96.01 -14.19 18.48
CA LYS C 181 -94.70 -14.76 18.74
C LYS C 181 -93.81 -14.71 17.50
N VAL C 182 -94.42 -14.76 16.32
CA VAL C 182 -93.68 -14.67 15.07
C VAL C 182 -93.46 -13.21 14.70
N LYS C 183 -94.53 -12.42 14.74
CA LYS C 183 -94.47 -11.00 14.40
C LYS C 183 -93.33 -10.29 15.11
N THR C 184 -93.42 -10.24 16.43
CA THR C 184 -92.45 -9.49 17.22
C THR C 184 -91.07 -10.15 17.19
N GLU C 185 -91.00 -11.45 16.90
CA GLU C 185 -89.72 -12.13 16.75
C GLU C 185 -88.98 -11.67 15.50
N VAL C 186 -89.73 -11.53 14.41
CA VAL C 186 -89.16 -11.07 13.15
C VAL C 186 -88.82 -9.58 13.22
N GLY C 187 -89.59 -8.84 14.02
CA GLY C 187 -89.26 -7.45 14.28
C GLY C 187 -87.88 -7.31 14.90
N LYS C 188 -87.54 -8.23 15.80
CA LYS C 188 -86.22 -8.23 16.42
C LYS C 188 -85.14 -8.54 15.39
N GLU C 189 -85.43 -9.43 14.45
CA GLU C 189 -84.47 -9.79 13.41
C GLU C 189 -84.14 -8.57 12.56
N VAL C 190 -85.14 -7.75 12.30
CA VAL C 190 -84.94 -6.51 11.56
C VAL C 190 -84.01 -5.59 12.35
N ALA C 191 -84.23 -5.49 13.65
CA ALA C 191 -83.39 -4.66 14.50
C ALA C 191 -81.94 -5.13 14.47
N ALA C 192 -81.75 -6.45 14.49
CA ALA C 192 -80.41 -7.02 14.42
C ALA C 192 -79.73 -6.58 13.14
N ALA C 193 -80.41 -6.80 12.02
CA ALA C 193 -79.87 -6.45 10.71
C ALA C 193 -79.70 -4.94 10.57
N ARG C 194 -80.52 -4.16 11.26
CA ARG C 194 -80.48 -2.71 11.17
C ARG C 194 -79.38 -2.10 12.04
N ARG C 195 -78.95 -2.83 13.06
CA ARG C 195 -77.81 -2.40 13.86
C ARG C 195 -76.53 -2.49 13.03
N LYS C 196 -76.38 -3.54 12.26
CA LYS C 196 -75.24 -3.67 11.37
C LYS C 196 -75.30 -2.62 10.28
N GLN C 197 -76.47 -2.51 9.65
CA GLN C 197 -76.72 -1.49 8.63
C GLN C 197 -76.19 -0.14 9.09
N HIS C 198 -76.50 0.20 10.33
CA HIS C 198 -76.13 1.50 10.87
C HIS C 198 -74.68 1.52 11.32
N LEU C 199 -74.24 0.42 11.93
CA LEU C 199 -72.89 0.35 12.47
C LEU C 199 -71.89 0.38 11.32
N SER C 200 -71.92 -0.65 10.49
CA SER C 200 -70.97 -0.80 9.41
C SER C 200 -70.96 0.42 8.49
N SER C 201 -72.07 1.15 8.42
CA SER C 201 -72.14 2.33 7.58
C SER C 201 -71.39 3.49 8.22
N LEU C 202 -71.53 3.68 9.52
CA LEU C 202 -70.89 4.82 10.15
C LEU C 202 -69.38 4.62 10.16
N GLN C 203 -68.95 3.41 10.53
CA GLN C 203 -67.54 3.06 10.47
C GLN C 203 -67.00 3.29 9.07
N TYR C 204 -67.76 2.83 8.08
CA TYR C 204 -67.33 2.89 6.69
C TYR C 204 -67.23 4.33 6.22
N TYR C 205 -68.22 5.13 6.58
CA TYR C 205 -68.31 6.49 6.07
C TYR C 205 -67.21 7.30 6.75
N CYS C 206 -67.15 7.16 8.07
CA CYS C 206 -66.10 7.80 8.86
C CYS C 206 -64.69 7.54 8.31
N ALA C 207 -64.49 6.34 7.76
CA ALA C 207 -63.19 5.97 7.21
C ALA C 207 -62.86 6.77 5.96
N LEU C 208 -63.79 6.79 5.00
CA LEU C 208 -63.58 7.50 3.75
C LEU C 208 -63.38 9.00 4.00
N ASN C 209 -64.03 9.54 5.03
CA ASN C 209 -63.85 10.92 5.40
C ASN C 209 -62.41 11.24 5.76
N ALA C 210 -61.88 10.50 6.73
CA ALA C 210 -60.50 10.70 7.15
C ALA C 210 -59.54 10.42 6.01
N LEU C 211 -59.89 9.46 5.15
CA LEU C 211 -59.07 9.14 3.98
C LEU C 211 -58.87 10.35 3.08
N GLN C 212 -59.78 11.32 3.15
CA GLN C 212 -59.64 12.54 2.36
C GLN C 212 -58.47 13.36 2.86
N TYR C 213 -58.33 13.48 4.18
CA TYR C 213 -57.19 14.17 4.77
C TYR C 213 -55.89 13.38 4.57
N ARG C 214 -55.93 12.11 4.99
CA ARG C 214 -54.76 11.22 4.89
C ARG C 214 -54.16 11.20 3.50
N LYS C 215 -55.03 10.98 2.52
CA LYS C 215 -54.65 11.00 1.10
C LYS C 215 -53.69 12.15 0.78
N GLN C 216 -54.03 13.36 1.21
CA GLN C 216 -53.23 14.54 0.89
C GLN C 216 -51.83 14.41 1.48
N MET C 217 -51.78 14.14 2.78
CA MET C 217 -50.49 14.03 3.48
C MET C 217 -49.81 12.68 3.25
N ALA C 218 -50.46 11.80 2.49
CA ALA C 218 -49.83 10.55 2.06
C ALA C 218 -49.23 10.67 0.65
N MET C 219 -49.30 11.85 0.06
CA MET C 219 -48.60 12.13 -1.19
C MET C 219 -47.36 12.95 -0.92
N MET C 220 -47.39 13.74 0.17
CA MET C 220 -46.35 14.74 0.40
C MET C 220 -45.29 14.26 1.40
N GLU C 221 -45.72 13.65 2.50
CA GLU C 221 -44.78 13.09 3.47
C GLU C 221 -43.72 12.20 2.83
N PRO C 222 -44.15 11.25 1.98
CA PRO C 222 -43.19 10.35 1.33
C PRO C 222 -42.03 11.08 0.67
N MET C 223 -42.30 12.24 0.09
CA MET C 223 -41.30 12.96 -0.67
C MET C 223 -40.51 13.98 0.14
N ILE C 224 -41.07 14.45 1.26
CA ILE C 224 -40.30 15.28 2.17
C ILE C 224 -39.10 14.46 2.63
N GLY C 225 -39.37 13.19 2.95
CA GLY C 225 -38.34 12.28 3.38
C GLY C 225 -37.27 12.07 2.33
N PHE C 226 -37.70 11.75 1.11
CA PHE C 226 -36.79 11.59 -0.02
C PHE C 226 -35.85 12.79 -0.16
N ALA C 227 -36.39 13.99 0.03
CA ALA C 227 -35.60 15.21 -0.07
C ALA C 227 -34.48 15.25 0.98
N HIS C 228 -34.83 14.97 2.22
CA HIS C 228 -33.87 15.01 3.32
C HIS C 228 -32.79 13.96 3.17
N GLY C 229 -33.15 12.79 2.66
CA GLY C 229 -32.17 11.75 2.39
C GLY C 229 -31.13 12.25 1.39
N GLN C 230 -31.58 13.09 0.46
CA GLN C 230 -30.69 13.67 -0.53
C GLN C 230 -29.87 14.81 0.06
N ILE C 231 -30.44 15.57 1.00
CA ILE C 231 -29.70 16.64 1.65
C ILE C 231 -28.49 16.05 2.39
N ASN C 232 -28.75 15.12 3.31
CA ASN C 232 -27.70 14.44 4.04
C ASN C 232 -26.62 13.94 3.11
N PHE C 233 -27.05 13.33 2.01
CA PHE C 233 -26.16 12.71 1.05
C PHE C 233 -25.26 13.72 0.35
N PHE C 234 -25.86 14.61 -0.43
CA PHE C 234 -25.10 15.56 -1.23
C PHE C 234 -24.22 16.44 -0.35
N LYS C 235 -24.73 16.82 0.82
CA LYS C 235 -23.97 17.68 1.72
C LYS C 235 -22.80 16.95 2.36
N LYS C 236 -23.07 15.77 2.93
CA LYS C 236 -22.05 14.98 3.58
C LYS C 236 -21.00 14.45 2.60
N GLY C 237 -21.39 14.34 1.32
CA GLY C 237 -20.49 13.81 0.31
C GLY C 237 -19.76 14.87 -0.49
N ALA C 238 -20.36 16.04 -0.61
CA ALA C 238 -19.66 17.17 -1.22
C ALA C 238 -18.57 17.65 -0.27
N GLU C 239 -18.69 17.30 1.00
CA GLU C 239 -17.67 17.61 1.99
C GLU C 239 -16.43 16.75 1.75
N MET C 240 -16.65 15.47 1.48
CA MET C 240 -15.54 14.54 1.22
C MET C 240 -14.84 14.85 -0.10
N PHE C 241 -15.61 14.90 -1.19
CA PHE C 241 -15.04 15.01 -2.52
C PHE C 241 -14.96 16.45 -3.01
N SER C 242 -14.74 17.38 -2.08
CA SER C 242 -14.48 18.76 -2.44
C SER C 242 -13.11 18.83 -3.12
N LYS C 243 -12.54 20.02 -3.21
CA LYS C 243 -11.22 20.16 -3.82
C LYS C 243 -10.11 19.68 -2.88
N ARG C 244 -10.46 19.26 -1.68
CA ARG C 244 -9.49 18.70 -0.74
C ARG C 244 -8.90 17.39 -1.26
N MET C 245 -9.66 16.70 -2.12
CA MET C 245 -9.19 15.47 -2.76
C MET C 245 -8.46 15.79 -4.07
N ASP C 246 -8.79 16.93 -4.69
CA ASP C 246 -8.16 17.38 -5.92
C ASP C 246 -6.63 17.35 -5.85
N SER C 247 -6.06 17.76 -4.72
CA SER C 247 -4.61 17.83 -4.56
C SER C 247 -3.94 16.46 -4.70
N PHE C 248 -4.68 15.39 -4.39
CA PHE C 248 -4.20 14.03 -4.60
C PHE C 248 -4.30 13.64 -6.07
N LEU C 249 -5.48 13.84 -6.65
CA LEU C 249 -5.74 13.44 -8.03
C LEU C 249 -4.78 14.09 -9.02
N SER C 250 -4.45 15.36 -8.78
CA SER C 250 -3.56 16.08 -9.68
C SER C 250 -2.15 15.48 -9.66
N SER C 251 -1.75 14.94 -8.50
CA SER C 251 -0.44 14.31 -8.37
C SER C 251 -0.49 12.81 -8.66
N VAL C 252 -1.61 12.35 -9.22
CA VAL C 252 -1.69 11.02 -9.82
C VAL C 252 -1.66 11.14 -11.34
N ALA C 253 -2.36 12.14 -11.87
CA ALA C 253 -2.33 12.41 -13.30
C ALA C 253 -0.92 12.81 -13.75
N ASP C 254 -0.19 13.50 -12.87
CA ASP C 254 1.22 13.80 -13.11
C ASP C 254 2.04 12.51 -13.10
N MET C 255 1.80 11.69 -12.09
CA MET C 255 2.47 10.40 -11.98
C MET C 255 2.17 9.54 -13.19
N VAL C 256 0.97 9.67 -13.73
CA VAL C 256 0.58 8.90 -14.91
C VAL C 256 1.26 9.47 -16.14
N GLN C 257 1.40 10.80 -16.17
CA GLN C 257 2.07 11.45 -17.29
C GLN C 257 3.54 11.09 -17.34
N SER C 258 4.19 11.02 -16.18
CA SER C 258 5.61 10.69 -16.13
C SER C 258 5.87 9.27 -16.65
N ILE C 259 4.84 8.43 -16.59
CA ILE C 259 4.92 7.08 -17.15
C ILE C 259 4.74 7.14 -18.65
N GLN C 260 3.90 8.04 -19.14
CA GLN C 260 3.64 8.15 -20.57
C GLN C 260 4.90 8.60 -21.28
N VAL C 261 5.49 9.69 -20.81
CA VAL C 261 6.70 10.22 -21.43
C VAL C 261 7.82 9.19 -21.38
N GLU C 262 7.89 8.45 -20.28
CA GLU C 262 8.90 7.40 -20.10
C GLU C 262 8.64 6.23 -21.04
N LEU C 263 7.38 5.92 -21.30
CA LEU C 263 7.02 4.88 -22.25
C LEU C 263 7.48 5.27 -23.63
N GLU C 264 7.11 6.47 -24.05
CA GLU C 264 7.40 6.94 -25.40
C GLU C 264 8.89 6.88 -25.67
N ALA C 265 9.69 7.19 -24.66
CA ALA C 265 11.14 7.12 -24.78
C ALA C 265 11.60 5.68 -24.96
N GLU C 266 11.15 4.79 -24.09
CA GLU C 266 11.49 3.38 -24.18
C GLU C 266 10.97 2.78 -25.48
N ALA C 267 9.82 3.28 -25.94
CA ALA C 267 9.19 2.76 -27.14
C ALA C 267 10.04 3.10 -28.35
N GLU C 268 10.60 4.31 -28.34
CA GLU C 268 11.46 4.76 -29.42
C GLU C 268 12.69 3.86 -29.54
N LYS C 269 13.47 3.78 -28.46
CA LYS C 269 14.75 3.07 -28.52
C LYS C 269 14.58 1.58 -28.84
N MET C 270 13.39 1.06 -28.58
CA MET C 270 13.08 -0.30 -29.00
C MET C 270 12.86 -0.34 -30.51
N ARG C 271 12.26 0.71 -31.05
CA ARG C 271 12.01 0.78 -32.49
C ARG C 271 13.30 0.87 -33.30
N VAL C 272 14.25 1.66 -32.80
CA VAL C 272 15.52 1.79 -33.52
C VAL C 272 16.28 0.47 -33.49
N SER C 273 16.28 -0.17 -32.32
CA SER C 273 16.97 -1.44 -32.16
C SER C 273 16.39 -2.47 -33.13
N GLN C 274 15.07 -2.58 -33.15
CA GLN C 274 14.39 -3.51 -34.04
C GLN C 274 14.78 -3.31 -35.50
N GLN C 275 14.90 -2.06 -35.93
CA GLN C 275 15.27 -1.77 -37.31
C GLN C 275 16.77 -2.00 -37.58
N GLU C 276 17.59 -1.85 -36.55
CA GLU C 276 19.03 -2.10 -36.68
C GLU C 276 19.32 -3.58 -36.91
N LEU C 277 18.52 -4.44 -36.29
CA LEU C 277 18.71 -5.88 -36.40
C LEU C 277 18.17 -6.44 -37.73
N LEU C 278 17.31 -5.68 -38.40
CA LEU C 278 16.90 -6.02 -39.77
C LEU C 278 18.06 -5.87 -40.76
N SER C 279 19.03 -5.01 -40.42
CA SER C 279 20.14 -4.72 -41.31
C SER C 279 20.96 -5.96 -41.69
N VAL C 280 20.89 -6.98 -40.84
CA VAL C 280 21.63 -8.22 -41.03
C VAL C 280 21.27 -8.90 -42.35
N ASP C 281 22.29 -9.38 -43.08
CA ASP C 281 22.06 -10.06 -44.35
C ASP C 281 21.80 -11.55 -44.16
N GLU C 282 21.25 -12.17 -45.20
CA GLU C 282 20.76 -13.55 -45.14
C GLU C 282 21.78 -14.53 -44.53
N SER C 283 23.04 -14.33 -44.90
CA SER C 283 24.13 -15.19 -44.43
C SER C 283 24.07 -15.54 -42.94
N VAL C 284 23.65 -14.58 -42.12
CA VAL C 284 23.57 -14.78 -40.67
C VAL C 284 22.50 -15.81 -40.29
N TYR C 285 21.36 -15.75 -40.97
CA TYR C 285 20.26 -16.67 -40.68
C TYR C 285 20.47 -18.04 -41.32
N THR C 286 21.36 -18.13 -42.30
CA THR C 286 21.62 -19.38 -43.00
C THR C 286 22.39 -20.37 -42.12
N PRO C 287 21.87 -21.60 -41.96
CA PRO C 287 22.35 -22.50 -40.89
C PRO C 287 23.85 -22.79 -40.88
N ASP C 288 24.40 -23.28 -41.99
CA ASP C 288 25.80 -23.69 -42.03
C ASP C 288 26.57 -22.85 -43.05
N SER C 289 26.47 -21.53 -42.91
CA SER C 289 27.08 -20.59 -43.85
C SER C 289 28.59 -20.53 -43.67
N ASP C 290 29.04 -20.71 -42.44
CA ASP C 290 30.45 -20.59 -42.12
C ASP C 290 31.18 -21.93 -42.14
N VAL C 291 30.60 -22.93 -42.81
CA VAL C 291 31.11 -24.29 -42.75
C VAL C 291 32.57 -24.42 -43.19
N ALA C 292 32.94 -23.75 -44.28
CA ALA C 292 34.27 -23.92 -44.85
C ALA C 292 35.35 -23.18 -44.06
N ALA C 293 34.97 -22.08 -43.42
CA ALA C 293 35.89 -21.29 -42.61
C ALA C 293 35.24 -20.96 -41.27
N PRO C 294 34.98 -21.98 -40.44
CA PRO C 294 34.24 -21.82 -39.19
C PRO C 294 35.12 -21.38 -38.03
N GLN C 295 34.60 -20.47 -37.21
CA GLN C 295 35.32 -19.99 -36.04
C GLN C 295 34.80 -20.74 -34.83
N ILE C 296 35.47 -21.85 -34.53
CA ILE C 296 35.02 -22.77 -33.49
C ILE C 296 35.80 -22.50 -32.21
N ASN C 297 35.08 -22.39 -31.09
CA ASN C 297 35.75 -22.19 -29.80
C ASN C 297 35.95 -23.52 -29.08
N ARG C 298 37.21 -23.97 -29.06
CA ARG C 298 37.56 -25.31 -28.60
C ARG C 298 37.41 -25.55 -27.09
N ASN C 299 37.20 -24.48 -26.32
CA ASN C 299 37.10 -24.62 -24.87
C ASN C 299 36.11 -23.68 -24.21
N LEU C 300 34.93 -24.21 -23.90
CA LEU C 300 33.91 -23.47 -23.17
C LEU C 300 33.56 -24.18 -21.86
N ILE C 301 33.11 -23.38 -20.89
CA ILE C 301 32.64 -23.89 -19.62
C ILE C 301 31.11 -23.97 -19.63
N GLN C 302 30.48 -23.12 -20.44
CA GLN C 302 29.02 -23.11 -20.57
C GLN C 302 28.62 -23.19 -22.04
N LYS C 303 27.36 -23.50 -22.29
CA LYS C 303 26.87 -23.63 -23.67
C LYS C 303 25.36 -23.77 -23.68
N ALA C 304 24.72 -23.11 -24.64
CA ALA C 304 23.27 -23.23 -24.82
C ALA C 304 22.89 -23.13 -26.30
N GLY C 305 21.65 -23.52 -26.61
CA GLY C 305 21.16 -23.51 -27.98
C GLY C 305 20.19 -24.63 -28.25
N TYR C 306 19.64 -24.64 -29.46
CA TYR C 306 18.72 -25.69 -29.86
C TYR C 306 19.47 -26.91 -30.41
N LEU C 307 18.97 -28.10 -30.07
CA LEU C 307 19.45 -29.35 -30.65
C LEU C 307 18.27 -30.28 -30.88
N ASN C 308 18.45 -31.27 -31.74
CA ASN C 308 17.43 -32.28 -31.98
C ASN C 308 17.72 -33.54 -31.19
N LEU C 309 16.83 -33.89 -30.27
CA LEU C 309 17.02 -35.00 -29.36
C LEU C 309 16.33 -36.27 -29.84
N ARG C 310 17.13 -37.23 -30.30
CA ARG C 310 16.58 -38.51 -30.71
C ARG C 310 15.87 -39.17 -29.53
N ASN C 311 14.65 -39.64 -29.75
CA ASN C 311 13.81 -40.19 -28.69
C ASN C 311 13.36 -41.60 -29.07
N LYS C 312 13.22 -42.45 -28.06
CA LYS C 312 12.78 -43.83 -28.26
C LYS C 312 11.38 -43.98 -27.67
N THR C 313 10.39 -44.19 -28.54
CA THR C 313 8.99 -44.22 -28.13
C THR C 313 8.53 -45.62 -27.73
N GLY C 314 9.02 -46.12 -26.60
CA GLY C 314 8.67 -47.45 -26.14
C GLY C 314 9.34 -48.54 -26.96
N LEU C 315 10.52 -48.23 -27.50
CA LEU C 315 11.35 -49.18 -28.25
C LEU C 315 10.77 -49.50 -29.63
N VAL C 316 11.65 -49.89 -30.55
CA VAL C 316 11.31 -50.28 -31.93
C VAL C 316 11.22 -49.09 -32.89
N THR C 317 10.88 -47.91 -32.36
CA THR C 317 10.63 -46.74 -33.20
C THR C 317 11.40 -45.55 -32.64
N THR C 318 11.54 -44.50 -33.46
CA THR C 318 12.26 -43.30 -33.03
C THR C 318 11.72 -42.03 -33.66
N THR C 319 11.65 -40.99 -32.84
CA THR C 319 11.30 -39.65 -33.28
C THR C 319 12.29 -38.69 -32.67
N TRP C 320 12.58 -37.59 -33.35
CA TRP C 320 13.48 -36.57 -32.82
C TRP C 320 12.66 -35.35 -32.39
N GLU C 321 13.30 -34.48 -31.62
CA GLU C 321 12.60 -33.38 -30.97
C GLU C 321 13.52 -32.17 -30.86
N ARG C 322 13.16 -31.09 -31.56
CA ARG C 322 13.95 -29.87 -31.50
C ARG C 322 13.62 -29.11 -30.22
N LEU C 323 14.37 -29.40 -29.17
CA LEU C 323 14.20 -28.74 -27.89
C LEU C 323 15.39 -27.84 -27.60
N TYR C 324 15.26 -27.06 -26.53
CA TYR C 324 16.34 -26.19 -26.08
C TYR C 324 17.20 -26.93 -25.07
N PHE C 325 18.45 -26.49 -24.95
CA PHE C 325 19.37 -27.09 -23.97
C PHE C 325 20.36 -26.06 -23.47
N PHE C 326 20.78 -26.20 -22.23
CA PHE C 326 21.89 -25.42 -21.71
C PHE C 326 22.56 -26.12 -20.53
N THR C 327 23.77 -25.67 -20.20
CA THR C 327 24.60 -26.29 -19.18
C THR C 327 24.68 -25.35 -17.98
N GLN C 328 24.28 -25.84 -16.81
CA GLN C 328 24.27 -24.98 -15.61
C GLN C 328 25.26 -25.41 -14.54
N GLY C 329 24.92 -26.48 -13.80
CA GLY C 329 25.73 -26.91 -12.68
C GLY C 329 26.64 -28.07 -13.05
N GLY C 330 27.18 -28.03 -14.26
CA GLY C 330 27.91 -29.15 -14.81
C GLY C 330 27.00 -30.23 -15.35
N ASN C 331 25.71 -29.92 -15.48
CA ASN C 331 24.73 -30.87 -15.99
C ASN C 331 23.94 -30.23 -17.14
N LEU C 332 23.42 -31.08 -18.01
CA LEU C 332 22.65 -30.62 -19.15
C LEU C 332 21.21 -30.32 -18.74
N MET C 333 20.64 -29.27 -19.31
CA MET C 333 19.30 -28.82 -18.97
C MET C 333 18.46 -28.73 -20.23
N CYS C 334 17.16 -28.53 -20.10
CA CYS C 334 16.27 -28.50 -21.26
C CYS C 334 15.53 -27.17 -21.42
N GLN C 335 14.55 -26.92 -20.55
CA GLN C 335 13.72 -25.72 -20.67
C GLN C 335 12.99 -25.59 -22.02
N PRO C 336 11.84 -26.27 -22.16
CA PRO C 336 11.00 -26.04 -23.34
C PRO C 336 10.30 -24.68 -23.24
N ARG C 337 9.82 -24.15 -24.36
CA ARG C 337 9.20 -22.82 -24.37
C ARG C 337 8.09 -22.74 -23.34
N GLY C 338 7.92 -21.55 -22.76
CA GLY C 338 6.85 -21.32 -21.79
C GLY C 338 7.18 -21.71 -20.36
N ALA C 339 8.18 -22.56 -20.16
CA ALA C 339 8.57 -23.00 -18.83
C ALA C 339 9.60 -22.03 -18.26
N VAL C 340 9.81 -22.08 -16.95
CA VAL C 340 10.72 -21.13 -16.29
C VAL C 340 12.19 -21.56 -16.40
N ALA C 341 12.47 -22.84 -16.20
CA ALA C 341 13.84 -23.34 -16.28
C ALA C 341 13.87 -24.86 -16.33
N GLY C 342 14.96 -25.41 -16.85
CA GLY C 342 15.14 -26.86 -16.93
C GLY C 342 15.36 -27.45 -15.55
N GLY C 343 15.88 -28.68 -15.48
CA GLY C 343 16.25 -29.45 -16.65
C GLY C 343 16.61 -30.87 -16.23
N LEU C 344 15.70 -31.79 -16.50
CA LEU C 344 15.77 -33.14 -15.95
C LEU C 344 16.98 -33.95 -16.40
N ILE C 345 17.70 -33.48 -17.41
CA ILE C 345 18.70 -34.32 -18.08
C ILE C 345 19.97 -34.52 -17.24
N GLN C 346 20.64 -35.66 -17.45
CA GLN C 346 21.87 -36.02 -16.72
C GLN C 346 23.00 -35.08 -17.14
N ASP C 347 24.12 -35.04 -16.43
CA ASP C 347 24.42 -35.85 -15.23
C ASP C 347 24.88 -34.98 -14.07
N LEU C 348 26.04 -34.34 -14.25
CA LEU C 348 26.84 -33.67 -13.20
C LEU C 348 28.26 -34.24 -13.16
N ASP C 349 28.47 -35.28 -12.36
CA ASP C 349 29.82 -35.78 -12.06
C ASP C 349 30.66 -36.13 -13.28
N ASN C 350 30.05 -36.74 -14.30
CA ASN C 350 30.83 -37.25 -15.40
C ASN C 350 30.01 -37.67 -16.62
N CYS C 351 30.65 -37.61 -17.78
CA CYS C 351 30.08 -38.06 -19.04
C CYS C 351 31.22 -38.35 -20.01
N SER C 352 30.90 -38.64 -21.27
CA SER C 352 31.89 -38.80 -22.32
C SER C 352 31.22 -38.62 -23.68
N VAL C 353 31.70 -37.66 -24.47
CA VAL C 353 31.00 -37.24 -25.68
C VAL C 353 31.86 -37.39 -26.93
N MET C 354 31.23 -37.83 -28.03
CA MET C 354 31.92 -37.97 -29.30
C MET C 354 30.91 -38.00 -30.46
N ALA C 355 31.35 -37.51 -31.62
CA ALA C 355 30.51 -37.51 -32.80
C ALA C 355 30.10 -38.93 -33.15
N VAL C 356 28.98 -39.10 -33.82
CA VAL C 356 28.47 -40.43 -34.15
C VAL C 356 27.58 -40.41 -35.39
N ASP C 357 27.64 -41.49 -36.17
CA ASP C 357 26.75 -41.66 -37.31
C ASP C 357 25.44 -42.26 -36.84
N CYS C 358 24.33 -41.65 -37.24
CA CYS C 358 23.00 -42.09 -36.79
C CYS C 358 21.94 -41.71 -37.80
N GLU C 359 21.22 -42.71 -38.31
CA GLU C 359 20.16 -42.50 -39.29
C GLU C 359 20.64 -41.64 -40.47
N ASP C 360 21.92 -41.74 -40.81
CA ASP C 360 22.51 -40.95 -41.90
C ASP C 360 22.21 -39.47 -41.68
N ARG C 361 22.34 -39.04 -40.43
CA ARG C 361 22.06 -37.66 -40.05
C ARG C 361 23.35 -36.87 -39.93
N ARG C 362 23.29 -35.58 -40.25
CA ARG C 362 24.48 -34.74 -40.22
C ARG C 362 24.71 -34.14 -38.84
N TYR C 363 25.97 -34.04 -38.46
CA TYR C 363 26.38 -33.30 -37.27
C TYR C 363 25.73 -33.83 -36.00
N CYS C 364 25.65 -35.15 -35.88
CA CYS C 364 25.15 -35.77 -34.68
C CYS C 364 26.30 -36.10 -33.75
N PHE C 365 26.02 -36.09 -32.45
CA PHE C 365 26.99 -36.50 -31.46
C PHE C 365 26.23 -37.16 -30.32
N GLN C 366 26.96 -37.79 -29.40
CA GLN C 366 26.33 -38.58 -28.35
C GLN C 366 27.14 -38.60 -27.07
N ILE C 367 26.49 -38.27 -25.96
CA ILE C 367 27.11 -38.40 -24.65
C ILE C 367 26.84 -39.82 -24.15
N THR C 368 27.91 -40.56 -23.87
CA THR C 368 27.78 -41.87 -23.25
C THR C 368 27.81 -41.74 -21.74
N THR C 369 26.95 -42.52 -21.08
CA THR C 369 26.80 -42.48 -19.63
C THR C 369 28.14 -42.86 -18.97
N PRO C 370 28.35 -42.47 -17.70
CA PRO C 370 29.68 -42.82 -17.14
C PRO C 370 29.91 -44.32 -17.05
N ASN C 371 28.87 -45.08 -16.70
CA ASN C 371 28.96 -46.55 -16.67
C ASN C 371 29.57 -47.18 -17.91
N GLY C 372 29.50 -46.48 -19.04
CA GLY C 372 30.05 -46.97 -20.28
C GLY C 372 28.99 -47.66 -21.13
N LYS C 373 27.82 -47.92 -20.53
CA LYS C 373 26.70 -48.50 -21.26
C LYS C 373 26.11 -47.50 -22.27
N SER C 374 24.78 -47.47 -22.39
CA SER C 374 24.11 -46.54 -23.31
C SER C 374 24.43 -45.07 -23.09
N GLY C 375 23.86 -44.24 -23.97
CA GLY C 375 23.94 -42.79 -23.86
C GLY C 375 22.92 -42.17 -24.78
N ILE C 376 22.66 -40.87 -24.62
CA ILE C 376 21.68 -40.18 -25.46
C ILE C 376 22.34 -39.48 -26.64
N ILE C 377 21.56 -39.34 -27.72
CA ILE C 377 22.04 -38.75 -28.97
C ILE C 377 21.38 -37.39 -29.21
N LEU C 378 22.16 -36.46 -29.74
CA LEU C 378 21.70 -35.11 -30.04
C LEU C 378 22.25 -34.70 -31.41
N GLN C 379 21.73 -33.59 -31.95
CA GLN C 379 22.10 -33.15 -33.29
C GLN C 379 22.11 -31.62 -33.40
N ALA C 380 23.21 -31.09 -33.94
CA ALA C 380 23.35 -29.66 -34.18
C ALA C 380 23.22 -29.38 -35.68
N GLU C 381 23.31 -28.11 -36.04
CA GLU C 381 23.02 -27.68 -37.42
C GLU C 381 24.24 -27.27 -38.22
N SER C 382 25.25 -26.71 -37.56
CA SER C 382 26.44 -26.23 -38.25
C SER C 382 27.66 -27.00 -37.79
N ARG C 383 28.67 -27.06 -38.65
CA ARG C 383 29.96 -27.62 -38.27
C ARG C 383 30.40 -26.95 -36.98
N LYS C 384 30.29 -25.63 -36.96
CA LYS C 384 30.69 -24.83 -35.80
C LYS C 384 30.04 -25.34 -34.52
N GLU C 385 28.72 -25.53 -34.57
CA GLU C 385 27.97 -25.85 -33.37
C GLU C 385 28.24 -27.26 -32.88
N ASN C 386 28.43 -28.20 -33.81
CA ASN C 386 28.70 -29.58 -33.45
C ASN C 386 29.97 -29.67 -32.60
N GLU C 387 31.09 -29.23 -33.19
CA GLU C 387 32.35 -29.21 -32.46
C GLU C 387 32.21 -28.46 -31.13
N GLU C 388 31.66 -27.25 -31.19
CA GLU C 388 31.54 -26.42 -29.98
C GLU C 388 30.81 -27.15 -28.86
N TRP C 389 29.71 -27.82 -29.19
CA TRP C 389 28.95 -28.56 -28.19
C TRP C 389 29.78 -29.68 -27.59
N ILE C 390 30.32 -30.54 -28.47
CA ILE C 390 31.16 -31.66 -28.04
C ILE C 390 32.27 -31.19 -27.11
N CYS C 391 33.11 -30.31 -27.61
CA CYS C 391 34.21 -29.74 -26.82
C CYS C 391 33.72 -29.16 -25.49
N ALA C 392 32.64 -28.40 -25.54
CA ALA C 392 32.11 -27.74 -24.35
C ALA C 392 31.69 -28.72 -23.27
N ILE C 393 31.11 -29.84 -23.69
CA ILE C 393 30.67 -30.83 -22.71
C ILE C 393 31.90 -31.48 -22.12
N ASN C 394 32.75 -32.03 -22.97
CA ASN C 394 33.99 -32.67 -22.54
C ASN C 394 34.72 -31.85 -21.50
N ASN C 395 34.84 -30.56 -21.74
CA ASN C 395 35.52 -29.67 -20.82
C ASN C 395 34.82 -29.68 -19.46
N ILE C 396 33.50 -29.47 -19.49
CA ILE C 396 32.71 -29.48 -18.26
C ILE C 396 32.85 -30.81 -17.53
N SER C 397 32.87 -31.88 -18.31
CA SER C 397 32.87 -33.23 -17.76
C SER C 397 34.09 -33.48 -16.90
N ARG C 398 35.24 -32.96 -17.35
CA ARG C 398 36.49 -33.19 -16.63
C ARG C 398 36.81 -32.05 -15.67
N GLN C 399 35.79 -31.32 -15.23
CA GLN C 399 35.99 -30.28 -14.22
C GLN C 399 36.45 -30.92 -12.92
N ILE C 400 37.59 -30.45 -12.44
CA ILE C 400 38.30 -31.05 -11.31
C ILE C 400 37.76 -30.55 -9.96
N TYR C 401 37.66 -31.43 -8.95
CA TYR C 401 38.07 -32.84 -9.05
C TYR C 401 36.97 -33.70 -9.67
N ASP D 28 15.22 -7.06 -16.08
CA ASP D 28 13.82 -6.78 -15.82
C ASP D 28 13.04 -6.45 -17.11
N LYS D 29 13.69 -6.58 -18.26
CA LYS D 29 13.04 -6.33 -19.55
C LYS D 29 13.63 -7.30 -20.59
N LEU D 30 12.83 -7.67 -21.59
CA LEU D 30 13.33 -8.58 -22.62
C LEU D 30 14.21 -7.82 -23.62
N LEU D 31 15.42 -8.32 -23.80
CA LEU D 31 16.44 -7.65 -24.61
C LEU D 31 16.29 -8.02 -26.08
N LEU D 32 16.05 -7.01 -26.92
CA LEU D 32 15.84 -7.25 -28.35
C LEU D 32 17.05 -7.86 -29.07
N GLU D 33 18.23 -7.73 -28.47
CA GLU D 33 19.43 -8.34 -29.04
C GLU D 33 19.47 -9.84 -28.82
N GLU D 34 18.83 -10.29 -27.74
CA GLU D 34 18.75 -11.72 -27.43
C GLU D 34 17.80 -12.47 -28.35
N ALA D 35 16.71 -11.81 -28.75
CA ALA D 35 15.63 -12.42 -29.55
C ALA D 35 16.08 -13.52 -30.52
N LEU D 36 17.27 -13.34 -31.10
CA LEU D 36 17.89 -14.37 -31.93
C LEU D 36 19.39 -14.07 -31.93
N GLN D 37 20.24 -14.96 -31.42
CA GLN D 37 19.88 -16.30 -30.92
C GLN D 37 19.45 -16.27 -29.47
N ASP D 38 18.24 -16.76 -29.24
CA ASP D 38 17.58 -16.78 -27.93
C ASP D 38 18.45 -17.43 -26.86
N SER D 39 18.38 -16.91 -25.63
CA SER D 39 19.26 -17.37 -24.55
C SER D 39 18.63 -17.12 -23.19
N PRO D 40 18.72 -18.11 -22.27
CA PRO D 40 18.24 -17.81 -20.91
C PRO D 40 19.17 -16.78 -20.27
N GLN D 41 18.69 -15.97 -19.34
CA GLN D 41 17.37 -16.12 -18.75
C GLN D 41 16.29 -15.30 -19.47
N THR D 42 16.44 -15.11 -20.77
CA THR D 42 15.41 -14.46 -21.59
C THR D 42 14.24 -15.41 -21.86
N ARG D 43 14.55 -16.67 -22.15
CA ARG D 43 13.52 -17.69 -22.22
C ARG D 43 12.79 -17.75 -20.89
N SER D 44 13.56 -17.64 -19.81
CA SER D 44 12.99 -17.68 -18.48
C SER D 44 12.16 -16.43 -18.20
N LEU D 45 12.61 -15.28 -18.67
CA LEU D 45 11.91 -14.03 -18.39
C LEU D 45 10.62 -13.94 -19.17
N LEU D 46 10.65 -14.36 -20.44
CA LEU D 46 9.48 -14.32 -21.30
C LEU D 46 8.33 -15.07 -20.63
N SER D 47 8.60 -16.30 -20.22
CA SER D 47 7.57 -17.15 -19.61
C SER D 47 6.96 -16.51 -18.37
N VAL D 48 7.73 -15.69 -17.66
CA VAL D 48 7.19 -14.94 -16.52
C VAL D 48 6.24 -13.88 -17.04
N PHE D 49 6.70 -13.13 -18.03
CA PHE D 49 5.90 -12.07 -18.64
C PHE D 49 4.58 -12.59 -19.19
N GLU D 50 4.61 -13.79 -19.78
CA GLU D 50 3.40 -14.41 -20.33
C GLU D 50 2.45 -14.77 -19.21
N GLU D 51 2.98 -15.37 -18.15
CA GLU D 51 2.19 -15.81 -17.01
C GLU D 51 1.53 -14.61 -16.33
N ASP D 52 2.29 -13.53 -16.19
CA ASP D 52 1.77 -12.30 -15.60
C ASP D 52 0.74 -11.66 -16.53
N ALA D 53 1.05 -11.66 -17.83
CA ALA D 53 0.14 -11.09 -18.82
C ALA D 53 -1.20 -11.82 -18.78
N GLY D 54 -1.15 -13.13 -18.58
CA GLY D 54 -2.35 -13.93 -18.51
C GLY D 54 -3.22 -13.49 -17.35
N THR D 55 -2.64 -13.45 -16.15
CA THR D 55 -3.38 -13.07 -14.96
C THR D 55 -3.91 -11.64 -15.07
N LEU D 56 -3.24 -10.80 -15.85
CA LEU D 56 -3.69 -9.44 -16.06
C LEU D 56 -4.99 -9.43 -16.85
N THR D 57 -5.00 -10.10 -18.01
CA THR D 57 -6.20 -10.20 -18.84
C THR D 57 -7.38 -10.75 -18.06
N ASP D 58 -7.13 -11.63 -17.10
CA ASP D 58 -8.18 -12.17 -16.26
C ASP D 58 -8.72 -11.10 -15.33
N TYR D 59 -7.83 -10.27 -14.79
CA TYR D 59 -8.20 -9.25 -13.84
C TYR D 59 -8.89 -8.08 -14.51
N THR D 60 -8.34 -7.62 -15.63
CA THR D 60 -8.92 -6.51 -16.36
C THR D 60 -10.31 -6.88 -16.84
N ASN D 61 -10.58 -8.17 -16.99
CA ASN D 61 -11.93 -8.63 -17.31
C ASN D 61 -12.79 -8.60 -16.05
N GLN D 62 -12.24 -9.11 -14.96
CA GLN D 62 -12.96 -9.08 -13.68
C GLN D 62 -13.11 -7.65 -13.17
N LEU D 63 -12.30 -6.73 -13.69
CA LEU D 63 -12.38 -5.34 -13.29
C LEU D 63 -13.33 -4.61 -14.21
N LEU D 64 -13.26 -4.91 -15.50
CA LEU D 64 -14.16 -4.31 -16.47
C LEU D 64 -15.61 -4.59 -16.10
N GLN D 65 -15.91 -5.85 -15.82
CA GLN D 65 -17.25 -6.27 -15.43
C GLN D 65 -17.74 -5.42 -14.26
N ALA D 66 -17.00 -5.47 -13.16
CA ALA D 66 -17.38 -4.77 -11.94
C ALA D 66 -17.55 -3.27 -12.15
N MET D 67 -16.76 -2.73 -13.07
CA MET D 67 -16.77 -1.29 -13.34
C MET D 67 -18.02 -0.91 -14.13
N GLN D 68 -18.38 -1.76 -15.09
CA GLN D 68 -19.58 -1.54 -15.89
C GLN D 68 -20.83 -1.68 -15.02
N ARG D 69 -20.76 -2.57 -14.02
CA ARG D 69 -21.89 -2.74 -13.11
C ARG D 69 -22.22 -1.43 -12.41
N VAL D 70 -21.19 -0.66 -12.08
CA VAL D 70 -21.39 0.64 -11.45
C VAL D 70 -22.10 1.58 -12.42
N TYR D 71 -21.58 1.67 -13.65
CA TYR D 71 -22.20 2.49 -14.68
C TYR D 71 -23.66 2.08 -14.90
N GLY D 72 -23.91 0.78 -14.92
CA GLY D 72 -25.23 0.28 -15.19
C GLY D 72 -26.20 0.68 -14.09
N ALA D 73 -25.74 0.61 -12.85
CA ALA D 73 -26.57 0.97 -11.70
C ALA D 73 -26.79 2.49 -11.68
N GLN D 74 -25.87 3.23 -12.27
CA GLN D 74 -26.02 4.67 -12.41
C GLN D 74 -27.07 4.99 -13.45
N ASN D 75 -27.01 4.28 -14.58
CA ASN D 75 -27.97 4.47 -15.65
C ASN D 75 -29.37 4.06 -15.20
N GLU D 76 -29.46 2.97 -14.45
CA GLU D 76 -30.75 2.51 -13.93
C GLU D 76 -31.36 3.55 -13.01
N MET D 77 -30.53 4.36 -12.37
CA MET D 77 -31.04 5.44 -11.53
C MET D 77 -31.65 6.53 -12.39
N CYS D 78 -31.01 6.83 -13.52
CA CYS D 78 -31.54 7.85 -14.42
C CYS D 78 -32.95 7.52 -14.86
N LEU D 79 -33.23 6.24 -15.06
CA LEU D 79 -34.52 5.81 -15.57
C LEU D 79 -35.57 5.76 -14.47
N ALA D 80 -35.17 5.34 -13.28
CA ALA D 80 -36.09 5.24 -12.16
C ALA D 80 -36.58 6.62 -11.76
N THR D 81 -35.68 7.60 -11.76
CA THR D 81 -36.03 8.96 -11.42
C THR D 81 -36.90 9.57 -12.51
N GLN D 82 -36.54 9.29 -13.76
CA GLN D 82 -37.32 9.72 -14.91
C GLN D 82 -38.76 9.23 -14.80
N GLN D 83 -38.92 7.98 -14.36
CA GLN D 83 -40.24 7.38 -14.22
C GLN D 83 -40.98 7.98 -13.03
N LEU D 84 -40.24 8.23 -11.95
CA LEU D 84 -40.83 8.78 -10.73
C LEU D 84 -41.53 10.10 -11.00
N SER D 85 -40.78 11.07 -11.53
CA SER D 85 -41.33 12.39 -11.83
C SER D 85 -42.56 12.30 -12.71
N LYS D 86 -42.50 11.45 -13.73
CA LYS D 86 -43.64 11.26 -14.61
C LYS D 86 -44.85 10.76 -13.84
N GLN D 87 -44.61 9.93 -12.82
CA GLN D 87 -45.71 9.40 -12.02
C GLN D 87 -46.25 10.41 -11.01
N LEU D 88 -45.55 11.53 -10.81
CA LEU D 88 -46.11 12.66 -10.08
C LEU D 88 -47.00 13.48 -11.01
N LEU D 89 -46.59 13.59 -12.26
CA LEU D 89 -47.38 14.28 -13.28
C LEU D 89 -48.68 13.53 -13.53
N ALA D 90 -48.60 12.21 -13.56
CA ALA D 90 -49.78 11.38 -13.83
C ALA D 90 -50.90 11.60 -12.81
N TYR D 91 -50.56 12.15 -11.64
CA TYR D 91 -51.55 12.42 -10.59
C TYR D 91 -52.69 13.30 -11.10
N GLU D 92 -52.33 14.49 -11.55
CA GLU D 92 -53.29 15.47 -11.99
C GLU D 92 -54.12 14.94 -13.16
N LYS D 93 -53.51 14.07 -13.96
CA LYS D 93 -54.09 13.67 -15.24
C LYS D 93 -55.39 12.88 -15.14
N GLN D 94 -55.50 11.96 -14.19
CA GLN D 94 -56.76 11.25 -13.99
C GLN D 94 -57.77 12.20 -13.37
N ASN D 95 -57.29 12.95 -12.38
CA ASN D 95 -58.10 13.81 -11.52
C ASN D 95 -59.38 13.19 -10.97
N PHE D 96 -59.48 13.23 -9.65
CA PHE D 96 -60.65 12.71 -8.96
C PHE D 96 -61.59 13.93 -8.91
N ALA D 97 -62.91 13.79 -9.04
CA ALA D 97 -63.64 12.54 -9.24
C ALA D 97 -63.19 11.42 -8.30
N LEU D 98 -63.23 11.65 -6.99
CA LEU D 98 -63.84 12.80 -6.35
C LEU D 98 -62.89 13.24 -5.23
N GLY D 99 -62.90 14.51 -4.83
CA GLY D 99 -63.74 15.54 -5.38
C GLY D 99 -63.00 16.56 -6.19
N LYS D 100 -62.68 17.68 -5.54
CA LYS D 100 -62.12 18.81 -6.25
C LYS D 100 -60.98 19.41 -5.47
N GLY D 101 -60.04 20.00 -6.22
CA GLY D 101 -58.84 20.56 -5.64
C GLY D 101 -59.12 21.38 -4.39
N ASP D 102 -58.25 21.39 -3.39
CA ASP D 102 -57.00 20.62 -3.34
C ASP D 102 -56.10 20.79 -4.58
N GLU D 103 -56.25 21.91 -5.27
CA GLU D 103 -55.41 22.20 -6.43
C GLU D 103 -53.99 22.54 -5.98
N GLU D 104 -53.80 22.79 -4.69
CA GLU D 104 -52.49 23.12 -4.16
C GLU D 104 -51.55 21.91 -4.13
N VAL D 105 -52.04 20.78 -3.60
CA VAL D 105 -51.23 19.56 -3.56
C VAL D 105 -50.68 19.23 -4.94
N ILE D 106 -51.51 19.41 -5.96
CA ILE D 106 -51.16 19.04 -7.32
C ILE D 106 -49.94 19.84 -7.81
N SER D 107 -49.78 21.06 -7.32
CA SER D 107 -48.65 21.90 -7.73
C SER D 107 -47.38 21.62 -6.94
N THR D 108 -47.54 21.14 -5.71
CA THR D 108 -46.38 20.82 -4.87
C THR D 108 -45.85 19.42 -5.13
N LEU D 109 -46.65 18.57 -5.78
CA LEU D 109 -46.13 17.33 -6.32
C LEU D 109 -45.42 17.70 -7.62
N HIS D 110 -46.12 18.40 -8.49
CA HIS D 110 -45.55 18.90 -9.74
C HIS D 110 -44.20 19.54 -9.48
N TYR D 111 -44.12 20.30 -8.39
CA TYR D 111 -42.86 20.93 -7.99
C TYR D 111 -41.79 19.87 -7.72
N PHE D 112 -42.15 18.86 -6.93
CA PHE D 112 -41.24 17.76 -6.64
C PHE D 112 -40.85 16.98 -7.89
N SER D 113 -41.73 16.94 -8.89
CA SER D 113 -41.41 16.22 -10.12
C SER D 113 -40.33 16.98 -10.88
N LYS D 114 -40.36 18.30 -10.76
CA LYS D 114 -39.33 19.14 -11.36
C LYS D 114 -38.01 19.03 -10.58
N VAL D 115 -38.10 18.77 -9.28
CA VAL D 115 -36.91 18.54 -8.48
C VAL D 115 -36.24 17.24 -8.92
N VAL D 116 -37.04 16.19 -9.05
CA VAL D 116 -36.54 14.90 -9.52
C VAL D 116 -35.96 15.04 -10.93
N ASP D 117 -36.55 15.92 -11.73
CA ASP D 117 -36.06 16.19 -13.08
C ASP D 117 -34.67 16.79 -13.04
N GLU D 118 -34.45 17.76 -12.17
CA GLU D 118 -33.14 18.40 -12.02
C GLU D 118 -32.10 17.39 -11.57
N LEU D 119 -32.50 16.52 -10.64
CA LEU D 119 -31.62 15.48 -10.13
C LEU D 119 -31.26 14.47 -11.22
N ASN D 120 -32.20 14.21 -12.11
CA ASN D 120 -31.96 13.27 -13.22
C ASN D 120 -30.81 13.73 -14.10
N LEU D 121 -30.75 15.04 -14.37
CA LEU D 121 -29.70 15.58 -15.23
C LEU D 121 -28.31 15.40 -14.63
N LEU D 122 -28.23 15.37 -13.31
CA LEU D 122 -26.95 15.13 -12.64
C LEU D 122 -26.50 13.69 -12.83
N HIS D 123 -27.43 12.76 -12.64
CA HIS D 123 -27.14 11.33 -12.83
C HIS D 123 -26.79 11.03 -14.27
N THR D 124 -27.47 11.68 -15.19
CA THR D 124 -27.24 11.48 -16.62
C THR D 124 -25.88 12.03 -17.03
N GLU D 125 -25.65 13.31 -16.73
CA GLU D 125 -24.38 13.95 -17.05
C GLU D 125 -23.22 13.18 -16.42
N LEU D 126 -23.45 12.61 -15.24
CA LEU D 126 -22.42 11.80 -14.59
C LEU D 126 -22.22 10.49 -15.32
N ALA D 127 -23.30 9.81 -15.65
CA ALA D 127 -23.20 8.54 -16.35
C ALA D 127 -22.58 8.70 -17.73
N LYS D 128 -22.53 9.93 -18.25
CA LYS D 128 -21.78 10.21 -19.47
C LYS D 128 -20.29 10.17 -19.15
N GLN D 129 -19.91 10.75 -18.01
CA GLN D 129 -18.62 10.43 -17.42
C GLN D 129 -18.74 8.97 -17.03
N LEU D 130 -17.78 8.44 -16.28
CA LEU D 130 -17.77 7.01 -16.02
C LEU D 130 -17.74 6.27 -17.36
N ALA D 131 -18.88 6.22 -18.04
CA ALA D 131 -18.96 5.64 -19.38
C ALA D 131 -17.84 6.11 -20.31
N ASP D 132 -17.49 7.39 -20.22
CA ASP D 132 -16.46 7.96 -21.09
C ASP D 132 -15.07 7.96 -20.47
N THR D 133 -15.00 8.21 -19.17
CA THR D 133 -13.72 8.46 -18.51
C THR D 133 -13.30 7.36 -17.52
N MET D 134 -13.98 6.22 -17.55
CA MET D 134 -13.73 5.16 -16.59
C MET D 134 -13.95 3.78 -17.21
N VAL D 135 -15.15 3.53 -17.71
CA VAL D 135 -15.43 2.32 -18.46
C VAL D 135 -14.70 2.31 -19.79
N LEU D 136 -14.81 3.37 -20.56
CA LEU D 136 -14.22 3.37 -21.91
C LEU D 136 -12.72 3.05 -21.88
N PRO D 137 -11.92 3.79 -21.09
CA PRO D 137 -10.48 3.52 -21.06
C PRO D 137 -10.13 2.05 -20.90
N ILE D 138 -10.62 1.45 -19.82
CA ILE D 138 -10.34 0.06 -19.52
C ILE D 138 -10.86 -0.88 -20.60
N ILE D 139 -11.95 -0.51 -21.28
CA ILE D 139 -12.41 -1.30 -22.41
C ILE D 139 -11.34 -1.30 -23.49
N GLN D 140 -10.80 -0.13 -23.77
CA GLN D 140 -9.77 0.00 -24.79
C GLN D 140 -8.54 -0.81 -24.40
N PHE D 141 -8.20 -0.79 -23.12
CA PHE D 141 -7.04 -1.54 -22.64
C PHE D 141 -7.22 -3.02 -22.95
N ARG D 142 -8.36 -3.58 -22.58
CA ARG D 142 -8.61 -4.99 -22.80
C ARG D 142 -8.77 -5.32 -24.30
N GLU D 143 -9.30 -4.38 -25.06
CA GLU D 143 -9.65 -4.65 -26.46
C GLU D 143 -8.59 -4.23 -27.48
N LYS D 144 -7.62 -3.40 -27.06
CA LYS D 144 -6.60 -2.91 -27.98
C LYS D 144 -5.20 -3.26 -27.50
N ASP D 145 -4.88 -2.94 -26.25
CA ASP D 145 -3.55 -3.21 -25.72
C ASP D 145 -3.36 -4.70 -25.42
N LEU D 146 -4.14 -5.25 -24.50
CA LEU D 146 -4.05 -6.66 -24.16
C LEU D 146 -4.27 -7.56 -25.38
N THR D 147 -5.00 -7.05 -26.36
CA THR D 147 -5.23 -7.79 -27.59
C THR D 147 -3.95 -7.85 -28.42
N GLU D 148 -3.41 -6.68 -28.76
CA GLU D 148 -2.15 -6.54 -29.50
C GLU D 148 -1.15 -7.59 -29.03
N VAL D 149 -1.03 -7.72 -27.72
CA VAL D 149 -0.10 -8.66 -27.09
C VAL D 149 -0.43 -10.11 -27.41
N SER D 150 -1.70 -10.48 -27.25
CA SER D 150 -2.13 -11.83 -27.54
C SER D 150 -1.93 -12.17 -29.02
N THR D 151 -2.42 -11.28 -29.88
CA THR D 151 -2.30 -11.44 -31.33
C THR D 151 -0.84 -11.68 -31.74
N LEU D 152 0.08 -11.01 -31.06
CA LEU D 152 1.50 -11.15 -31.37
C LEU D 152 2.09 -12.45 -30.81
N LYS D 153 1.64 -12.86 -29.63
CA LYS D 153 2.09 -14.12 -29.05
C LYS D 153 1.75 -15.28 -29.97
N ASP D 154 0.51 -15.29 -30.46
CA ASP D 154 0.03 -16.34 -31.33
C ASP D 154 0.77 -16.32 -32.66
N LEU D 155 0.89 -15.11 -33.21
CA LEU D 155 1.56 -14.92 -34.49
C LEU D 155 3.04 -15.28 -34.39
N PHE D 156 3.61 -15.07 -33.22
CA PHE D 156 5.03 -15.35 -32.95
C PHE D 156 5.29 -16.85 -32.88
N GLY D 157 4.53 -17.53 -32.04
CA GLY D 157 4.59 -18.98 -31.97
C GLY D 157 4.24 -19.62 -33.31
N LEU D 158 3.41 -18.93 -34.10
CA LEU D 158 3.08 -19.42 -35.43
C LEU D 158 4.31 -19.40 -36.32
N ALA D 159 5.08 -18.32 -36.24
CA ALA D 159 6.30 -18.20 -37.03
C ALA D 159 7.34 -19.21 -36.56
N SER D 160 7.35 -19.47 -35.26
CA SER D 160 8.25 -20.46 -34.68
C SER D 160 8.00 -21.84 -35.27
N ASN D 161 6.73 -22.21 -35.39
CA ASN D 161 6.39 -23.52 -35.93
C ASN D 161 6.89 -23.70 -37.35
N GLU D 162 6.82 -22.63 -38.14
CA GLU D 162 7.24 -22.70 -39.53
C GLU D 162 8.73 -22.97 -39.58
N HIS D 163 9.46 -22.29 -38.72
CA HIS D 163 10.90 -22.51 -38.59
C HIS D 163 11.15 -23.97 -38.22
N ASP D 164 10.56 -24.38 -37.10
CA ASP D 164 10.72 -25.73 -36.57
C ASP D 164 10.52 -26.80 -37.64
N LEU D 165 9.66 -26.50 -38.62
CA LEU D 165 9.39 -27.44 -39.70
C LEU D 165 10.54 -27.46 -40.69
N SER D 166 10.87 -26.30 -41.26
CA SER D 166 11.96 -26.20 -42.20
C SER D 166 13.27 -26.63 -41.56
N MET D 167 13.34 -26.54 -40.24
CA MET D 167 14.55 -26.86 -39.52
C MET D 167 14.70 -28.37 -39.39
N ALA D 168 13.62 -29.04 -39.00
CA ALA D 168 13.60 -30.50 -38.95
C ALA D 168 13.54 -31.12 -40.35
N LYS D 169 13.44 -30.28 -41.38
CA LYS D 169 13.58 -30.72 -42.77
C LYS D 169 15.05 -30.65 -43.17
N TYR D 170 15.67 -29.51 -42.87
CA TYR D 170 17.10 -29.34 -43.06
C TYR D 170 17.88 -30.35 -42.24
N SER D 171 17.31 -30.76 -41.11
CA SER D 171 17.98 -31.69 -40.22
C SER D 171 18.19 -33.03 -40.91
N ARG D 172 17.15 -33.54 -41.54
CA ARG D 172 17.21 -34.87 -42.17
C ARG D 172 17.73 -34.84 -43.62
N LEU D 173 18.84 -34.13 -43.83
CA LEU D 173 19.54 -34.16 -45.09
C LEU D 173 20.55 -35.28 -45.01
N PRO D 174 20.89 -35.89 -46.15
CA PRO D 174 21.84 -37.01 -46.14
C PRO D 174 23.22 -36.59 -45.62
N LYS D 175 23.79 -37.39 -44.73
CA LYS D 175 25.15 -37.17 -44.26
C LYS D 175 26.14 -37.59 -45.33
N LYS D 176 25.83 -38.70 -46.00
CA LYS D 176 26.56 -39.10 -47.20
C LYS D 176 25.61 -39.82 -48.16
N LYS D 177 25.63 -39.50 -49.45
CA LYS D 177 26.38 -38.40 -50.06
C LYS D 177 25.46 -37.20 -50.22
N GLU D 178 25.94 -36.02 -49.82
CA GLU D 178 25.11 -34.82 -49.82
C GLU D 178 24.76 -34.36 -51.23
N ASN D 179 23.79 -33.45 -51.32
CA ASN D 179 23.44 -32.78 -52.56
C ASN D 179 23.59 -31.28 -52.35
N GLU D 180 24.52 -30.65 -53.06
CA GLU D 180 24.81 -29.24 -52.86
C GLU D 180 23.67 -28.33 -53.31
N LYS D 181 23.06 -28.66 -54.44
CA LYS D 181 21.94 -27.87 -54.95
C LYS D 181 20.77 -27.88 -53.97
N VAL D 182 20.56 -29.00 -53.28
CA VAL D 182 19.43 -29.14 -52.36
C VAL D 182 19.74 -28.56 -50.99
N LYS D 183 20.91 -28.86 -50.46
CA LYS D 183 21.30 -28.45 -49.11
C LYS D 183 21.24 -26.94 -48.96
N THR D 184 21.77 -26.23 -49.96
CA THR D 184 21.73 -24.78 -49.94
C THR D 184 20.30 -24.29 -50.19
N GLU D 185 19.62 -24.94 -51.12
CA GLU D 185 18.24 -24.59 -51.47
C GLU D 185 17.30 -24.72 -50.28
N VAL D 186 17.57 -25.69 -49.41
CA VAL D 186 16.78 -25.87 -48.19
C VAL D 186 17.26 -24.89 -47.14
N GLY D 187 18.57 -24.73 -47.03
CA GLY D 187 19.16 -23.79 -46.10
C GLY D 187 18.52 -22.42 -46.24
N LYS D 188 18.24 -22.03 -47.48
CA LYS D 188 17.58 -20.77 -47.74
C LYS D 188 16.20 -20.75 -47.10
N GLU D 189 15.42 -21.81 -47.35
CA GLU D 189 14.08 -21.93 -46.79
C GLU D 189 14.10 -21.77 -45.27
N VAL D 190 15.19 -22.23 -44.65
CA VAL D 190 15.34 -22.12 -43.21
C VAL D 190 15.73 -20.71 -42.82
N ALA D 191 16.61 -20.10 -43.60
CA ALA D 191 17.07 -18.74 -43.36
C ALA D 191 15.92 -17.75 -43.49
N ALA D 192 15.00 -18.05 -44.40
CA ALA D 192 13.83 -17.21 -44.59
C ALA D 192 12.92 -17.34 -43.38
N ALA D 193 12.61 -18.58 -43.03
CA ALA D 193 11.72 -18.86 -41.91
C ALA D 193 12.31 -18.38 -40.59
N ARG D 194 13.64 -18.28 -40.53
CA ARG D 194 14.32 -17.84 -39.31
C ARG D 194 14.26 -16.32 -39.17
N ARG D 195 14.37 -15.61 -40.29
CA ARG D 195 14.23 -14.16 -40.28
C ARG D 195 12.81 -13.82 -39.81
N LYS D 196 11.83 -14.48 -40.40
CA LYS D 196 10.44 -14.32 -39.98
C LYS D 196 10.29 -14.47 -38.46
N GLN D 197 10.88 -15.52 -37.90
CA GLN D 197 10.76 -15.75 -36.47
C GLN D 197 11.45 -14.66 -35.67
N HIS D 198 12.69 -14.36 -36.04
CA HIS D 198 13.47 -13.31 -35.40
C HIS D 198 12.70 -12.00 -35.40
N LEU D 199 11.96 -11.78 -36.48
CA LEU D 199 11.18 -10.56 -36.64
C LEU D 199 9.96 -10.57 -35.72
N SER D 200 9.19 -11.64 -35.80
CA SER D 200 7.98 -11.75 -34.99
C SER D 200 8.29 -11.74 -33.50
N SER D 201 9.51 -12.16 -33.15
CA SER D 201 9.94 -12.22 -31.76
C SER D 201 10.23 -10.81 -31.26
N LEU D 202 10.86 -10.00 -32.10
CA LEU D 202 11.16 -8.62 -31.74
C LEU D 202 9.90 -7.84 -31.42
N GLN D 203 8.89 -7.96 -32.28
CA GLN D 203 7.63 -7.24 -32.09
C GLN D 203 6.92 -7.71 -30.84
N TYR D 204 6.86 -9.02 -30.66
CA TYR D 204 6.20 -9.56 -29.48
C TYR D 204 6.90 -9.09 -28.22
N TYR D 205 8.23 -8.99 -28.27
CA TYR D 205 8.99 -8.57 -27.10
C TYR D 205 8.70 -7.10 -26.81
N CYS D 206 8.85 -6.25 -27.83
CA CYS D 206 8.54 -4.82 -27.73
C CYS D 206 7.20 -4.61 -27.04
N ALA D 207 6.20 -5.38 -27.47
CA ALA D 207 4.86 -5.25 -26.94
C ALA D 207 4.81 -5.52 -25.43
N LEU D 208 5.39 -6.65 -25.02
CA LEU D 208 5.37 -7.03 -23.61
C LEU D 208 6.10 -6.03 -22.73
N ASN D 209 7.21 -5.49 -23.24
CA ASN D 209 7.96 -4.48 -22.52
C ASN D 209 7.11 -3.23 -22.31
N ALA D 210 6.45 -2.79 -23.37
CA ALA D 210 5.56 -1.63 -23.30
C ALA D 210 4.38 -1.89 -22.35
N LEU D 211 3.88 -3.13 -22.35
CA LEU D 211 2.71 -3.49 -21.52
C LEU D 211 2.98 -3.25 -20.04
N GLN D 212 4.23 -3.38 -19.63
CA GLN D 212 4.59 -3.14 -18.24
C GLN D 212 4.21 -1.71 -17.86
N TYR D 213 4.28 -0.79 -18.82
CA TYR D 213 3.92 0.61 -18.60
C TYR D 213 2.41 0.85 -18.80
N ARG D 214 1.89 0.40 -19.94
CA ARG D 214 0.48 0.58 -20.28
C ARG D 214 -0.41 0.09 -19.14
N LYS D 215 0.03 -0.98 -18.48
CA LYS D 215 -0.63 -1.54 -17.31
C LYS D 215 -0.80 -0.52 -16.21
N GLN D 216 0.30 0.08 -15.80
CA GLN D 216 0.29 0.98 -14.65
C GLN D 216 -0.63 2.15 -14.95
N MET D 217 -0.56 2.69 -16.16
CA MET D 217 -1.40 3.80 -16.56
C MET D 217 -2.86 3.39 -16.64
N ALA D 218 -3.11 2.18 -17.13
CA ALA D 218 -4.46 1.71 -17.35
C ALA D 218 -5.23 1.42 -16.06
N MET D 219 -4.52 1.26 -14.94
CA MET D 219 -5.18 1.03 -13.66
C MET D 219 -5.42 2.33 -12.89
N MET D 220 -5.00 3.46 -13.44
CA MET D 220 -5.15 4.75 -12.78
C MET D 220 -6.03 5.73 -13.55
N GLU D 221 -5.76 5.89 -14.85
CA GLU D 221 -6.55 6.78 -15.70
C GLU D 221 -8.06 6.55 -15.61
N PRO D 222 -8.50 5.27 -15.67
CA PRO D 222 -9.94 5.04 -15.59
C PRO D 222 -10.54 5.55 -14.29
N MET D 223 -9.75 5.50 -13.23
CA MET D 223 -10.25 5.76 -11.89
C MET D 223 -10.24 7.25 -11.53
N ILE D 224 -9.41 8.03 -12.20
CA ILE D 224 -9.43 9.48 -12.01
C ILE D 224 -10.74 10.04 -12.53
N GLY D 225 -11.10 9.63 -13.75
CA GLY D 225 -12.33 10.06 -14.37
C GLY D 225 -13.53 9.81 -13.49
N PHE D 226 -13.51 8.69 -12.79
CA PHE D 226 -14.57 8.34 -11.83
C PHE D 226 -14.70 9.42 -10.75
N ALA D 227 -13.57 9.80 -10.17
CA ALA D 227 -13.57 10.84 -9.15
C ALA D 227 -14.12 12.16 -9.69
N HIS D 228 -13.63 12.57 -10.85
CA HIS D 228 -14.05 13.82 -11.47
C HIS D 228 -15.56 13.83 -11.69
N GLY D 229 -16.09 12.69 -12.11
CA GLY D 229 -17.53 12.55 -12.27
C GLY D 229 -18.23 12.78 -10.95
N GLN D 230 -17.71 12.17 -9.89
CA GLN D 230 -18.30 12.30 -8.57
C GLN D 230 -18.06 13.69 -7.98
N ILE D 231 -17.00 14.36 -8.42
CA ILE D 231 -16.72 15.70 -7.90
C ILE D 231 -17.76 16.69 -8.42
N ASN D 232 -17.92 16.75 -9.74
CA ASN D 232 -18.89 17.67 -10.34
C ASN D 232 -20.32 17.33 -9.94
N PHE D 233 -20.59 16.04 -9.72
CA PHE D 233 -21.92 15.57 -9.39
C PHE D 233 -22.31 15.96 -7.95
N PHE D 234 -21.39 15.77 -7.02
CA PHE D 234 -21.63 16.21 -5.64
C PHE D 234 -21.53 17.73 -5.55
N LYS D 235 -20.77 18.35 -6.45
CA LYS D 235 -20.66 19.81 -6.48
C LYS D 235 -21.98 20.44 -6.88
N LYS D 236 -22.34 20.30 -8.16
CA LYS D 236 -23.57 20.88 -8.70
C LYS D 236 -24.78 20.39 -7.93
N GLY D 237 -24.69 19.18 -7.38
CA GLY D 237 -25.78 18.59 -6.63
C GLY D 237 -26.02 19.22 -5.27
N ALA D 238 -24.98 19.33 -4.46
CA ALA D 238 -25.11 19.88 -3.11
C ALA D 238 -25.54 21.34 -3.11
N GLU D 239 -25.38 22.02 -4.24
CA GLU D 239 -25.80 23.42 -4.36
C GLU D 239 -27.32 23.53 -4.44
N MET D 240 -27.92 22.76 -5.36
CA MET D 240 -29.36 22.79 -5.53
C MET D 240 -30.07 22.13 -4.34
N PHE D 241 -29.35 21.32 -3.59
CA PHE D 241 -29.91 20.59 -2.46
C PHE D 241 -29.28 21.08 -1.15
N SER D 242 -29.50 22.36 -0.86
CA SER D 242 -28.88 23.00 0.31
C SER D 242 -29.94 23.70 1.17
N LYS D 243 -29.51 24.67 1.98
CA LYS D 243 -30.42 25.40 2.85
C LYS D 243 -31.45 26.20 2.05
N ARG D 244 -31.16 26.41 0.77
CA ARG D 244 -32.08 27.07 -0.15
C ARG D 244 -33.42 26.32 -0.25
N MET D 245 -33.35 25.06 -0.66
CA MET D 245 -34.55 24.23 -0.74
C MET D 245 -35.14 23.99 0.66
N ASP D 246 -34.30 24.05 1.68
CA ASP D 246 -34.72 23.74 3.05
C ASP D 246 -35.91 24.61 3.52
N SER D 247 -35.85 25.90 3.25
CA SER D 247 -36.92 26.81 3.68
C SER D 247 -38.25 26.39 3.08
N PHE D 248 -38.21 25.87 1.85
CA PHE D 248 -39.41 25.34 1.21
C PHE D 248 -39.91 24.09 1.92
N LEU D 249 -38.99 23.16 2.19
CA LEU D 249 -39.35 21.89 2.82
C LEU D 249 -40.01 22.10 4.19
N SER D 250 -39.45 23.00 4.99
CA SER D 250 -40.01 23.31 6.29
C SER D 250 -41.44 23.83 6.18
N SER D 251 -41.78 24.43 5.03
CA SER D 251 -43.13 24.93 4.81
C SER D 251 -44.12 23.83 4.43
N VAL D 252 -43.62 22.74 3.86
CA VAL D 252 -44.48 21.62 3.48
C VAL D 252 -44.68 20.73 4.71
N ALA D 253 -43.66 20.63 5.55
CA ALA D 253 -43.78 19.94 6.82
C ALA D 253 -44.89 20.59 7.62
N ASP D 254 -44.91 21.93 7.61
CA ASP D 254 -45.96 22.69 8.27
C ASP D 254 -47.31 22.44 7.60
N MET D 255 -47.32 22.43 6.27
CA MET D 255 -48.55 22.20 5.51
C MET D 255 -49.15 20.82 5.81
N VAL D 256 -48.29 19.85 6.12
CA VAL D 256 -48.77 18.51 6.47
C VAL D 256 -49.31 18.50 7.89
N GLN D 257 -48.65 19.22 8.79
CA GLN D 257 -49.07 19.26 10.19
C GLN D 257 -50.46 19.87 10.32
N SER D 258 -50.76 20.89 9.53
CA SER D 258 -52.06 21.53 9.57
C SER D 258 -53.16 20.55 9.16
N ILE D 259 -52.83 19.60 8.29
CA ILE D 259 -53.78 18.59 7.87
C ILE D 259 -53.94 17.59 9.00
N GLN D 260 -52.83 17.30 9.68
CA GLN D 260 -52.86 16.33 10.77
C GLN D 260 -53.78 16.79 11.90
N VAL D 261 -53.55 17.99 12.43
CA VAL D 261 -54.32 18.45 13.58
C VAL D 261 -55.80 18.59 13.23
N GLU D 262 -56.07 19.04 12.00
CA GLU D 262 -57.44 19.19 11.52
C GLU D 262 -58.13 17.84 11.38
N LEU D 263 -57.38 16.85 10.89
CA LEU D 263 -57.88 15.48 10.81
C LEU D 263 -58.18 14.93 12.20
N GLU D 264 -57.18 14.94 13.06
CA GLU D 264 -57.31 14.46 14.43
C GLU D 264 -58.52 15.06 15.11
N ALA D 265 -58.75 16.34 14.86
CA ALA D 265 -59.91 17.02 15.42
C ALA D 265 -61.19 16.38 14.92
N GLU D 266 -61.31 16.23 13.60
CA GLU D 266 -62.49 15.62 12.99
C GLU D 266 -62.71 14.19 13.51
N ALA D 267 -61.66 13.37 13.38
CA ALA D 267 -61.68 11.99 13.84
C ALA D 267 -62.38 11.86 15.20
N GLU D 268 -62.03 12.75 16.13
CA GLU D 268 -62.66 12.74 17.44
C GLU D 268 -64.09 13.24 17.36
N LYS D 269 -64.32 14.31 16.60
CA LYS D 269 -65.65 14.88 16.45
C LYS D 269 -66.64 13.81 15.98
N MET D 270 -66.15 12.89 15.15
CA MET D 270 -67.01 11.87 14.55
C MET D 270 -67.03 10.56 15.35
N ARG D 271 -66.01 10.33 16.16
CA ARG D 271 -66.10 9.29 17.18
C ARG D 271 -67.23 9.69 18.12
N VAL D 272 -67.33 10.99 18.37
CA VAL D 272 -68.36 11.55 19.24
C VAL D 272 -69.73 11.52 18.55
N SER D 273 -69.76 11.82 17.25
CA SER D 273 -71.01 11.71 16.50
C SER D 273 -71.53 10.30 16.60
N GLN D 274 -70.72 9.36 16.12
CA GLN D 274 -71.08 7.94 16.10
C GLN D 274 -71.61 7.48 17.45
N GLN D 275 -70.86 7.74 18.52
CA GLN D 275 -71.28 7.43 19.88
C GLN D 275 -72.75 7.73 20.09
N GLU D 276 -73.14 8.98 19.83
CA GLU D 276 -74.51 9.44 20.08
C GLU D 276 -75.54 8.63 19.30
N LEU D 277 -75.28 8.41 18.02
CA LEU D 277 -76.30 7.91 17.11
C LEU D 277 -76.63 6.42 17.28
N LEU D 278 -75.85 5.71 18.10
CA LEU D 278 -76.15 4.31 18.41
C LEU D 278 -76.72 4.14 19.82
N SER D 279 -76.66 5.19 20.62
CA SER D 279 -77.14 5.12 22.00
C SER D 279 -78.66 5.03 22.11
N VAL D 280 -79.36 5.41 21.04
CA VAL D 280 -80.82 5.44 21.05
C VAL D 280 -81.38 4.02 21.20
N ASP D 281 -82.57 3.93 21.78
CA ASP D 281 -83.21 2.64 22.07
C ASP D 281 -83.36 1.74 20.85
N GLU D 282 -83.53 0.45 21.08
CA GLU D 282 -83.81 -0.50 20.00
C GLU D 282 -85.23 -0.27 19.45
N SER D 283 -86.05 0.47 20.20
CA SER D 283 -87.39 0.84 19.74
C SER D 283 -87.36 1.57 18.39
N VAL D 284 -86.23 2.20 18.07
CA VAL D 284 -86.09 2.93 16.81
C VAL D 284 -85.77 1.99 15.65
N TYR D 285 -85.09 0.88 15.95
CA TYR D 285 -84.71 -0.07 14.94
C TYR D 285 -85.85 -1.03 14.62
N THR D 286 -86.71 -1.29 15.60
CA THR D 286 -87.91 -2.10 15.38
C THR D 286 -89.06 -1.21 14.90
N PRO D 287 -89.82 -1.68 13.89
CA PRO D 287 -90.89 -0.84 13.35
C PRO D 287 -92.25 -0.95 14.04
N ASP D 288 -92.59 -2.11 14.60
CA ASP D 288 -93.94 -2.32 15.13
C ASP D 288 -94.23 -1.65 16.48
N SER D 289 -93.22 -0.99 17.06
CA SER D 289 -93.37 -0.41 18.40
C SER D 289 -94.41 0.71 18.42
N ASP D 290 -94.09 1.81 17.74
CA ASP D 290 -94.89 3.04 17.75
C ASP D 290 -96.40 2.85 17.97
N VAL D 291 -97.10 2.24 17.02
CA VAL D 291 -98.56 2.02 17.09
C VAL D 291 -99.12 1.98 18.49
N ALA D 292 -100.19 2.74 18.70
CA ALA D 292 -100.75 3.09 20.00
C ALA D 292 -100.08 4.34 20.59
N ALA D 293 -98.94 4.74 20.01
CA ALA D 293 -98.30 6.00 20.37
C ALA D 293 -98.63 7.16 19.44
N PRO D 294 -98.44 6.99 18.11
CA PRO D 294 -98.42 8.18 17.24
C PRO D 294 -99.69 9.01 17.41
N GLN D 295 -99.62 10.34 17.56
CA GLN D 295 -98.46 11.19 17.27
C GLN D 295 -97.90 10.98 15.86
N ILE D 296 -98.76 11.25 14.88
CA ILE D 296 -98.30 11.40 13.51
C ILE D 296 -99.10 12.50 12.82
N ASN D 297 -98.41 13.37 12.11
CA ASN D 297 -99.02 14.58 11.58
C ASN D 297 -100.07 14.25 10.54
N ARG D 298 -101.31 14.62 10.84
CA ARG D 298 -102.46 14.28 10.02
C ARG D 298 -102.34 14.80 8.59
N ASN D 299 -101.58 15.88 8.40
CA ASN D 299 -101.45 16.49 7.08
C ASN D 299 -100.04 16.90 6.71
N LEU D 300 -99.47 16.19 5.74
CA LEU D 300 -98.18 16.55 5.19
C LEU D 300 -98.35 17.05 3.77
N ILE D 301 -97.28 17.64 3.25
CA ILE D 301 -97.16 17.97 1.84
C ILE D 301 -95.71 17.69 1.48
N GLN D 302 -95.47 17.25 0.25
CA GLN D 302 -94.15 16.74 -0.17
C GLN D 302 -93.42 15.89 0.89
N LYS D 303 -93.74 14.59 0.92
CA LYS D 303 -93.11 13.65 1.85
C LYS D 303 -92.29 12.57 1.12
N ALA D 304 -91.31 11.98 1.82
CA ALA D 304 -90.40 10.98 1.24
C ALA D 304 -90.05 9.83 2.21
N GLY D 305 -89.80 8.65 1.67
CA GLY D 305 -89.45 7.47 2.46
C GLY D 305 -89.31 6.17 1.66
N TYR D 306 -89.26 5.04 2.35
CA TYR D 306 -89.09 3.72 1.72
C TYR D 306 -90.36 2.89 1.77
N LEU D 307 -90.82 2.46 0.59
CA LEU D 307 -91.97 1.57 0.50
C LEU D 307 -91.62 0.34 -0.33
N ASN D 308 -92.55 -0.61 -0.38
CA ASN D 308 -92.44 -1.78 -1.24
C ASN D 308 -93.46 -1.71 -2.38
N LEU D 309 -92.98 -1.58 -3.61
CA LEU D 309 -93.84 -1.52 -4.78
C LEU D 309 -94.27 -2.90 -5.22
N ARG D 310 -95.49 -3.00 -5.76
CA ARG D 310 -95.99 -4.26 -6.28
C ARG D 310 -95.82 -4.31 -7.80
N ASN D 311 -95.28 -5.40 -8.30
CA ASN D 311 -95.06 -5.58 -9.73
C ASN D 311 -95.94 -6.66 -10.31
N LYS D 312 -96.60 -6.36 -11.42
CA LYS D 312 -97.33 -7.37 -12.17
C LYS D 312 -96.32 -8.07 -13.10
N THR D 313 -95.54 -8.98 -12.53
CA THR D 313 -94.49 -9.68 -13.28
C THR D 313 -95.05 -10.62 -14.35
N GLY D 314 -96.36 -10.73 -14.41
CA GLY D 314 -97.01 -11.51 -15.45
C GLY D 314 -98.43 -11.75 -15.01
N LEU D 315 -99.14 -12.62 -15.73
CA LEU D 315 -100.47 -13.00 -15.32
C LEU D 315 -100.33 -13.73 -13.98
N VAL D 316 -101.00 -13.21 -12.96
CA VAL D 316 -101.02 -13.81 -11.61
C VAL D 316 -99.75 -13.57 -10.77
N THR D 317 -98.57 -13.86 -11.33
CA THR D 317 -97.33 -13.74 -10.57
C THR D 317 -96.98 -12.29 -10.26
N THR D 318 -96.42 -12.06 -9.08
CA THR D 318 -96.00 -10.73 -8.66
C THR D 318 -94.75 -10.75 -7.77
N THR D 319 -94.11 -9.60 -7.67
CA THR D 319 -92.95 -9.41 -6.80
C THR D 319 -93.01 -8.05 -6.13
N TRP D 320 -92.42 -7.95 -4.94
CA TRP D 320 -92.48 -6.71 -4.15
C TRP D 320 -91.09 -6.11 -3.92
N GLU D 321 -90.81 -5.02 -4.62
CA GLU D 321 -89.48 -4.40 -4.62
C GLU D 321 -89.40 -3.19 -3.68
N ARG D 322 -88.28 -3.08 -2.97
CA ARG D 322 -88.06 -1.97 -2.02
C ARG D 322 -87.50 -0.76 -2.75
N LEU D 323 -88.36 0.23 -3.01
CA LEU D 323 -87.94 1.45 -3.68
C LEU D 323 -88.22 2.68 -2.82
N TYR D 324 -87.37 3.69 -2.97
CA TYR D 324 -87.51 4.93 -2.21
C TYR D 324 -88.42 5.87 -2.98
N PHE D 325 -89.48 6.37 -2.34
CA PHE D 325 -90.40 7.29 -2.99
C PHE D 325 -90.42 8.69 -2.38
N PHE D 326 -90.66 9.68 -3.23
CA PHE D 326 -90.80 11.06 -2.80
C PHE D 326 -91.56 11.87 -3.84
N THR D 327 -91.83 13.14 -3.53
CA THR D 327 -92.69 13.98 -4.37
C THR D 327 -92.09 15.38 -4.60
N GLN D 328 -91.71 15.67 -5.84
CA GLN D 328 -91.07 16.95 -6.17
C GLN D 328 -92.09 18.00 -6.62
N GLY D 329 -93.21 17.56 -7.18
CA GLY D 329 -94.24 18.49 -7.62
C GLY D 329 -95.63 17.97 -7.32
N GLY D 330 -95.78 17.35 -6.15
CA GLY D 330 -97.03 16.72 -5.78
C GLY D 330 -97.31 15.49 -6.61
N ASN D 331 -96.26 14.84 -7.11
CA ASN D 331 -96.37 13.59 -7.87
C ASN D 331 -95.23 12.65 -7.53
N LEU D 332 -95.55 11.38 -7.30
CA LEU D 332 -94.57 10.42 -6.79
C LEU D 332 -93.42 10.13 -7.74
N MET D 333 -92.26 9.86 -7.16
CA MET D 333 -91.03 9.59 -7.89
C MET D 333 -90.49 8.26 -7.42
N CYS D 334 -89.92 7.47 -8.34
CA CYS D 334 -89.59 6.08 -8.05
C CYS D 334 -88.23 5.91 -7.37
N GLN D 335 -87.21 6.64 -7.84
CA GLN D 335 -85.85 6.62 -7.27
C GLN D 335 -85.41 5.28 -6.69
N PRO D 336 -85.11 4.29 -7.56
CA PRO D 336 -84.61 3.01 -7.06
C PRO D 336 -83.21 3.19 -6.50
N ARG D 337 -82.93 2.62 -5.33
CA ARG D 337 -81.61 2.72 -4.73
C ARG D 337 -80.57 2.11 -5.67
N GLY D 338 -79.46 2.81 -5.83
CA GLY D 338 -78.38 2.33 -6.67
C GLY D 338 -78.34 2.95 -8.06
N ALA D 339 -79.15 3.98 -8.29
CA ALA D 339 -79.15 4.66 -9.58
C ALA D 339 -79.79 6.04 -9.48
N VAL D 340 -79.03 7.07 -9.83
CA VAL D 340 -79.59 8.43 -9.86
C VAL D 340 -80.67 8.56 -10.94
N ALA D 341 -81.90 8.83 -10.50
CA ALA D 341 -83.03 8.98 -11.41
C ALA D 341 -84.25 9.47 -10.64
N GLY D 342 -85.14 10.16 -11.35
CA GLY D 342 -86.38 10.59 -10.75
C GLY D 342 -87.37 9.45 -10.72
N GLY D 343 -87.76 8.98 -11.91
CA GLY D 343 -88.78 7.96 -12.03
C GLY D 343 -90.16 8.57 -11.99
N LEU D 344 -91.10 7.92 -12.67
CA LEU D 344 -92.47 8.43 -12.80
C LEU D 344 -93.42 7.41 -12.16
N ILE D 345 -94.38 7.89 -11.39
CA ILE D 345 -95.35 7.00 -10.73
C ILE D 345 -96.83 7.34 -10.97
N GLN D 346 -97.11 8.54 -11.49
CA GLN D 346 -98.47 9.10 -11.71
C GLN D 346 -98.79 10.16 -10.64
N ASP D 347 -99.93 10.06 -9.95
CA ASP D 347 -100.39 11.08 -9.01
C ASP D 347 -100.46 12.47 -9.64
N LEU D 348 -101.51 12.70 -10.43
CA LEU D 348 -101.82 14.04 -10.90
C LEU D 348 -103.34 14.19 -10.95
N ASP D 349 -103.85 15.36 -10.58
CA ASP D 349 -105.26 15.67 -10.67
C ASP D 349 -106.13 14.85 -9.70
N ASN D 350 -106.05 15.21 -8.42
CA ASN D 350 -106.99 14.71 -7.41
C ASN D 350 -106.98 13.18 -7.23
N CYS D 351 -105.84 12.56 -7.43
CA CYS D 351 -105.70 11.13 -7.12
C CYS D 351 -105.92 10.91 -5.63
N SER D 352 -106.64 9.85 -5.27
CA SER D 352 -106.89 9.51 -3.88
C SER D 352 -106.39 8.11 -3.58
N VAL D 353 -106.30 7.79 -2.29
CA VAL D 353 -105.70 6.54 -1.82
C VAL D 353 -106.45 5.99 -0.61
N MET D 354 -106.42 4.67 -0.48
CA MET D 354 -107.06 3.99 0.64
C MET D 354 -106.17 2.85 1.11
N ALA D 355 -106.32 2.45 2.37
CA ALA D 355 -105.71 1.22 2.84
C ALA D 355 -106.42 0.05 2.15
N VAL D 356 -105.73 -1.07 1.96
CA VAL D 356 -106.31 -2.21 1.26
C VAL D 356 -105.59 -3.52 1.52
N ASP D 357 -106.37 -4.58 1.77
CA ASP D 357 -105.82 -5.91 1.92
C ASP D 357 -105.33 -6.42 0.57
N CYS D 358 -104.16 -7.04 0.56
CA CYS D 358 -103.60 -7.54 -0.69
C CYS D 358 -102.56 -8.62 -0.42
N GLU D 359 -102.78 -9.82 -0.96
CA GLU D 359 -101.90 -10.97 -0.69
C GLU D 359 -101.69 -11.18 0.80
N ASP D 360 -102.70 -10.78 1.59
CA ASP D 360 -102.61 -10.85 3.05
C ASP D 360 -101.38 -10.13 3.60
N ARG D 361 -100.75 -9.27 2.79
CA ARG D 361 -99.61 -8.51 3.24
C ARG D 361 -100.13 -7.50 4.25
N ARG D 362 -99.21 -6.80 4.92
CA ARG D 362 -99.56 -5.89 5.98
C ARG D 362 -99.30 -4.43 5.64
N TYR D 363 -100.23 -3.58 6.07
CA TYR D 363 -100.04 -2.13 6.07
C TYR D 363 -99.83 -1.58 4.65
N CYS D 364 -100.47 -2.21 3.67
CA CYS D 364 -100.38 -1.75 2.29
C CYS D 364 -101.61 -0.96 1.87
N PHE D 365 -101.39 0.02 1.00
CA PHE D 365 -102.46 0.89 0.51
C PHE D 365 -102.37 1.02 -1.01
N GLN D 366 -103.41 1.58 -1.64
CA GLN D 366 -103.46 1.66 -3.09
C GLN D 366 -104.10 2.95 -3.59
N ILE D 367 -103.45 3.58 -4.57
CA ILE D 367 -103.93 4.84 -5.14
C ILE D 367 -104.75 4.54 -6.38
N THR D 368 -105.47 5.55 -6.86
CA THR D 368 -106.40 5.38 -7.98
C THR D 368 -106.35 6.59 -8.93
N THR D 369 -106.10 6.31 -10.21
CA THR D 369 -105.99 7.36 -11.22
C THR D 369 -107.35 8.07 -11.35
N PRO D 370 -107.35 9.34 -11.80
CA PRO D 370 -108.63 10.01 -12.05
C PRO D 370 -109.54 9.23 -12.99
N ASN D 371 -108.97 8.61 -14.01
CA ASN D 371 -109.72 7.79 -14.96
C ASN D 371 -110.54 6.67 -14.31
N GLY D 372 -110.20 6.29 -13.08
CA GLY D 372 -110.91 5.26 -12.36
C GLY D 372 -110.15 3.94 -12.32
N LYS D 373 -109.12 3.79 -13.15
CA LYS D 373 -108.34 2.56 -13.22
C LYS D 373 -107.82 2.15 -11.84
N SER D 374 -107.48 0.88 -11.70
CA SER D 374 -106.99 0.32 -10.43
C SER D 374 -105.92 1.20 -9.80
N GLY D 375 -104.73 1.25 -10.43
CA GLY D 375 -103.66 2.09 -9.96
C GLY D 375 -102.56 1.34 -9.23
N ILE D 376 -101.72 2.11 -8.54
CA ILE D 376 -100.51 1.59 -7.91
C ILE D 376 -100.78 1.19 -6.47
N ILE D 377 -100.20 0.06 -6.04
CA ILE D 377 -100.37 -0.42 -4.67
C ILE D 377 -99.02 -0.61 -4.00
N LEU D 378 -98.90 -0.10 -2.77
CA LEU D 378 -97.63 0.01 -2.07
C LEU D 378 -97.76 -0.54 -0.66
N GLN D 379 -96.63 -0.92 -0.06
CA GLN D 379 -96.63 -1.49 1.30
C GLN D 379 -95.72 -0.75 2.25
N ALA D 380 -96.27 -0.42 3.42
CA ALA D 380 -95.56 0.34 4.44
C ALA D 380 -94.94 -0.57 5.51
N GLU D 381 -94.28 0.06 6.47
CA GLU D 381 -93.52 -0.67 7.48
C GLU D 381 -94.24 -0.65 8.84
N SER D 382 -94.65 0.54 9.28
CA SER D 382 -95.38 0.69 10.53
C SER D 382 -96.65 1.48 10.28
N ARG D 383 -97.60 1.44 11.22
CA ARG D 383 -98.84 2.19 11.05
C ARG D 383 -98.55 3.68 10.96
N LYS D 384 -97.61 4.13 11.78
CA LYS D 384 -97.19 5.53 11.76
C LYS D 384 -96.87 5.95 10.34
N GLU D 385 -96.10 5.14 9.63
CA GLU D 385 -95.80 5.41 8.23
C GLU D 385 -97.06 5.29 7.37
N ASN D 386 -97.63 4.09 7.34
CA ASN D 386 -98.84 3.80 6.57
C ASN D 386 -99.85 4.95 6.56
N GLU D 387 -100.33 5.31 7.75
CA GLU D 387 -101.35 6.33 7.88
C GLU D 387 -100.83 7.67 7.37
N GLU D 388 -99.57 7.97 7.70
CA GLU D 388 -98.94 9.22 7.29
C GLU D 388 -98.93 9.36 5.78
N TRP D 389 -98.71 8.25 5.07
CA TRP D 389 -98.65 8.27 3.62
C TRP D 389 -100.03 8.51 3.01
N ILE D 390 -101.01 7.74 3.47
CA ILE D 390 -102.36 7.81 2.94
C ILE D 390 -102.87 9.23 3.04
N CYS D 391 -102.80 9.80 4.24
CA CYS D 391 -103.26 11.16 4.48
C CYS D 391 -102.46 12.15 3.64
N ALA D 392 -101.14 12.00 3.63
CA ALA D 392 -100.26 12.91 2.90
C ALA D 392 -100.49 12.90 1.40
N ILE D 393 -101.04 11.81 0.87
CA ILE D 393 -101.33 11.71 -0.55
C ILE D 393 -102.58 12.51 -0.87
N ASN D 394 -103.68 12.13 -0.24
CA ASN D 394 -104.97 12.78 -0.43
C ASN D 394 -104.84 14.29 -0.40
N ASN D 395 -104.06 14.77 0.56
CA ASN D 395 -103.83 16.19 0.75
C ASN D 395 -103.19 16.86 -0.46
N ILE D 396 -102.11 16.27 -0.95
CA ILE D 396 -101.41 16.80 -2.12
C ILE D 396 -102.37 16.96 -3.30
N SER D 397 -103.32 16.04 -3.41
CA SER D 397 -104.22 16.01 -4.55
C SER D 397 -105.45 16.92 -4.40
N ARG D 398 -105.79 17.28 -3.16
CA ARG D 398 -106.97 18.10 -2.88
C ARG D 398 -107.03 19.40 -3.68
N GLN D 399 -105.87 19.93 -4.09
CA GLN D 399 -105.82 21.22 -4.75
C GLN D 399 -106.42 21.22 -6.15
N ILE D 400 -107.09 22.33 -6.49
CA ILE D 400 -107.70 22.52 -7.80
C ILE D 400 -106.97 23.67 -8.51
#